data_4GKG
# 
_entry.id   4GKG 
# 
_audit_conform.dict_name       mmcif_pdbx.dic 
_audit_conform.dict_version    5.389 
_audit_conform.dict_location   http://mmcif.pdb.org/dictionaries/ascii/mmcif_pdbx.dic 
# 
loop_
_database_2.database_id 
_database_2.database_code 
_database_2.pdbx_database_accession 
_database_2.pdbx_DOI 
PDB   4GKG         pdb_00004gkg 10.2210/pdb4gkg/pdb 
RCSB  RCSB074295   ?            ?                   
WWPDB D_1000074295 ?            ?                   
# 
loop_
_pdbx_audit_revision_history.ordinal 
_pdbx_audit_revision_history.data_content_type 
_pdbx_audit_revision_history.major_revision 
_pdbx_audit_revision_history.minor_revision 
_pdbx_audit_revision_history.revision_date 
1 'Structure model' 1 0 2013-08-28 
2 'Structure model' 1 1 2024-02-28 
3 'Structure model' 1 2 2024-03-13 
4 'Structure model' 1 3 2024-04-03 
# 
_pdbx_audit_revision_details.ordinal             1 
_pdbx_audit_revision_details.revision_ordinal    1 
_pdbx_audit_revision_details.data_content_type   'Structure model' 
_pdbx_audit_revision_details.provider            repository 
_pdbx_audit_revision_details.type                'Initial release' 
_pdbx_audit_revision_details.description         ? 
_pdbx_audit_revision_details.details             ? 
# 
loop_
_pdbx_audit_revision_group.ordinal 
_pdbx_audit_revision_group.revision_ordinal 
_pdbx_audit_revision_group.data_content_type 
_pdbx_audit_revision_group.group 
1 2 'Structure model' 'Data collection'        
2 2 'Structure model' 'Database references'    
3 2 'Structure model' 'Derived calculations'   
4 3 'Structure model' 'Source and taxonomy'    
5 4 'Structure model' 'Refinement description' 
# 
loop_
_pdbx_audit_revision_category.ordinal 
_pdbx_audit_revision_category.revision_ordinal 
_pdbx_audit_revision_category.data_content_type 
_pdbx_audit_revision_category.category 
1 2 'Structure model' chem_comp_atom                
2 2 'Structure model' chem_comp_bond                
3 2 'Structure model' database_2                    
4 2 'Structure model' struct_ref_seq_dif            
5 2 'Structure model' struct_site                   
6 3 'Structure model' entity_src_gen                
7 4 'Structure model' pdbx_initial_refinement_model 
# 
loop_
_pdbx_audit_revision_item.ordinal 
_pdbx_audit_revision_item.revision_ordinal 
_pdbx_audit_revision_item.data_content_type 
_pdbx_audit_revision_item.item 
1 2 'Structure model' '_database_2.pdbx_DOI'                
2 2 'Structure model' '_database_2.pdbx_database_accession' 
3 2 'Structure model' '_struct_ref_seq_dif.details'         
4 2 'Structure model' '_struct_site.pdbx_auth_asym_id'      
5 2 'Structure model' '_struct_site.pdbx_auth_comp_id'      
6 2 'Structure model' '_struct_site.pdbx_auth_seq_id'       
# 
_pdbx_database_status.status_code                     REL 
_pdbx_database_status.entry_id                        4GKG 
_pdbx_database_status.recvd_initial_deposition_date   2012-08-11 
_pdbx_database_status.deposit_site                    RCSB 
_pdbx_database_status.process_site                    RCSB 
_pdbx_database_status.status_code_sf                  REL 
_pdbx_database_status.status_code_mr                  ? 
_pdbx_database_status.SG_entry                        ? 
_pdbx_database_status.status_code_cs                  ? 
_pdbx_database_status.methods_development_category    ? 
_pdbx_database_status.pdb_format_compatible           Y 
_pdbx_database_status.status_code_nmr_data            ? 
# 
loop_
_audit_author.name 
_audit_author.pdbx_ordinal 
'Liu, J.W.'   1 
'Lu, D.'      2 
'Sun, Y.J.'   3 
'Wen, J.'     4 
'Yang, Y.'    5 
'Yang, J.G.'  6 
'Wei, X.L.'   7 
'Zhang, X.D.' 8 
'Wang, Y.P.'  9 
# 
_citation.id                        primary 
_citation.title                     'Crystal structure of the S-Helix Linker' 
_citation.journal_abbrev            'To be Published' 
_citation.journal_volume            ? 
_citation.page_first                ? 
_citation.page_last                 ? 
_citation.year                      ? 
_citation.journal_id_ASTM           ? 
_citation.country                   ? 
_citation.journal_id_ISSN           ? 
_citation.journal_id_CSD            0353 
_citation.book_publisher            ? 
_citation.pdbx_database_id_PubMed   ? 
_citation.pdbx_database_id_DOI      ? 
# 
loop_
_citation_author.citation_id 
_citation_author.name 
_citation_author.ordinal 
_citation_author.identifier_ORCID 
primary 'Liu, J.W.'   1 ? 
primary 'Lu, D.'      2 ? 
primary 'Sun, Y.J.'   3 ? 
primary 'Wen, J.'     4 ? 
primary 'Yang, Y.'    5 ? 
primary 'Yang, J.G.'  6 ? 
primary 'Wei, X.L.'   7 ? 
primary 'Zhang, X.D.' 8 ? 
primary 'Wang, Y.P.'  9 ? 
# 
loop_
_entity.id 
_entity.type 
_entity.src_method 
_entity.pdbx_description 
_entity.formula_weight 
_entity.pdbx_number_of_molecules 
_entity.pdbx_ec 
_entity.pdbx_mutation 
_entity.pdbx_fragment 
_entity.details 
1 polymer     man 'C4-dicarboxylate transport sensor protein dctB' 7776.606 2  2.7.13.3 ? 'cytoplasmic linker' ? 
2 non-polymer syn 'PHOSPHATE ION'                                  94.971   3  ?        ? ?                    ? 
3 water       nat water                                            18.015   74 ?        ? ?                    ? 
# 
_entity_poly.entity_id                      1 
_entity_poly.type                           'polypeptide(L)' 
_entity_poly.nstd_linkage                   no 
_entity_poly.nstd_monomer                   no 
_entity_poly.pdbx_seq_one_letter_code       MGSSHHHHHHSSGLVPRGSHMEERLARNALEASVEERTRDLRMARDRLETEIADHRQTTEKLQAVQQ 
_entity_poly.pdbx_seq_one_letter_code_can   MGSSHHHHHHSSGLVPRGSHMEERLARNALEASVEERTRDLRMARDRLETEIADHRQTTEKLQAVQQ 
_entity_poly.pdbx_strand_id                 A,F 
_entity_poly.pdbx_target_identifier         ? 
# 
loop_
_pdbx_entity_nonpoly.entity_id 
_pdbx_entity_nonpoly.name 
_pdbx_entity_nonpoly.comp_id 
2 'PHOSPHATE ION' PO4 
3 water           HOH 
# 
loop_
_entity_poly_seq.entity_id 
_entity_poly_seq.num 
_entity_poly_seq.mon_id 
_entity_poly_seq.hetero 
1 1  MET n 
1 2  GLY n 
1 3  SER n 
1 4  SER n 
1 5  HIS n 
1 6  HIS n 
1 7  HIS n 
1 8  HIS n 
1 9  HIS n 
1 10 HIS n 
1 11 SER n 
1 12 SER n 
1 13 GLY n 
1 14 LEU n 
1 15 VAL n 
1 16 PRO n 
1 17 ARG n 
1 18 GLY n 
1 19 SER n 
1 20 HIS n 
1 21 MET n 
1 22 GLU n 
1 23 GLU n 
1 24 ARG n 
1 25 LEU n 
1 26 ALA n 
1 27 ARG n 
1 28 ASN n 
1 29 ALA n 
1 30 LEU n 
1 31 GLU n 
1 32 ALA n 
1 33 SER n 
1 34 VAL n 
1 35 GLU n 
1 36 GLU n 
1 37 ARG n 
1 38 THR n 
1 39 ARG n 
1 40 ASP n 
1 41 LEU n 
1 42 ARG n 
1 43 MET n 
1 44 ALA n 
1 45 ARG n 
1 46 ASP n 
1 47 ARG n 
1 48 LEU n 
1 49 GLU n 
1 50 THR n 
1 51 GLU n 
1 52 ILE n 
1 53 ALA n 
1 54 ASP n 
1 55 HIS n 
1 56 ARG n 
1 57 GLN n 
1 58 THR n 
1 59 THR n 
1 60 GLU n 
1 61 LYS n 
1 62 LEU n 
1 63 GLN n 
1 64 ALA n 
1 65 VAL n 
1 66 GLN n 
1 67 GLN n 
# 
_entity_src_gen.entity_id                          1 
_entity_src_gen.pdbx_src_id                        1 
_entity_src_gen.pdbx_alt_source_flag               sample 
_entity_src_gen.pdbx_seq_type                      ? 
_entity_src_gen.pdbx_beg_seq_num                   ? 
_entity_src_gen.pdbx_end_seq_num                   ? 
_entity_src_gen.gene_src_common_name               'Ensifer meliloti' 
_entity_src_gen.gene_src_genus                     ? 
_entity_src_gen.pdbx_gene_src_gene                 'dctB, RB1524, SMb20612' 
_entity_src_gen.gene_src_species                   ? 
_entity_src_gen.gene_src_strain                    1021 
_entity_src_gen.gene_src_tissue                    ? 
_entity_src_gen.gene_src_tissue_fraction           ? 
_entity_src_gen.gene_src_details                   ? 
_entity_src_gen.pdbx_gene_src_fragment             ? 
_entity_src_gen.pdbx_gene_src_scientific_name      'Sinorhizobium meliloti' 
_entity_src_gen.pdbx_gene_src_ncbi_taxonomy_id     266834 
_entity_src_gen.pdbx_gene_src_variant              ? 
_entity_src_gen.pdbx_gene_src_cell_line            ? 
_entity_src_gen.pdbx_gene_src_atcc                 ? 
_entity_src_gen.pdbx_gene_src_organ                ? 
_entity_src_gen.pdbx_gene_src_organelle            ? 
_entity_src_gen.pdbx_gene_src_cell                 ? 
_entity_src_gen.pdbx_gene_src_cellular_location    ? 
_entity_src_gen.host_org_common_name               ? 
_entity_src_gen.pdbx_host_org_scientific_name      'Escherichia coli' 
_entity_src_gen.pdbx_host_org_ncbi_taxonomy_id     469008 
_entity_src_gen.host_org_genus                     ? 
_entity_src_gen.pdbx_host_org_gene                 ? 
_entity_src_gen.pdbx_host_org_organ                ? 
_entity_src_gen.host_org_species                   ? 
_entity_src_gen.pdbx_host_org_tissue               ? 
_entity_src_gen.pdbx_host_org_tissue_fraction      ? 
_entity_src_gen.pdbx_host_org_strain               'BL21(DE3)' 
_entity_src_gen.pdbx_host_org_variant              ? 
_entity_src_gen.pdbx_host_org_cell_line            ? 
_entity_src_gen.pdbx_host_org_atcc                 ? 
_entity_src_gen.pdbx_host_org_culture_collection   ? 
_entity_src_gen.pdbx_host_org_cell                 ? 
_entity_src_gen.pdbx_host_org_organelle            ? 
_entity_src_gen.pdbx_host_org_cellular_location    ? 
_entity_src_gen.pdbx_host_org_vector_type          pET28a 
_entity_src_gen.pdbx_host_org_vector               ? 
_entity_src_gen.host_org_details                   ? 
_entity_src_gen.expression_system_id               ? 
_entity_src_gen.plasmid_name                       pET28a-S-Helix 
_entity_src_gen.plasmid_details                    ? 
_entity_src_gen.pdbx_description                   ? 
# 
loop_
_chem_comp.id 
_chem_comp.type 
_chem_comp.mon_nstd_flag 
_chem_comp.name 
_chem_comp.pdbx_synonyms 
_chem_comp.formula 
_chem_comp.formula_weight 
ALA 'L-peptide linking' y ALANINE         ? 'C3 H7 N O2'     89.093  
ARG 'L-peptide linking' y ARGININE        ? 'C6 H15 N4 O2 1' 175.209 
ASN 'L-peptide linking' y ASPARAGINE      ? 'C4 H8 N2 O3'    132.118 
ASP 'L-peptide linking' y 'ASPARTIC ACID' ? 'C4 H7 N O4'     133.103 
GLN 'L-peptide linking' y GLUTAMINE       ? 'C5 H10 N2 O3'   146.144 
GLU 'L-peptide linking' y 'GLUTAMIC ACID' ? 'C5 H9 N O4'     147.129 
GLY 'peptide linking'   y GLYCINE         ? 'C2 H5 N O2'     75.067  
HIS 'L-peptide linking' y HISTIDINE       ? 'C6 H10 N3 O2 1' 156.162 
HOH non-polymer         . WATER           ? 'H2 O'           18.015  
ILE 'L-peptide linking' y ISOLEUCINE      ? 'C6 H13 N O2'    131.173 
LEU 'L-peptide linking' y LEUCINE         ? 'C6 H13 N O2'    131.173 
LYS 'L-peptide linking' y LYSINE          ? 'C6 H15 N2 O2 1' 147.195 
MET 'L-peptide linking' y METHIONINE      ? 'C5 H11 N O2 S'  149.211 
PO4 non-polymer         . 'PHOSPHATE ION' ? 'O4 P -3'        94.971  
PRO 'L-peptide linking' y PROLINE         ? 'C5 H9 N O2'     115.130 
SER 'L-peptide linking' y SERINE          ? 'C3 H7 N O3'     105.093 
THR 'L-peptide linking' y THREONINE       ? 'C4 H9 N O3'     119.119 
VAL 'L-peptide linking' y VALINE          ? 'C5 H11 N O2'    117.146 
# 
loop_
_pdbx_poly_seq_scheme.asym_id 
_pdbx_poly_seq_scheme.entity_id 
_pdbx_poly_seq_scheme.seq_id 
_pdbx_poly_seq_scheme.mon_id 
_pdbx_poly_seq_scheme.ndb_seq_num 
_pdbx_poly_seq_scheme.pdb_seq_num 
_pdbx_poly_seq_scheme.auth_seq_num 
_pdbx_poly_seq_scheme.pdb_mon_id 
_pdbx_poly_seq_scheme.auth_mon_id 
_pdbx_poly_seq_scheme.pdb_strand_id 
_pdbx_poly_seq_scheme.pdb_ins_code 
_pdbx_poly_seq_scheme.hetero 
A 1 1  MET 1  329 ?   ?   ?   A . n 
A 1 2  GLY 2  330 ?   ?   ?   A . n 
A 1 3  SER 3  331 ?   ?   ?   A . n 
A 1 4  SER 4  332 ?   ?   ?   A . n 
A 1 5  HIS 5  333 ?   ?   ?   A . n 
A 1 6  HIS 6  334 ?   ?   ?   A . n 
A 1 7  HIS 7  335 ?   ?   ?   A . n 
A 1 8  HIS 8  336 ?   ?   ?   A . n 
A 1 9  HIS 9  337 ?   ?   ?   A . n 
A 1 10 HIS 10 338 ?   ?   ?   A . n 
A 1 11 SER 11 339 ?   ?   ?   A . n 
A 1 12 SER 12 340 ?   ?   ?   A . n 
A 1 13 GLY 13 341 ?   ?   ?   A . n 
A 1 14 LEU 14 342 ?   ?   ?   A . n 
A 1 15 VAL 15 343 ?   ?   ?   A . n 
A 1 16 PRO 16 344 344 PRO PRO A . n 
A 1 17 ARG 17 345 345 ARG ARG A . n 
A 1 18 GLY 18 346 346 GLY GLY A . n 
A 1 19 SER 19 347 347 SER SER A . n 
A 1 20 HIS 20 348 348 HIS HIS A . n 
A 1 21 MET 21 349 349 MET MET A . n 
A 1 22 GLU 22 350 350 GLU GLU A . n 
A 1 23 GLU 23 351 351 GLU GLU A . n 
A 1 24 ARG 24 352 352 ARG ARG A . n 
A 1 25 LEU 25 353 353 LEU LEU A . n 
A 1 26 ALA 26 354 354 ALA ALA A . n 
A 1 27 ARG 27 355 355 ARG ARG A . n 
A 1 28 ASN 28 356 356 ASN ASN A . n 
A 1 29 ALA 29 357 357 ALA ALA A . n 
A 1 30 LEU 30 358 358 LEU LEU A . n 
A 1 31 GLU 31 359 359 GLU GLU A . n 
A 1 32 ALA 32 360 360 ALA ALA A . n 
A 1 33 SER 33 361 361 SER SER A . n 
A 1 34 VAL 34 362 362 VAL VAL A . n 
A 1 35 GLU 35 363 363 GLU GLU A . n 
A 1 36 GLU 36 364 364 GLU GLU A . n 
A 1 37 ARG 37 365 365 ARG ARG A . n 
A 1 38 THR 38 366 366 THR THR A . n 
A 1 39 ARG 39 367 367 ARG ARG A . n 
A 1 40 ASP 40 368 368 ASP ASP A . n 
A 1 41 LEU 41 369 369 LEU LEU A . n 
A 1 42 ARG 42 370 370 ARG ARG A . n 
A 1 43 MET 43 371 371 MET MET A . n 
A 1 44 ALA 44 372 372 ALA ALA A . n 
A 1 45 ARG 45 373 373 ARG ARG A . n 
A 1 46 ASP 46 374 374 ASP ASP A . n 
A 1 47 ARG 47 375 375 ARG ARG A . n 
A 1 48 LEU 48 376 376 LEU LEU A . n 
A 1 49 GLU 49 377 377 GLU GLU A . n 
A 1 50 THR 50 378 378 THR THR A . n 
A 1 51 GLU 51 379 379 GLU GLU A . n 
A 1 52 ILE 52 380 380 ILE ILE A . n 
A 1 53 ALA 53 381 381 ALA ALA A . n 
A 1 54 ASP 54 382 382 ASP ASP A . n 
A 1 55 HIS 55 383 383 HIS HIS A . n 
A 1 56 ARG 56 384 384 ARG ARG A . n 
A 1 57 GLN 57 385 385 GLN GLN A . n 
A 1 58 THR 58 386 386 THR THR A . n 
A 1 59 THR 59 387 387 THR THR A . n 
A 1 60 GLU 60 388 388 GLU GLU A . n 
A 1 61 LYS 61 389 389 LYS LYS A . n 
A 1 62 LEU 62 390 390 LEU LEU A . n 
A 1 63 GLN 63 391 391 GLN GLN A . n 
A 1 64 ALA 64 392 392 ALA ALA A . n 
A 1 65 VAL 65 393 393 VAL VAL A . n 
A 1 66 GLN 66 394 394 GLN GLN A . n 
A 1 67 GLN 67 395 395 GLN GLN A . n 
B 1 1  MET 1  329 ?   ?   ?   F . n 
B 1 2  GLY 2  330 ?   ?   ?   F . n 
B 1 3  SER 3  331 ?   ?   ?   F . n 
B 1 4  SER 4  332 ?   ?   ?   F . n 
B 1 5  HIS 5  333 ?   ?   ?   F . n 
B 1 6  HIS 6  334 ?   ?   ?   F . n 
B 1 7  HIS 7  335 ?   ?   ?   F . n 
B 1 8  HIS 8  336 ?   ?   ?   F . n 
B 1 9  HIS 9  337 ?   ?   ?   F . n 
B 1 10 HIS 10 338 ?   ?   ?   F . n 
B 1 11 SER 11 339 ?   ?   ?   F . n 
B 1 12 SER 12 340 ?   ?   ?   F . n 
B 1 13 GLY 13 341 ?   ?   ?   F . n 
B 1 14 LEU 14 342 ?   ?   ?   F . n 
B 1 15 VAL 15 343 ?   ?   ?   F . n 
B 1 16 PRO 16 344 ?   ?   ?   F . n 
B 1 17 ARG 17 345 ?   ?   ?   F . n 
B 1 18 GLY 18 346 ?   ?   ?   F . n 
B 1 19 SER 19 347 ?   ?   ?   F . n 
B 1 20 HIS 20 348 ?   ?   ?   F . n 
B 1 21 MET 21 349 349 MET MET F . n 
B 1 22 GLU 22 350 350 GLU GLU F . n 
B 1 23 GLU 23 351 351 GLU GLU F . n 
B 1 24 ARG 24 352 352 ARG ARG F . n 
B 1 25 LEU 25 353 353 LEU LEU F . n 
B 1 26 ALA 26 354 354 ALA ALA F . n 
B 1 27 ARG 27 355 355 ARG ARG F . n 
B 1 28 ASN 28 356 356 ASN ASN F . n 
B 1 29 ALA 29 357 357 ALA ALA F . n 
B 1 30 LEU 30 358 358 LEU LEU F . n 
B 1 31 GLU 31 359 359 GLU GLU F . n 
B 1 32 ALA 32 360 360 ALA ALA F . n 
B 1 33 SER 33 361 361 SER SER F . n 
B 1 34 VAL 34 362 362 VAL VAL F . n 
B 1 35 GLU 35 363 363 GLU GLU F . n 
B 1 36 GLU 36 364 364 GLU GLU F . n 
B 1 37 ARG 37 365 365 ARG ARG F . n 
B 1 38 THR 38 366 366 THR THR F . n 
B 1 39 ARG 39 367 367 ARG ARG F . n 
B 1 40 ASP 40 368 368 ASP ASP F . n 
B 1 41 LEU 41 369 369 LEU LEU F . n 
B 1 42 ARG 42 370 370 ARG ARG F . n 
B 1 43 MET 43 371 371 MET MET F . n 
B 1 44 ALA 44 372 372 ALA ALA F . n 
B 1 45 ARG 45 373 373 ARG ARG F . n 
B 1 46 ASP 46 374 374 ASP ASP F . n 
B 1 47 ARG 47 375 375 ARG ARG F . n 
B 1 48 LEU 48 376 376 LEU LEU F . n 
B 1 49 GLU 49 377 377 GLU GLU F . n 
B 1 50 THR 50 378 378 THR THR F . n 
B 1 51 GLU 51 379 379 GLU GLU F . n 
B 1 52 ILE 52 380 380 ILE ILE F . n 
B 1 53 ALA 53 381 381 ALA ALA F . n 
B 1 54 ASP 54 382 382 ASP ASP F . n 
B 1 55 HIS 55 383 383 HIS HIS F . n 
B 1 56 ARG 56 384 384 ARG ARG F . n 
B 1 57 GLN 57 385 385 GLN GLN F . n 
B 1 58 THR 58 386 386 THR THR F . n 
B 1 59 THR 59 387 387 THR THR F . n 
B 1 60 GLU 60 388 388 GLU GLU F . n 
B 1 61 LYS 61 389 389 LYS LYS F . n 
B 1 62 LEU 62 390 390 LEU LEU F . n 
B 1 63 GLN 63 391 391 GLN GLN F . n 
B 1 64 ALA 64 392 392 ALA ALA F . n 
B 1 65 VAL 65 393 393 VAL VAL F . n 
B 1 66 GLN 66 394 394 GLN GLN F . n 
B 1 67 GLN 67 395 395 GLN GLN F . n 
# 
loop_
_pdbx_nonpoly_scheme.asym_id 
_pdbx_nonpoly_scheme.entity_id 
_pdbx_nonpoly_scheme.mon_id 
_pdbx_nonpoly_scheme.ndb_seq_num 
_pdbx_nonpoly_scheme.pdb_seq_num 
_pdbx_nonpoly_scheme.auth_seq_num 
_pdbx_nonpoly_scheme.pdb_mon_id 
_pdbx_nonpoly_scheme.auth_mon_id 
_pdbx_nonpoly_scheme.pdb_strand_id 
_pdbx_nonpoly_scheme.pdb_ins_code 
C 2 PO4 1  401 1  PO4 PO4 A . 
D 2 PO4 1  402 2  PO4 PO4 A . 
E 2 PO4 1  401 3  PO4 PO4 F . 
F 3 HOH 1  501 1  HOH HOH A . 
F 3 HOH 2  502 2  HOH HOH A . 
F 3 HOH 3  503 3  HOH HOH A . 
F 3 HOH 4  504 4  HOH HOH A . 
F 3 HOH 5  505 6  HOH HOH A . 
F 3 HOH 6  506 8  HOH HOH A . 
F 3 HOH 7  507 9  HOH HOH A . 
F 3 HOH 8  508 10 HOH HOH A . 
F 3 HOH 9  509 11 HOH HOH A . 
F 3 HOH 10 510 13 HOH HOH A . 
F 3 HOH 11 511 15 HOH HOH A . 
F 3 HOH 12 512 18 HOH HOH A . 
F 3 HOH 13 513 20 HOH HOH A . 
F 3 HOH 14 514 22 HOH HOH A . 
F 3 HOH 15 515 24 HOH HOH A . 
F 3 HOH 16 516 25 HOH HOH A . 
F 3 HOH 17 517 26 HOH HOH A . 
F 3 HOH 18 518 29 HOH HOH A . 
F 3 HOH 19 519 30 HOH HOH A . 
F 3 HOH 20 520 31 HOH HOH A . 
F 3 HOH 21 521 32 HOH HOH A . 
F 3 HOH 22 522 34 HOH HOH A . 
F 3 HOH 23 523 35 HOH HOH A . 
F 3 HOH 24 524 36 HOH HOH A . 
F 3 HOH 25 525 41 HOH HOH A . 
F 3 HOH 26 526 42 HOH HOH A . 
F 3 HOH 27 527 43 HOH HOH A . 
F 3 HOH 28 528 44 HOH HOH A . 
F 3 HOH 29 529 47 HOH HOH A . 
F 3 HOH 30 530 48 HOH HOH A . 
F 3 HOH 31 531 52 HOH HOH A . 
F 3 HOH 32 532 54 HOH HOH A . 
F 3 HOH 33 533 55 HOH HOH A . 
F 3 HOH 34 534 57 HOH HOH A . 
F 3 HOH 35 535 58 HOH HOH A . 
F 3 HOH 36 536 59 HOH HOH A . 
F 3 HOH 37 537 60 HOH HOH A . 
F 3 HOH 38 538 61 HOH HOH A . 
F 3 HOH 39 539 62 HOH HOH A . 
F 3 HOH 40 540 64 HOH HOH A . 
F 3 HOH 41 541 66 HOH HOH A . 
F 3 HOH 42 542 67 HOH HOH A . 
F 3 HOH 43 543 68 HOH HOH A . 
F 3 HOH 44 544 69 HOH HOH A . 
F 3 HOH 45 545 70 HOH HOH A . 
F 3 HOH 46 546 72 HOH HOH A . 
F 3 HOH 47 547 74 HOH HOH A . 
G 3 HOH 1  501 5  HOH HOH F . 
G 3 HOH 2  502 7  HOH HOH F . 
G 3 HOH 3  503 12 HOH HOH F . 
G 3 HOH 4  504 14 HOH HOH F . 
G 3 HOH 5  505 16 HOH HOH F . 
G 3 HOH 6  506 17 HOH HOH F . 
G 3 HOH 7  507 19 HOH HOH F . 
G 3 HOH 8  508 21 HOH HOH F . 
G 3 HOH 9  509 23 HOH HOH F . 
G 3 HOH 10 510 27 HOH HOH F . 
G 3 HOH 11 511 28 HOH HOH F . 
G 3 HOH 12 512 33 HOH HOH F . 
G 3 HOH 13 513 37 HOH HOH F . 
G 3 HOH 14 514 38 HOH HOH F . 
G 3 HOH 15 515 39 HOH HOH F . 
G 3 HOH 16 516 40 HOH HOH F . 
G 3 HOH 17 517 45 HOH HOH F . 
G 3 HOH 18 518 46 HOH HOH F . 
G 3 HOH 19 519 49 HOH HOH F . 
G 3 HOH 20 520 50 HOH HOH F . 
G 3 HOH 21 521 51 HOH HOH F . 
G 3 HOH 22 522 53 HOH HOH F . 
G 3 HOH 23 523 56 HOH HOH F . 
G 3 HOH 24 524 63 HOH HOH F . 
G 3 HOH 25 525 65 HOH HOH F . 
G 3 HOH 26 526 71 HOH HOH F . 
G 3 HOH 27 527 73 HOH HOH F . 
# 
loop_
_pdbx_unobs_or_zero_occ_atoms.id 
_pdbx_unobs_or_zero_occ_atoms.PDB_model_num 
_pdbx_unobs_or_zero_occ_atoms.polymer_flag 
_pdbx_unobs_or_zero_occ_atoms.occupancy_flag 
_pdbx_unobs_or_zero_occ_atoms.auth_asym_id 
_pdbx_unobs_or_zero_occ_atoms.auth_comp_id 
_pdbx_unobs_or_zero_occ_atoms.auth_seq_id 
_pdbx_unobs_or_zero_occ_atoms.PDB_ins_code 
_pdbx_unobs_or_zero_occ_atoms.auth_atom_id 
_pdbx_unobs_or_zero_occ_atoms.label_alt_id 
_pdbx_unobs_or_zero_occ_atoms.label_asym_id 
_pdbx_unobs_or_zero_occ_atoms.label_comp_id 
_pdbx_unobs_or_zero_occ_atoms.label_seq_id 
_pdbx_unobs_or_zero_occ_atoms.label_atom_id 
1  1 Y 1 A GLN 395 ? CG  ? A GLN 67 CG  
2  1 Y 1 A GLN 395 ? CD  ? A GLN 67 CD  
3  1 Y 1 A GLN 395 ? OE1 ? A GLN 67 OE1 
4  1 Y 1 A GLN 395 ? NE2 ? A GLN 67 NE2 
5  1 Y 1 F ARG 375 ? CG  ? B ARG 47 CG  
6  1 Y 1 F ARG 375 ? CD  ? B ARG 47 CD  
7  1 Y 1 F ARG 375 ? NE  ? B ARG 47 NE  
8  1 Y 1 F ARG 375 ? CZ  ? B ARG 47 CZ  
9  1 Y 1 F ARG 375 ? NH1 ? B ARG 47 NH1 
10 1 Y 1 F ARG 375 ? NH2 ? B ARG 47 NH2 
11 1 Y 1 F ARG 384 ? CD  ? B ARG 56 CD  
12 1 Y 1 F ARG 384 ? NE  ? B ARG 56 NE  
13 1 Y 1 F ARG 384 ? CZ  ? B ARG 56 CZ  
14 1 Y 1 F ARG 384 ? NH1 ? B ARG 56 NH1 
15 1 Y 1 F ARG 384 ? NH2 ? B ARG 56 NH2 
16 1 Y 1 F GLN 391 ? CG  ? B GLN 63 CG  
17 1 Y 1 F GLN 391 ? CD  ? B GLN 63 CD  
18 1 Y 1 F GLN 391 ? OE1 ? B GLN 63 OE1 
19 1 Y 1 F GLN 391 ? NE2 ? B GLN 63 NE2 
20 1 Y 1 F GLN 394 ? CG  ? B GLN 66 CG  
21 1 Y 1 F GLN 394 ? CD  ? B GLN 66 CD  
22 1 Y 1 F GLN 394 ? OE1 ? B GLN 66 OE1 
23 1 Y 1 F GLN 394 ? NE2 ? B GLN 66 NE2 
24 1 Y 1 F GLN 395 ? CG  ? B GLN 67 CG  
25 1 Y 1 F GLN 395 ? CD  ? B GLN 67 CD  
26 1 Y 1 F GLN 395 ? OE1 ? B GLN 67 OE1 
27 1 Y 1 F GLN 395 ? NE2 ? B GLN 67 NE2 
# 
loop_
_software.name 
_software.classification 
_software.version 
_software.citation_id 
_software.pdbx_ordinal 
PHASER phasing          .                            ? 1 
PHENIX refinement       '(phenix.refine: 1.7.2_869)' ? 2 
MOSFLM 'data reduction' .                            ? 3 
SCALA  'data scaling'   .                            ? 4 
# 
_cell.entry_id           4GKG 
_cell.length_a           40.960 
_cell.length_b           40.960 
_cell.length_c           302.421 
_cell.angle_alpha        90.00 
_cell.angle_beta         90.00 
_cell.angle_gamma        120.00 
_cell.Z_PDB              24 
_cell.pdbx_unique_axis   ? 
_cell.length_a_esd       ? 
_cell.length_b_esd       ? 
_cell.length_c_esd       ? 
_cell.angle_alpha_esd    ? 
_cell.angle_beta_esd     ? 
_cell.angle_gamma_esd    ? 
# 
_symmetry.entry_id                         4GKG 
_symmetry.space_group_name_H-M             'P 61 2 2' 
_symmetry.pdbx_full_space_group_name_H-M   ? 
_symmetry.cell_setting                     ? 
_symmetry.Int_Tables_number                178 
_symmetry.space_group_name_Hall            ? 
# 
_exptl.entry_id          4GKG 
_exptl.method            'X-RAY DIFFRACTION' 
_exptl.crystals_number   ? 
# 
_exptl_crystal.id                    1 
_exptl_crystal.density_meas          ? 
_exptl_crystal.density_Matthews      2.35 
_exptl_crystal.density_percent_sol   47.75 
_exptl_crystal.description           ? 
_exptl_crystal.F_000                 ? 
_exptl_crystal.preparation           ? 
# 
_exptl_crystal_grow.crystal_id      1 
_exptl_crystal_grow.method          'VAPOR DIFFUSION, SITTING DROP' 
_exptl_crystal_grow.temp            293.15 
_exptl_crystal_grow.temp_details    ? 
_exptl_crystal_grow.pH              5.2 
_exptl_crystal_grow.pdbx_pH_range   ? 
_exptl_crystal_grow.pdbx_details    
'8-12% PEG1500, 15-20% Isopropanol, 100mM Sodium Citrate, pH 5.2, VAPOR DIFFUSION, SITTING DROP, temperature 293.15K' 
# 
loop_
_diffrn.id 
_diffrn.ambient_temp 
_diffrn.ambient_temp_details 
_diffrn.crystal_id 
1 100.0 ? 1 
2 100.0 ? 1 
# 
loop_
_diffrn_detector.diffrn_id 
_diffrn_detector.detector 
_diffrn_detector.type 
_diffrn_detector.pdbx_collection_date 
_diffrn_detector.details 
1 CCD 'ADSC QUANTUM 315' ? ? 
2 CCD 'ADSC QUANTUM 315' ? ? 
# 
loop_
_diffrn_radiation.diffrn_id 
_diffrn_radiation.wavelength_id 
_diffrn_radiation.pdbx_monochromatic_or_laue_m_l 
_diffrn_radiation.monochromator 
_diffrn_radiation.pdbx_diffrn_protocol 
_diffrn_radiation.pdbx_scattering_type 
1 1 M ? 'SINGLE WAVELENGTH' x-ray 
2 1 ? ? ?                   x-ray 
# 
loop_
_diffrn_radiation_wavelength.id 
_diffrn_radiation_wavelength.wavelength 
_diffrn_radiation_wavelength.wt 
1 0.9795  1.0 
2 1.07210 1.0 
3 1.05830 1.0 
# 
loop_
_diffrn_source.diffrn_id 
_diffrn_source.source 
_diffrn_source.type 
_diffrn_source.pdbx_synchrotron_site 
_diffrn_source.pdbx_synchrotron_beamline 
_diffrn_source.pdbx_wavelength 
_diffrn_source.pdbx_wavelength_list 
1 SYNCHROTRON 'DIAMOND BEAMLINE I02' Diamond I02 ? '0.9795, 1.07210, 1.05830' 
2 SYNCHROTRON 'DIAMOND BEAMLINE I03' Diamond I03 ? '0.9795, 1.07210, 1.05830' 
# 
_reflns.pdbx_diffrn_id               1 
_reflns.pdbx_ordinal                 1 
_reflns.entry_id                     4GKG 
_reflns.observed_criterion_sigma_I   ? 
_reflns.observed_criterion_sigma_F   ? 
_reflns.d_resolution_low             50.613 
_reflns.d_resolution_high            1.695 
_reflns.number_obs                   18052 
_reflns.number_all                   ? 
_reflns.percent_possible_obs         ? 
_reflns.pdbx_Rmerge_I_obs            ? 
_reflns.pdbx_Rsym_value              ? 
_reflns.pdbx_netI_over_sigmaI        ? 
_reflns.B_iso_Wilson_estimate        ? 
_reflns.pdbx_redundancy              ? 
_reflns.R_free_details               ? 
_reflns.limit_h_max                  ? 
_reflns.limit_h_min                  ? 
_reflns.limit_k_max                  ? 
_reflns.limit_k_min                  ? 
_reflns.limit_l_max                  ? 
_reflns.limit_l_min                  ? 
_reflns.observed_criterion_F_max     ? 
_reflns.observed_criterion_F_min     ? 
_reflns.pdbx_chi_squared             ? 
_reflns.pdbx_scaling_rejects         ? 
# 
_refine.pdbx_refine_id                           'X-RAY DIFFRACTION' 
_refine.entry_id                                 4GKG 
_refine.pdbx_diffrn_id                           1 
_refine.pdbx_TLS_residual_ADP_flag               ? 
_refine.ls_number_reflns_obs                     31108 
_refine.ls_number_reflns_all                     ? 
_refine.pdbx_ls_sigma_I                          ? 
_refine.pdbx_ls_sigma_F                          1.10 
_refine.pdbx_data_cutoff_high_absF               ? 
_refine.pdbx_data_cutoff_low_absF                ? 
_refine.pdbx_data_cutoff_high_rms_absF           ? 
_refine.ls_d_res_low                             34.535 
_refine.ls_d_res_high                            1.695 
_refine.ls_percent_reflns_obs                    98.76 
_refine.ls_R_factor_obs                          0.2383 
_refine.ls_R_factor_all                          ? 
_refine.ls_R_factor_R_work                       0.2364 
_refine.ls_R_factor_R_free                       0.2759 
_refine.ls_R_factor_R_free_error                 ? 
_refine.ls_R_factor_R_free_error_details         ? 
_refine.ls_percent_reflns_R_free                 5.16 
_refine.ls_number_reflns_R_free                  1605 
_refine.ls_number_parameters                     ? 
_refine.ls_number_restraints                     ? 
_refine.occupancy_min                            ? 
_refine.occupancy_max                            ? 
_refine.correlation_coeff_Fo_to_Fc               ? 
_refine.correlation_coeff_Fo_to_Fc_free          ? 
_refine.B_iso_mean                               ? 
_refine.aniso_B[1][1]                            12.0102 
_refine.aniso_B[2][2]                            12.0102 
_refine.aniso_B[3][3]                            -24.0205 
_refine.aniso_B[1][2]                            -0.0000 
_refine.aniso_B[1][3]                            -0.0000 
_refine.aniso_B[2][3]                            -0.0000 
_refine.solvent_model_details                    'FLAT BULK SOLVENT MODEL' 
_refine.solvent_model_param_ksol                 0.400 
_refine.solvent_model_param_bsol                 80.228 
_refine.pdbx_solvent_vdw_probe_radii             0.90 
_refine.pdbx_solvent_ion_probe_radii             ? 
_refine.pdbx_solvent_shrinkage_radii             0.61 
_refine.pdbx_ls_cross_valid_method               ? 
_refine.details                                  ? 
_refine.pdbx_starting_model                      'Standard 7 amino acid helix' 
_refine.pdbx_method_to_determine_struct          'MOLECULAR REPLACEMENT' 
_refine.pdbx_isotropic_thermal_model             ? 
_refine.pdbx_stereochemistry_target_values       ML 
_refine.pdbx_stereochem_target_val_spec_case     ? 
_refine.pdbx_R_Free_selection_details            ? 
_refine.pdbx_overall_ESU_R                       ? 
_refine.pdbx_overall_ESU_R_Free                  ? 
_refine.overall_SU_ML                            0.42 
_refine.pdbx_overall_phase_error                 30.00 
_refine.overall_SU_B                             ? 
_refine.overall_SU_R_Cruickshank_DPI             ? 
_refine.pdbx_overall_SU_R_free_Cruickshank_DPI   ? 
_refine.pdbx_overall_SU_R_Blow_DPI               ? 
_refine.pdbx_overall_SU_R_free_Blow_DPI          ? 
_refine.ls_redundancy_reflns_obs                 ? 
_refine.B_iso_min                                ? 
_refine.B_iso_max                                ? 
_refine.overall_SU_R_free                        ? 
_refine.ls_wR_factor_R_free                      ? 
_refine.ls_wR_factor_R_work                      ? 
_refine.overall_FOM_free_R_set                   ? 
_refine.overall_FOM_work_R_set                   ? 
# 
_refine_hist.pdbx_refine_id                   'X-RAY DIFFRACTION' 
_refine_hist.cycle_id                         LAST 
_refine_hist.pdbx_number_atoms_protein        789 
_refine_hist.pdbx_number_atoms_nucleic_acid   0 
_refine_hist.pdbx_number_atoms_ligand         15 
_refine_hist.number_atoms_solvent             74 
_refine_hist.number_atoms_total               878 
_refine_hist.d_res_high                       1.695 
_refine_hist.d_res_low                        34.535 
# 
loop_
_refine_ls_restr.type 
_refine_ls_restr.dev_ideal 
_refine_ls_restr.dev_ideal_target 
_refine_ls_restr.weight 
_refine_ls_restr.number 
_refine_ls_restr.pdbx_refine_id 
_refine_ls_restr.pdbx_restraint_function 
f_bond_d           0.010  ? ? 816  'X-RAY DIFFRACTION' ? 
f_angle_d          1.118  ? ? 1096 'X-RAY DIFFRACTION' ? 
f_dihedral_angle_d 17.375 ? ? 327  'X-RAY DIFFRACTION' ? 
f_chiral_restr     0.070  ? ? 124  'X-RAY DIFFRACTION' ? 
f_plane_restr      0.004  ? ? 146  'X-RAY DIFFRACTION' ? 
# 
loop_
_refine_ls_shell.pdbx_refine_id 
_refine_ls_shell.pdbx_total_number_of_bins_used 
_refine_ls_shell.d_res_high 
_refine_ls_shell.d_res_low 
_refine_ls_shell.number_reflns_R_work 
_refine_ls_shell.R_factor_R_work 
_refine_ls_shell.percent_reflns_obs 
_refine_ls_shell.R_factor_R_free 
_refine_ls_shell.R_factor_R_free_error 
_refine_ls_shell.percent_reflns_R_free 
_refine_ls_shell.number_reflns_R_free 
_refine_ls_shell.number_reflns_all 
_refine_ls_shell.R_factor_all 
_refine_ls_shell.redundancy_reflns_obs 
_refine_ls_shell.number_reflns_obs 
'X-RAY DIFFRACTION' . 1.6950 1.7497  2642 0.3489 99.00  0.4133 . . 150 . . . . 
'X-RAY DIFFRACTION' . 1.7497 1.8122  2693 0.2986 99.00  0.3247 . . 175 . . . . 
'X-RAY DIFFRACTION' . 1.8122 1.8848  2726 0.2748 99.00  0.2901 . . 114 . . . . 
'X-RAY DIFFRACTION' . 1.8848 1.9706  2722 0.2532 99.00  0.3719 . . 158 . . . . 
'X-RAY DIFFRACTION' . 1.9706 2.0744  2676 0.2590 100.00 0.2788 . . 154 . . . . 
'X-RAY DIFFRACTION' . 2.0744 2.2044  2695 0.2103 100.00 0.2177 . . 175 . . . . 
'X-RAY DIFFRACTION' . 2.2044 2.3746  2715 0.1904 100.00 0.2377 . . 142 . . . . 
'X-RAY DIFFRACTION' . 2.3746 2.6134  2709 0.2141 100.00 0.2906 . . 129 . . . . 
'X-RAY DIFFRACTION' . 2.6134 2.9914  2737 0.2193 100.00 0.2381 . . 125 . . . . 
'X-RAY DIFFRACTION' . 2.9914 3.7682  2737 0.2168 100.00 0.2999 . . 138 . . . . 
'X-RAY DIFFRACTION' . 3.7682 34.5419 2451 0.2649 91.00  0.2654 . . 145 . . . . 
# 
_struct.entry_id                  4GKG 
_struct.title                     'Crystal structure of the S-Helix Linker' 
_struct.pdbx_model_details        ? 
_struct.pdbx_CASP_flag            ? 
_struct.pdbx_model_type_details   ? 
# 
_struct_keywords.entry_id        4GKG 
_struct_keywords.pdbx_keywords   'SIGNALING PROTEIN' 
_struct_keywords.text            'Signaling helix, Signal transduction, signaling protein' 
# 
loop_
_struct_asym.id 
_struct_asym.pdbx_blank_PDB_chainid_flag 
_struct_asym.pdbx_modified 
_struct_asym.entity_id 
_struct_asym.details 
A N N 1 ? 
B N N 1 ? 
C N N 2 ? 
D N N 2 ? 
E N N 2 ? 
F N N 3 ? 
G N N 3 ? 
# 
_struct_ref.id                         1 
_struct_ref.db_name                    UNP 
_struct_ref.db_code                    DCTB_RHIME 
_struct_ref.pdbx_db_accession          P13633 
_struct_ref.entity_id                  1 
_struct_ref.pdbx_seq_one_letter_code   EERLARNALEASVEERTRDLRMARDRLETEIADHRQTTEKLQAVQQ 
_struct_ref.pdbx_align_begin           350 
_struct_ref.pdbx_db_isoform            ? 
# 
loop_
_struct_ref_seq.align_id 
_struct_ref_seq.ref_id 
_struct_ref_seq.pdbx_PDB_id_code 
_struct_ref_seq.pdbx_strand_id 
_struct_ref_seq.seq_align_beg 
_struct_ref_seq.pdbx_seq_align_beg_ins_code 
_struct_ref_seq.seq_align_end 
_struct_ref_seq.pdbx_seq_align_end_ins_code 
_struct_ref_seq.pdbx_db_accession 
_struct_ref_seq.db_align_beg 
_struct_ref_seq.pdbx_db_align_beg_ins_code 
_struct_ref_seq.db_align_end 
_struct_ref_seq.pdbx_db_align_end_ins_code 
_struct_ref_seq.pdbx_auth_seq_align_beg 
_struct_ref_seq.pdbx_auth_seq_align_end 
1 1 4GKG A 22 ? 67 ? P13633 350 ? 395 ? 350 395 
2 1 4GKG F 22 ? 67 ? P13633 350 ? 395 ? 350 395 
# 
loop_
_struct_ref_seq_dif.align_id 
_struct_ref_seq_dif.pdbx_pdb_id_code 
_struct_ref_seq_dif.mon_id 
_struct_ref_seq_dif.pdbx_pdb_strand_id 
_struct_ref_seq_dif.seq_num 
_struct_ref_seq_dif.pdbx_pdb_ins_code 
_struct_ref_seq_dif.pdbx_seq_db_name 
_struct_ref_seq_dif.pdbx_seq_db_accession_code 
_struct_ref_seq_dif.db_mon_id 
_struct_ref_seq_dif.pdbx_seq_db_seq_num 
_struct_ref_seq_dif.details 
_struct_ref_seq_dif.pdbx_auth_seq_num 
_struct_ref_seq_dif.pdbx_ordinal 
1 4GKG MET A 1  ? UNP P13633 ? ? 'expression tag' 329 1  
1 4GKG GLY A 2  ? UNP P13633 ? ? 'expression tag' 330 2  
1 4GKG SER A 3  ? UNP P13633 ? ? 'expression tag' 331 3  
1 4GKG SER A 4  ? UNP P13633 ? ? 'expression tag' 332 4  
1 4GKG HIS A 5  ? UNP P13633 ? ? 'expression tag' 333 5  
1 4GKG HIS A 6  ? UNP P13633 ? ? 'expression tag' 334 6  
1 4GKG HIS A 7  ? UNP P13633 ? ? 'expression tag' 335 7  
1 4GKG HIS A 8  ? UNP P13633 ? ? 'expression tag' 336 8  
1 4GKG HIS A 9  ? UNP P13633 ? ? 'expression tag' 337 9  
1 4GKG HIS A 10 ? UNP P13633 ? ? 'expression tag' 338 10 
1 4GKG SER A 11 ? UNP P13633 ? ? 'expression tag' 339 11 
1 4GKG SER A 12 ? UNP P13633 ? ? 'expression tag' 340 12 
1 4GKG GLY A 13 ? UNP P13633 ? ? 'expression tag' 341 13 
1 4GKG LEU A 14 ? UNP P13633 ? ? 'expression tag' 342 14 
1 4GKG VAL A 15 ? UNP P13633 ? ? 'expression tag' 343 15 
1 4GKG PRO A 16 ? UNP P13633 ? ? 'expression tag' 344 16 
1 4GKG ARG A 17 ? UNP P13633 ? ? 'expression tag' 345 17 
1 4GKG GLY A 18 ? UNP P13633 ? ? 'expression tag' 346 18 
1 4GKG SER A 19 ? UNP P13633 ? ? 'expression tag' 347 19 
1 4GKG HIS A 20 ? UNP P13633 ? ? 'expression tag' 348 20 
1 4GKG MET A 21 ? UNP P13633 ? ? 'expression tag' 349 21 
2 4GKG MET F 1  ? UNP P13633 ? ? 'expression tag' 329 22 
2 4GKG GLY F 2  ? UNP P13633 ? ? 'expression tag' 330 23 
2 4GKG SER F 3  ? UNP P13633 ? ? 'expression tag' 331 24 
2 4GKG SER F 4  ? UNP P13633 ? ? 'expression tag' 332 25 
2 4GKG HIS F 5  ? UNP P13633 ? ? 'expression tag' 333 26 
2 4GKG HIS F 6  ? UNP P13633 ? ? 'expression tag' 334 27 
2 4GKG HIS F 7  ? UNP P13633 ? ? 'expression tag' 335 28 
2 4GKG HIS F 8  ? UNP P13633 ? ? 'expression tag' 336 29 
2 4GKG HIS F 9  ? UNP P13633 ? ? 'expression tag' 337 30 
2 4GKG HIS F 10 ? UNP P13633 ? ? 'expression tag' 338 31 
2 4GKG SER F 11 ? UNP P13633 ? ? 'expression tag' 339 32 
2 4GKG SER F 12 ? UNP P13633 ? ? 'expression tag' 340 33 
2 4GKG GLY F 13 ? UNP P13633 ? ? 'expression tag' 341 34 
2 4GKG LEU F 14 ? UNP P13633 ? ? 'expression tag' 342 35 
2 4GKG VAL F 15 ? UNP P13633 ? ? 'expression tag' 343 36 
2 4GKG PRO F 16 ? UNP P13633 ? ? 'expression tag' 344 37 
2 4GKG ARG F 17 ? UNP P13633 ? ? 'expression tag' 345 38 
2 4GKG GLY F 18 ? UNP P13633 ? ? 'expression tag' 346 39 
2 4GKG SER F 19 ? UNP P13633 ? ? 'expression tag' 347 40 
2 4GKG HIS F 20 ? UNP P13633 ? ? 'expression tag' 348 41 
2 4GKG MET F 21 ? UNP P13633 ? ? 'expression tag' 349 42 
# 
_pdbx_struct_assembly.id                   1 
_pdbx_struct_assembly.details              author_and_software_defined_assembly 
_pdbx_struct_assembly.method_details       PISA 
_pdbx_struct_assembly.oligomeric_details   dimeric 
_pdbx_struct_assembly.oligomeric_count     2 
# 
loop_
_pdbx_struct_assembly_prop.biol_id 
_pdbx_struct_assembly_prop.type 
_pdbx_struct_assembly_prop.value 
_pdbx_struct_assembly_prop.details 
1 'ABSA (A^2)' 1960 ? 
1 MORE         -35  ? 
1 'SSA (A^2)'  8400 ? 
# 
_pdbx_struct_assembly_gen.assembly_id       1 
_pdbx_struct_assembly_gen.oper_expression   1 
_pdbx_struct_assembly_gen.asym_id_list      A,B,C,D,E,F,G 
# 
_pdbx_struct_oper_list.id                   1 
_pdbx_struct_oper_list.type                 'identity operation' 
_pdbx_struct_oper_list.name                 1_555 
_pdbx_struct_oper_list.symmetry_operation   x,y,z 
_pdbx_struct_oper_list.matrix[1][1]         1.0000000000 
_pdbx_struct_oper_list.matrix[1][2]         0.0000000000 
_pdbx_struct_oper_list.matrix[1][3]         0.0000000000 
_pdbx_struct_oper_list.vector[1]            0.0000000000 
_pdbx_struct_oper_list.matrix[2][1]         0.0000000000 
_pdbx_struct_oper_list.matrix[2][2]         1.0000000000 
_pdbx_struct_oper_list.matrix[2][3]         0.0000000000 
_pdbx_struct_oper_list.vector[2]            0.0000000000 
_pdbx_struct_oper_list.matrix[3][1]         0.0000000000 
_pdbx_struct_oper_list.matrix[3][2]         0.0000000000 
_pdbx_struct_oper_list.matrix[3][3]         1.0000000000 
_pdbx_struct_oper_list.vector[3]            0.0000000000 
# 
_struct_biol.id        1 
_struct_biol.details   ? 
# 
loop_
_struct_conf.conf_type_id 
_struct_conf.id 
_struct_conf.pdbx_PDB_helix_id 
_struct_conf.beg_label_comp_id 
_struct_conf.beg_label_asym_id 
_struct_conf.beg_label_seq_id 
_struct_conf.pdbx_beg_PDB_ins_code 
_struct_conf.end_label_comp_id 
_struct_conf.end_label_asym_id 
_struct_conf.end_label_seq_id 
_struct_conf.pdbx_end_PDB_ins_code 
_struct_conf.beg_auth_comp_id 
_struct_conf.beg_auth_asym_id 
_struct_conf.beg_auth_seq_id 
_struct_conf.end_auth_comp_id 
_struct_conf.end_auth_asym_id 
_struct_conf.end_auth_seq_id 
_struct_conf.pdbx_PDB_helix_class 
_struct_conf.details 
_struct_conf.pdbx_PDB_helix_length 
HELX_P HELX_P1 1 HIS A 20 ? GLN A 67 ? HIS A 348 GLN A 395 1 ? 48 
HELX_P HELX_P2 2 GLU B 22 ? GLN B 67 ? GLU F 350 GLN F 395 1 ? 46 
# 
_struct_conf_type.id          HELX_P 
_struct_conf_type.criteria    ? 
_struct_conf_type.reference   ? 
# 
loop_
_struct_site.id 
_struct_site.pdbx_evidence_code 
_struct_site.pdbx_auth_asym_id 
_struct_site.pdbx_auth_comp_id 
_struct_site.pdbx_auth_seq_id 
_struct_site.pdbx_auth_ins_code 
_struct_site.pdbx_num_residues 
_struct_site.details 
AC1 Software A PO4 401 ? 4 'BINDING SITE FOR RESIDUE PO4 A 401' 
AC2 Software A PO4 402 ? 3 'BINDING SITE FOR RESIDUE PO4 A 402' 
AC3 Software F PO4 401 ? 5 'BINDING SITE FOR RESIDUE PO4 F 401' 
# 
loop_
_struct_site_gen.id 
_struct_site_gen.site_id 
_struct_site_gen.pdbx_num_res 
_struct_site_gen.label_comp_id 
_struct_site_gen.label_asym_id 
_struct_site_gen.label_seq_id 
_struct_site_gen.pdbx_auth_ins_code 
_struct_site_gen.auth_comp_id 
_struct_site_gen.auth_asym_id 
_struct_site_gen.auth_seq_id 
_struct_site_gen.label_atom_id 
_struct_site_gen.label_alt_id 
_struct_site_gen.symmetry 
_struct_site_gen.details 
1  AC1 4 ILE A 52 ? ILE A 380 . ? 1_555 ? 
2  AC1 4 HOH F .  ? HOH A 541 . ? 1_555 ? 
3  AC1 4 ARG B 42 ? ARG F 370 . ? 1_555 ? 
4  AC1 4 ARG B 45 ? ARG F 373 . ? 1_555 ? 
5  AC2 3 ARG A 27 ? ARG A 355 . ? 5_554 ? 
6  AC2 3 LEU A 30 ? LEU A 358 . ? 5_554 ? 
7  AC2 3 VAL B 65 ? VAL F 393 . ? 5_554 ? 
8  AC3 5 GLU A 22 ? GLU A 350 . ? 5_554 ? 
9  AC3 5 LEU A 25 ? LEU A 353 . ? 5_554 ? 
10 AC3 5 ALA A 26 ? ALA A 354 . ? 5_554 ? 
11 AC3 5 HOH F .  ? HOH A 533 . ? 5_554 ? 
12 AC3 5 SER B 33 ? SER F 361 . ? 1_555 ? 
# 
loop_
_pdbx_refine_tls.pdbx_refine_id 
_pdbx_refine_tls.id 
_pdbx_refine_tls.details 
_pdbx_refine_tls.method 
_pdbx_refine_tls.origin_x 
_pdbx_refine_tls.origin_y 
_pdbx_refine_tls.origin_z 
_pdbx_refine_tls.T[1][1] 
_pdbx_refine_tls.T[2][2] 
_pdbx_refine_tls.T[3][3] 
_pdbx_refine_tls.T[1][2] 
_pdbx_refine_tls.T[1][3] 
_pdbx_refine_tls.T[2][3] 
_pdbx_refine_tls.L[1][1] 
_pdbx_refine_tls.L[2][2] 
_pdbx_refine_tls.L[3][3] 
_pdbx_refine_tls.L[1][2] 
_pdbx_refine_tls.L[1][3] 
_pdbx_refine_tls.L[2][3] 
_pdbx_refine_tls.S[1][1] 
_pdbx_refine_tls.S[1][2] 
_pdbx_refine_tls.S[1][3] 
_pdbx_refine_tls.S[2][1] 
_pdbx_refine_tls.S[2][2] 
_pdbx_refine_tls.S[2][3] 
_pdbx_refine_tls.S[3][1] 
_pdbx_refine_tls.S[3][2] 
_pdbx_refine_tls.S[3][3] 
'X-RAY DIFFRACTION' 1 ? refined -17.6608 -35.9093 -3.5042 0.3367 0.4063 0.6810 0.0348  0.0768  -0.1183 8.0760 6.8231 3.0672  1.6661 -3.0447 -2.8658 -0.2783 0.1897  -1.1129 -0.7801 0.6518  -0.6832 -0.0146 -0.9832 -0.2710 
'X-RAY DIFFRACTION' 2 ? refined -1.3047  -8.1918  -2.6093 0.4672 0.3770 0.3822 -0.0480 0.1763  -0.0937 2.2145 5.4953 -0.7356 4.2585 0.3447  -0.5751 -0.0761 -0.0311 -0.2183 -0.1622 0.0238  -0.1429 -0.2059 0.0986  0.0691  
'X-RAY DIFFRACTION' 3 ? refined 18.2129  19.0305  2.0083  0.5555 0.5001 0.3347 -0.1453 -0.0327 0.0078  5.9817 3.6532 7.5833  0.9277 -1.0629 -5.2525 0.7038  -1.3173 0.5654  2.0613  -0.6692 -0.3306 0.0081  0.2085  -0.0028 
'X-RAY DIFFRACTION' 4 ? refined 0.2679   8.5369   2.2771  0.4986 0.4524 0.1169 -0.0948 0.1632  -0.1579 1.5340 4.0148 1.2935  0.1391 1.3546  0.5189  -0.0042 0.0435  0.4990  0.0795  -0.0778 1.5233  -0.2423 -0.0763 0.0243 
# 
loop_
_pdbx_refine_tls_group.pdbx_refine_id 
_pdbx_refine_tls_group.id 
_pdbx_refine_tls_group.refine_tls_id 
_pdbx_refine_tls_group.beg_auth_asym_id 
_pdbx_refine_tls_group.beg_auth_seq_id 
_pdbx_refine_tls_group.beg_label_asym_id 
_pdbx_refine_tls_group.beg_label_seq_id 
_pdbx_refine_tls_group.end_auth_asym_id 
_pdbx_refine_tls_group.end_auth_seq_id 
_pdbx_refine_tls_group.end_label_asym_id 
_pdbx_refine_tls_group.end_label_seq_id 
_pdbx_refine_tls_group.selection 
_pdbx_refine_tls_group.selection_details 
'X-RAY DIFFRACTION' 1 1 ? ? ? ? ? ? ? ? ? 
;chain 'A' and (resseq 344:348)
;
'X-RAY DIFFRACTION' 2 2 ? ? ? ? ? ? ? ? ? 
;chain 'A' and (resseq 349:386)
;
'X-RAY DIFFRACTION' 3 3 ? ? ? ? ? ? ? ? ? 
;chain 'A' and (resseq 387:395)
;
'X-RAY DIFFRACTION' 4 4 ? ? ? ? ? ? ? ? ? 
;chain 'F'
;
# 
loop_
_pdbx_unobs_or_zero_occ_residues.id 
_pdbx_unobs_or_zero_occ_residues.PDB_model_num 
_pdbx_unobs_or_zero_occ_residues.polymer_flag 
_pdbx_unobs_or_zero_occ_residues.occupancy_flag 
_pdbx_unobs_or_zero_occ_residues.auth_asym_id 
_pdbx_unobs_or_zero_occ_residues.auth_comp_id 
_pdbx_unobs_or_zero_occ_residues.auth_seq_id 
_pdbx_unobs_or_zero_occ_residues.PDB_ins_code 
_pdbx_unobs_or_zero_occ_residues.label_asym_id 
_pdbx_unobs_or_zero_occ_residues.label_comp_id 
_pdbx_unobs_or_zero_occ_residues.label_seq_id 
1  1 Y 1 A MET 329 ? A MET 1  
2  1 Y 1 A GLY 330 ? A GLY 2  
3  1 Y 1 A SER 331 ? A SER 3  
4  1 Y 1 A SER 332 ? A SER 4  
5  1 Y 1 A HIS 333 ? A HIS 5  
6  1 Y 1 A HIS 334 ? A HIS 6  
7  1 Y 1 A HIS 335 ? A HIS 7  
8  1 Y 1 A HIS 336 ? A HIS 8  
9  1 Y 1 A HIS 337 ? A HIS 9  
10 1 Y 1 A HIS 338 ? A HIS 10 
11 1 Y 1 A SER 339 ? A SER 11 
12 1 Y 1 A SER 340 ? A SER 12 
13 1 Y 1 A GLY 341 ? A GLY 13 
14 1 Y 1 A LEU 342 ? A LEU 14 
15 1 Y 1 A VAL 343 ? A VAL 15 
16 1 Y 1 F MET 329 ? B MET 1  
17 1 Y 1 F GLY 330 ? B GLY 2  
18 1 Y 1 F SER 331 ? B SER 3  
19 1 Y 1 F SER 332 ? B SER 4  
20 1 Y 1 F HIS 333 ? B HIS 5  
21 1 Y 1 F HIS 334 ? B HIS 6  
22 1 Y 1 F HIS 335 ? B HIS 7  
23 1 Y 1 F HIS 336 ? B HIS 8  
24 1 Y 1 F HIS 337 ? B HIS 9  
25 1 Y 1 F HIS 338 ? B HIS 10 
26 1 Y 1 F SER 339 ? B SER 11 
27 1 Y 1 F SER 340 ? B SER 12 
28 1 Y 1 F GLY 341 ? B GLY 13 
29 1 Y 1 F LEU 342 ? B LEU 14 
30 1 Y 1 F VAL 343 ? B VAL 15 
31 1 Y 1 F PRO 344 ? B PRO 16 
32 1 Y 1 F ARG 345 ? B ARG 17 
33 1 Y 1 F GLY 346 ? B GLY 18 
34 1 Y 1 F SER 347 ? B SER 19 
35 1 Y 1 F HIS 348 ? B HIS 20 
# 
loop_
_chem_comp_atom.comp_id 
_chem_comp_atom.atom_id 
_chem_comp_atom.type_symbol 
_chem_comp_atom.pdbx_aromatic_flag 
_chem_comp_atom.pdbx_stereo_config 
_chem_comp_atom.pdbx_ordinal 
ALA N    N N N 1   
ALA CA   C N S 2   
ALA C    C N N 3   
ALA O    O N N 4   
ALA CB   C N N 5   
ALA OXT  O N N 6   
ALA H    H N N 7   
ALA H2   H N N 8   
ALA HA   H N N 9   
ALA HB1  H N N 10  
ALA HB2  H N N 11  
ALA HB3  H N N 12  
ALA HXT  H N N 13  
ARG N    N N N 14  
ARG CA   C N S 15  
ARG C    C N N 16  
ARG O    O N N 17  
ARG CB   C N N 18  
ARG CG   C N N 19  
ARG CD   C N N 20  
ARG NE   N N N 21  
ARG CZ   C N N 22  
ARG NH1  N N N 23  
ARG NH2  N N N 24  
ARG OXT  O N N 25  
ARG H    H N N 26  
ARG H2   H N N 27  
ARG HA   H N N 28  
ARG HB2  H N N 29  
ARG HB3  H N N 30  
ARG HG2  H N N 31  
ARG HG3  H N N 32  
ARG HD2  H N N 33  
ARG HD3  H N N 34  
ARG HE   H N N 35  
ARG HH11 H N N 36  
ARG HH12 H N N 37  
ARG HH21 H N N 38  
ARG HH22 H N N 39  
ARG HXT  H N N 40  
ASN N    N N N 41  
ASN CA   C N S 42  
ASN C    C N N 43  
ASN O    O N N 44  
ASN CB   C N N 45  
ASN CG   C N N 46  
ASN OD1  O N N 47  
ASN ND2  N N N 48  
ASN OXT  O N N 49  
ASN H    H N N 50  
ASN H2   H N N 51  
ASN HA   H N N 52  
ASN HB2  H N N 53  
ASN HB3  H N N 54  
ASN HD21 H N N 55  
ASN HD22 H N N 56  
ASN HXT  H N N 57  
ASP N    N N N 58  
ASP CA   C N S 59  
ASP C    C N N 60  
ASP O    O N N 61  
ASP CB   C N N 62  
ASP CG   C N N 63  
ASP OD1  O N N 64  
ASP OD2  O N N 65  
ASP OXT  O N N 66  
ASP H    H N N 67  
ASP H2   H N N 68  
ASP HA   H N N 69  
ASP HB2  H N N 70  
ASP HB3  H N N 71  
ASP HD2  H N N 72  
ASP HXT  H N N 73  
GLN N    N N N 74  
GLN CA   C N S 75  
GLN C    C N N 76  
GLN O    O N N 77  
GLN CB   C N N 78  
GLN CG   C N N 79  
GLN CD   C N N 80  
GLN OE1  O N N 81  
GLN NE2  N N N 82  
GLN OXT  O N N 83  
GLN H    H N N 84  
GLN H2   H N N 85  
GLN HA   H N N 86  
GLN HB2  H N N 87  
GLN HB3  H N N 88  
GLN HG2  H N N 89  
GLN HG3  H N N 90  
GLN HE21 H N N 91  
GLN HE22 H N N 92  
GLN HXT  H N N 93  
GLU N    N N N 94  
GLU CA   C N S 95  
GLU C    C N N 96  
GLU O    O N N 97  
GLU CB   C N N 98  
GLU CG   C N N 99  
GLU CD   C N N 100 
GLU OE1  O N N 101 
GLU OE2  O N N 102 
GLU OXT  O N N 103 
GLU H    H N N 104 
GLU H2   H N N 105 
GLU HA   H N N 106 
GLU HB2  H N N 107 
GLU HB3  H N N 108 
GLU HG2  H N N 109 
GLU HG3  H N N 110 
GLU HE2  H N N 111 
GLU HXT  H N N 112 
GLY N    N N N 113 
GLY CA   C N N 114 
GLY C    C N N 115 
GLY O    O N N 116 
GLY OXT  O N N 117 
GLY H    H N N 118 
GLY H2   H N N 119 
GLY HA2  H N N 120 
GLY HA3  H N N 121 
GLY HXT  H N N 122 
HIS N    N N N 123 
HIS CA   C N S 124 
HIS C    C N N 125 
HIS O    O N N 126 
HIS CB   C N N 127 
HIS CG   C Y N 128 
HIS ND1  N Y N 129 
HIS CD2  C Y N 130 
HIS CE1  C Y N 131 
HIS NE2  N Y N 132 
HIS OXT  O N N 133 
HIS H    H N N 134 
HIS H2   H N N 135 
HIS HA   H N N 136 
HIS HB2  H N N 137 
HIS HB3  H N N 138 
HIS HD1  H N N 139 
HIS HD2  H N N 140 
HIS HE1  H N N 141 
HIS HE2  H N N 142 
HIS HXT  H N N 143 
HOH O    O N N 144 
HOH H1   H N N 145 
HOH H2   H N N 146 
ILE N    N N N 147 
ILE CA   C N S 148 
ILE C    C N N 149 
ILE O    O N N 150 
ILE CB   C N S 151 
ILE CG1  C N N 152 
ILE CG2  C N N 153 
ILE CD1  C N N 154 
ILE OXT  O N N 155 
ILE H    H N N 156 
ILE H2   H N N 157 
ILE HA   H N N 158 
ILE HB   H N N 159 
ILE HG12 H N N 160 
ILE HG13 H N N 161 
ILE HG21 H N N 162 
ILE HG22 H N N 163 
ILE HG23 H N N 164 
ILE HD11 H N N 165 
ILE HD12 H N N 166 
ILE HD13 H N N 167 
ILE HXT  H N N 168 
LEU N    N N N 169 
LEU CA   C N S 170 
LEU C    C N N 171 
LEU O    O N N 172 
LEU CB   C N N 173 
LEU CG   C N N 174 
LEU CD1  C N N 175 
LEU CD2  C N N 176 
LEU OXT  O N N 177 
LEU H    H N N 178 
LEU H2   H N N 179 
LEU HA   H N N 180 
LEU HB2  H N N 181 
LEU HB3  H N N 182 
LEU HG   H N N 183 
LEU HD11 H N N 184 
LEU HD12 H N N 185 
LEU HD13 H N N 186 
LEU HD21 H N N 187 
LEU HD22 H N N 188 
LEU HD23 H N N 189 
LEU HXT  H N N 190 
LYS N    N N N 191 
LYS CA   C N S 192 
LYS C    C N N 193 
LYS O    O N N 194 
LYS CB   C N N 195 
LYS CG   C N N 196 
LYS CD   C N N 197 
LYS CE   C N N 198 
LYS NZ   N N N 199 
LYS OXT  O N N 200 
LYS H    H N N 201 
LYS H2   H N N 202 
LYS HA   H N N 203 
LYS HB2  H N N 204 
LYS HB3  H N N 205 
LYS HG2  H N N 206 
LYS HG3  H N N 207 
LYS HD2  H N N 208 
LYS HD3  H N N 209 
LYS HE2  H N N 210 
LYS HE3  H N N 211 
LYS HZ1  H N N 212 
LYS HZ2  H N N 213 
LYS HZ3  H N N 214 
LYS HXT  H N N 215 
MET N    N N N 216 
MET CA   C N S 217 
MET C    C N N 218 
MET O    O N N 219 
MET CB   C N N 220 
MET CG   C N N 221 
MET SD   S N N 222 
MET CE   C N N 223 
MET OXT  O N N 224 
MET H    H N N 225 
MET H2   H N N 226 
MET HA   H N N 227 
MET HB2  H N N 228 
MET HB3  H N N 229 
MET HG2  H N N 230 
MET HG3  H N N 231 
MET HE1  H N N 232 
MET HE2  H N N 233 
MET HE3  H N N 234 
MET HXT  H N N 235 
PO4 P    P N N 236 
PO4 O1   O N N 237 
PO4 O2   O N N 238 
PO4 O3   O N N 239 
PO4 O4   O N N 240 
PRO N    N N N 241 
PRO CA   C N S 242 
PRO C    C N N 243 
PRO O    O N N 244 
PRO CB   C N N 245 
PRO CG   C N N 246 
PRO CD   C N N 247 
PRO OXT  O N N 248 
PRO H    H N N 249 
PRO HA   H N N 250 
PRO HB2  H N N 251 
PRO HB3  H N N 252 
PRO HG2  H N N 253 
PRO HG3  H N N 254 
PRO HD2  H N N 255 
PRO HD3  H N N 256 
PRO HXT  H N N 257 
SER N    N N N 258 
SER CA   C N S 259 
SER C    C N N 260 
SER O    O N N 261 
SER CB   C N N 262 
SER OG   O N N 263 
SER OXT  O N N 264 
SER H    H N N 265 
SER H2   H N N 266 
SER HA   H N N 267 
SER HB2  H N N 268 
SER HB3  H N N 269 
SER HG   H N N 270 
SER HXT  H N N 271 
THR N    N N N 272 
THR CA   C N S 273 
THR C    C N N 274 
THR O    O N N 275 
THR CB   C N R 276 
THR OG1  O N N 277 
THR CG2  C N N 278 
THR OXT  O N N 279 
THR H    H N N 280 
THR H2   H N N 281 
THR HA   H N N 282 
THR HB   H N N 283 
THR HG1  H N N 284 
THR HG21 H N N 285 
THR HG22 H N N 286 
THR HG23 H N N 287 
THR HXT  H N N 288 
VAL N    N N N 289 
VAL CA   C N S 290 
VAL C    C N N 291 
VAL O    O N N 292 
VAL CB   C N N 293 
VAL CG1  C N N 294 
VAL CG2  C N N 295 
VAL OXT  O N N 296 
VAL H    H N N 297 
VAL H2   H N N 298 
VAL HA   H N N 299 
VAL HB   H N N 300 
VAL HG11 H N N 301 
VAL HG12 H N N 302 
VAL HG13 H N N 303 
VAL HG21 H N N 304 
VAL HG22 H N N 305 
VAL HG23 H N N 306 
VAL HXT  H N N 307 
# 
loop_
_chem_comp_bond.comp_id 
_chem_comp_bond.atom_id_1 
_chem_comp_bond.atom_id_2 
_chem_comp_bond.value_order 
_chem_comp_bond.pdbx_aromatic_flag 
_chem_comp_bond.pdbx_stereo_config 
_chem_comp_bond.pdbx_ordinal 
ALA N   CA   sing N N 1   
ALA N   H    sing N N 2   
ALA N   H2   sing N N 3   
ALA CA  C    sing N N 4   
ALA CA  CB   sing N N 5   
ALA CA  HA   sing N N 6   
ALA C   O    doub N N 7   
ALA C   OXT  sing N N 8   
ALA CB  HB1  sing N N 9   
ALA CB  HB2  sing N N 10  
ALA CB  HB3  sing N N 11  
ALA OXT HXT  sing N N 12  
ARG N   CA   sing N N 13  
ARG N   H    sing N N 14  
ARG N   H2   sing N N 15  
ARG CA  C    sing N N 16  
ARG CA  CB   sing N N 17  
ARG CA  HA   sing N N 18  
ARG C   O    doub N N 19  
ARG C   OXT  sing N N 20  
ARG CB  CG   sing N N 21  
ARG CB  HB2  sing N N 22  
ARG CB  HB3  sing N N 23  
ARG CG  CD   sing N N 24  
ARG CG  HG2  sing N N 25  
ARG CG  HG3  sing N N 26  
ARG CD  NE   sing N N 27  
ARG CD  HD2  sing N N 28  
ARG CD  HD3  sing N N 29  
ARG NE  CZ   sing N N 30  
ARG NE  HE   sing N N 31  
ARG CZ  NH1  sing N N 32  
ARG CZ  NH2  doub N N 33  
ARG NH1 HH11 sing N N 34  
ARG NH1 HH12 sing N N 35  
ARG NH2 HH21 sing N N 36  
ARG NH2 HH22 sing N N 37  
ARG OXT HXT  sing N N 38  
ASN N   CA   sing N N 39  
ASN N   H    sing N N 40  
ASN N   H2   sing N N 41  
ASN CA  C    sing N N 42  
ASN CA  CB   sing N N 43  
ASN CA  HA   sing N N 44  
ASN C   O    doub N N 45  
ASN C   OXT  sing N N 46  
ASN CB  CG   sing N N 47  
ASN CB  HB2  sing N N 48  
ASN CB  HB3  sing N N 49  
ASN CG  OD1  doub N N 50  
ASN CG  ND2  sing N N 51  
ASN ND2 HD21 sing N N 52  
ASN ND2 HD22 sing N N 53  
ASN OXT HXT  sing N N 54  
ASP N   CA   sing N N 55  
ASP N   H    sing N N 56  
ASP N   H2   sing N N 57  
ASP CA  C    sing N N 58  
ASP CA  CB   sing N N 59  
ASP CA  HA   sing N N 60  
ASP C   O    doub N N 61  
ASP C   OXT  sing N N 62  
ASP CB  CG   sing N N 63  
ASP CB  HB2  sing N N 64  
ASP CB  HB3  sing N N 65  
ASP CG  OD1  doub N N 66  
ASP CG  OD2  sing N N 67  
ASP OD2 HD2  sing N N 68  
ASP OXT HXT  sing N N 69  
GLN N   CA   sing N N 70  
GLN N   H    sing N N 71  
GLN N   H2   sing N N 72  
GLN CA  C    sing N N 73  
GLN CA  CB   sing N N 74  
GLN CA  HA   sing N N 75  
GLN C   O    doub N N 76  
GLN C   OXT  sing N N 77  
GLN CB  CG   sing N N 78  
GLN CB  HB2  sing N N 79  
GLN CB  HB3  sing N N 80  
GLN CG  CD   sing N N 81  
GLN CG  HG2  sing N N 82  
GLN CG  HG3  sing N N 83  
GLN CD  OE1  doub N N 84  
GLN CD  NE2  sing N N 85  
GLN NE2 HE21 sing N N 86  
GLN NE2 HE22 sing N N 87  
GLN OXT HXT  sing N N 88  
GLU N   CA   sing N N 89  
GLU N   H    sing N N 90  
GLU N   H2   sing N N 91  
GLU CA  C    sing N N 92  
GLU CA  CB   sing N N 93  
GLU CA  HA   sing N N 94  
GLU C   O    doub N N 95  
GLU C   OXT  sing N N 96  
GLU CB  CG   sing N N 97  
GLU CB  HB2  sing N N 98  
GLU CB  HB3  sing N N 99  
GLU CG  CD   sing N N 100 
GLU CG  HG2  sing N N 101 
GLU CG  HG3  sing N N 102 
GLU CD  OE1  doub N N 103 
GLU CD  OE2  sing N N 104 
GLU OE2 HE2  sing N N 105 
GLU OXT HXT  sing N N 106 
GLY N   CA   sing N N 107 
GLY N   H    sing N N 108 
GLY N   H2   sing N N 109 
GLY CA  C    sing N N 110 
GLY CA  HA2  sing N N 111 
GLY CA  HA3  sing N N 112 
GLY C   O    doub N N 113 
GLY C   OXT  sing N N 114 
GLY OXT HXT  sing N N 115 
HIS N   CA   sing N N 116 
HIS N   H    sing N N 117 
HIS N   H2   sing N N 118 
HIS CA  C    sing N N 119 
HIS CA  CB   sing N N 120 
HIS CA  HA   sing N N 121 
HIS C   O    doub N N 122 
HIS C   OXT  sing N N 123 
HIS CB  CG   sing N N 124 
HIS CB  HB2  sing N N 125 
HIS CB  HB3  sing N N 126 
HIS CG  ND1  sing Y N 127 
HIS CG  CD2  doub Y N 128 
HIS ND1 CE1  doub Y N 129 
HIS ND1 HD1  sing N N 130 
HIS CD2 NE2  sing Y N 131 
HIS CD2 HD2  sing N N 132 
HIS CE1 NE2  sing Y N 133 
HIS CE1 HE1  sing N N 134 
HIS NE2 HE2  sing N N 135 
HIS OXT HXT  sing N N 136 
HOH O   H1   sing N N 137 
HOH O   H2   sing N N 138 
ILE N   CA   sing N N 139 
ILE N   H    sing N N 140 
ILE N   H2   sing N N 141 
ILE CA  C    sing N N 142 
ILE CA  CB   sing N N 143 
ILE CA  HA   sing N N 144 
ILE C   O    doub N N 145 
ILE C   OXT  sing N N 146 
ILE CB  CG1  sing N N 147 
ILE CB  CG2  sing N N 148 
ILE CB  HB   sing N N 149 
ILE CG1 CD1  sing N N 150 
ILE CG1 HG12 sing N N 151 
ILE CG1 HG13 sing N N 152 
ILE CG2 HG21 sing N N 153 
ILE CG2 HG22 sing N N 154 
ILE CG2 HG23 sing N N 155 
ILE CD1 HD11 sing N N 156 
ILE CD1 HD12 sing N N 157 
ILE CD1 HD13 sing N N 158 
ILE OXT HXT  sing N N 159 
LEU N   CA   sing N N 160 
LEU N   H    sing N N 161 
LEU N   H2   sing N N 162 
LEU CA  C    sing N N 163 
LEU CA  CB   sing N N 164 
LEU CA  HA   sing N N 165 
LEU C   O    doub N N 166 
LEU C   OXT  sing N N 167 
LEU CB  CG   sing N N 168 
LEU CB  HB2  sing N N 169 
LEU CB  HB3  sing N N 170 
LEU CG  CD1  sing N N 171 
LEU CG  CD2  sing N N 172 
LEU CG  HG   sing N N 173 
LEU CD1 HD11 sing N N 174 
LEU CD1 HD12 sing N N 175 
LEU CD1 HD13 sing N N 176 
LEU CD2 HD21 sing N N 177 
LEU CD2 HD22 sing N N 178 
LEU CD2 HD23 sing N N 179 
LEU OXT HXT  sing N N 180 
LYS N   CA   sing N N 181 
LYS N   H    sing N N 182 
LYS N   H2   sing N N 183 
LYS CA  C    sing N N 184 
LYS CA  CB   sing N N 185 
LYS CA  HA   sing N N 186 
LYS C   O    doub N N 187 
LYS C   OXT  sing N N 188 
LYS CB  CG   sing N N 189 
LYS CB  HB2  sing N N 190 
LYS CB  HB3  sing N N 191 
LYS CG  CD   sing N N 192 
LYS CG  HG2  sing N N 193 
LYS CG  HG3  sing N N 194 
LYS CD  CE   sing N N 195 
LYS CD  HD2  sing N N 196 
LYS CD  HD3  sing N N 197 
LYS CE  NZ   sing N N 198 
LYS CE  HE2  sing N N 199 
LYS CE  HE3  sing N N 200 
LYS NZ  HZ1  sing N N 201 
LYS NZ  HZ2  sing N N 202 
LYS NZ  HZ3  sing N N 203 
LYS OXT HXT  sing N N 204 
MET N   CA   sing N N 205 
MET N   H    sing N N 206 
MET N   H2   sing N N 207 
MET CA  C    sing N N 208 
MET CA  CB   sing N N 209 
MET CA  HA   sing N N 210 
MET C   O    doub N N 211 
MET C   OXT  sing N N 212 
MET CB  CG   sing N N 213 
MET CB  HB2  sing N N 214 
MET CB  HB3  sing N N 215 
MET CG  SD   sing N N 216 
MET CG  HG2  sing N N 217 
MET CG  HG3  sing N N 218 
MET SD  CE   sing N N 219 
MET CE  HE1  sing N N 220 
MET CE  HE2  sing N N 221 
MET CE  HE3  sing N N 222 
MET OXT HXT  sing N N 223 
PO4 P   O1   doub N N 224 
PO4 P   O2   sing N N 225 
PO4 P   O3   sing N N 226 
PO4 P   O4   sing N N 227 
PRO N   CA   sing N N 228 
PRO N   CD   sing N N 229 
PRO N   H    sing N N 230 
PRO CA  C    sing N N 231 
PRO CA  CB   sing N N 232 
PRO CA  HA   sing N N 233 
PRO C   O    doub N N 234 
PRO C   OXT  sing N N 235 
PRO CB  CG   sing N N 236 
PRO CB  HB2  sing N N 237 
PRO CB  HB3  sing N N 238 
PRO CG  CD   sing N N 239 
PRO CG  HG2  sing N N 240 
PRO CG  HG3  sing N N 241 
PRO CD  HD2  sing N N 242 
PRO CD  HD3  sing N N 243 
PRO OXT HXT  sing N N 244 
SER N   CA   sing N N 245 
SER N   H    sing N N 246 
SER N   H2   sing N N 247 
SER CA  C    sing N N 248 
SER CA  CB   sing N N 249 
SER CA  HA   sing N N 250 
SER C   O    doub N N 251 
SER C   OXT  sing N N 252 
SER CB  OG   sing N N 253 
SER CB  HB2  sing N N 254 
SER CB  HB3  sing N N 255 
SER OG  HG   sing N N 256 
SER OXT HXT  sing N N 257 
THR N   CA   sing N N 258 
THR N   H    sing N N 259 
THR N   H2   sing N N 260 
THR CA  C    sing N N 261 
THR CA  CB   sing N N 262 
THR CA  HA   sing N N 263 
THR C   O    doub N N 264 
THR C   OXT  sing N N 265 
THR CB  OG1  sing N N 266 
THR CB  CG2  sing N N 267 
THR CB  HB   sing N N 268 
THR OG1 HG1  sing N N 269 
THR CG2 HG21 sing N N 270 
THR CG2 HG22 sing N N 271 
THR CG2 HG23 sing N N 272 
THR OXT HXT  sing N N 273 
VAL N   CA   sing N N 274 
VAL N   H    sing N N 275 
VAL N   H2   sing N N 276 
VAL CA  C    sing N N 277 
VAL CA  CB   sing N N 278 
VAL CA  HA   sing N N 279 
VAL C   O    doub N N 280 
VAL C   OXT  sing N N 281 
VAL CB  CG1  sing N N 282 
VAL CB  CG2  sing N N 283 
VAL CB  HB   sing N N 284 
VAL CG1 HG11 sing N N 285 
VAL CG1 HG12 sing N N 286 
VAL CG1 HG13 sing N N 287 
VAL CG2 HG21 sing N N 288 
VAL CG2 HG22 sing N N 289 
VAL CG2 HG23 sing N N 290 
VAL OXT HXT  sing N N 291 
# 
_pdbx_initial_refinement_model.accession_code   ? 
_pdbx_initial_refinement_model.id               1 
_pdbx_initial_refinement_model.entity_id_list   ? 
_pdbx_initial_refinement_model.type             'in silico model' 
_pdbx_initial_refinement_model.source_name      Other 
_pdbx_initial_refinement_model.details          'Standard 7 amino acid helix' 
# 
_atom_sites.entry_id                    4GKG 
_atom_sites.fract_transf_matrix[1][1]   -0.02602031 
_atom_sites.fract_transf_matrix[1][2]   0.01048710 
_atom_sites.fract_transf_matrix[1][3]   -0.00277069 
_atom_sites.fract_transf_matrix[2][1]   -0.01111154 
_atom_sites.fract_transf_matrix[2][2]   0.00353901 
_atom_sites.fract_transf_matrix[2][3]   -0.02566596 
_atom_sites.fract_transf_matrix[3][1]   -0.00124618 
_atom_sites.fract_transf_matrix[3][2]   -0.00306096 
_atom_sites.fract_transf_matrix[3][3]   0.00011744 
_atom_sites.fract_transf_vector[1]      -0.121374 
_atom_sites.fract_transf_vector[2]      -0.400539 
_atom_sites.fract_transf_vector[3]      0.148800 
# 
loop_
_atom_type.symbol 
C 
N 
O 
P 
S 
# 
loop_
_atom_site.group_PDB 
_atom_site.id 
_atom_site.type_symbol 
_atom_site.label_atom_id 
_atom_site.label_alt_id 
_atom_site.label_comp_id 
_atom_site.label_asym_id 
_atom_site.label_entity_id 
_atom_site.label_seq_id 
_atom_site.pdbx_PDB_ins_code 
_atom_site.Cartn_x 
_atom_site.Cartn_y 
_atom_site.Cartn_z 
_atom_site.occupancy 
_atom_site.B_iso_or_equiv 
_atom_site.pdbx_formal_charge 
_atom_site.auth_seq_id 
_atom_site.auth_comp_id 
_atom_site.auth_asym_id 
_atom_site.auth_atom_id 
_atom_site.pdbx_PDB_model_num 
ATOM   1   N N   . PRO A 1 16 ? -20.540 -39.073 -10.021 1.00 77.44  ? 344 PRO A N   1 
ATOM   2   C CA  . PRO A 1 16 ? -19.563 -39.680 -9.107  1.00 72.23  ? 344 PRO A CA  1 
ATOM   3   C C   . PRO A 1 16 ? -18.739 -38.591 -8.434  1.00 68.35  ? 344 PRO A C   1 
ATOM   4   O O   . PRO A 1 16 ? -17.848 -38.029 -9.070  1.00 66.27  ? 344 PRO A O   1 
ATOM   5   C CB  . PRO A 1 16 ? -18.667 -40.501 -10.041 1.00 70.09  ? 344 PRO A CB  1 
ATOM   6   C CG  . PRO A 1 16 ? -19.424 -40.604 -11.343 1.00 74.98  ? 344 PRO A CG  1 
ATOM   7   C CD  . PRO A 1 16 ? -20.221 -39.346 -11.431 1.00 78.66  ? 344 PRO A CD  1 
ATOM   8   N N   . ARG A 1 17 ? -19.030 -38.299 -7.171  1.00 53.76  ? 345 ARG A N   1 
ATOM   9   C CA  . ARG A 1 17 ? -18.431 -37.148 -6.498  1.00 51.37  ? 345 ARG A CA  1 
ATOM   10  C C   . ARG A 1 17 ? -17.796 -37.571 -5.182  1.00 46.89  ? 345 ARG A C   1 
ATOM   11  O O   . ARG A 1 17 ? -18.338 -38.421 -4.465  1.00 46.70  ? 345 ARG A O   1 
ATOM   12  C CB  . ARG A 1 17 ? -19.511 -36.105 -6.213  1.00 52.19  ? 345 ARG A CB  1 
ATOM   13  C CG  . ARG A 1 17 ? -20.284 -35.672 -7.432  1.00 58.74  ? 345 ARG A CG  1 
ATOM   14  C CD  . ARG A 1 17 ? -21.434 -34.747 -7.044  1.00 58.65  ? 345 ARG A CD  1 
ATOM   15  N NE  . ARG A 1 17 ? -20.973 -33.659 -6.189  1.00 52.93  ? 345 ARG A NE  1 
ATOM   16  C CZ  . ARG A 1 17 ? -20.723 -32.426 -6.625  1.00 52.38  ? 345 ARG A CZ  1 
ATOM   17  N NH1 . ARG A 1 17 ? -20.908 -32.127 -7.906  1.00 56.85  ? 345 ARG A NH1 1 
ATOM   18  N NH2 . ARG A 1 17 ? -20.300 -31.494 -5.779  1.00 46.09  ? 345 ARG A NH2 1 
ATOM   19  N N   . GLY A 1 18 ? -16.644 -37.003 -4.881  1.00 46.37  ? 346 GLY A N   1 
ATOM   20  C CA  . GLY A 1 18 ? -16.029 -37.184 -3.588  1.00 41.66  ? 346 GLY A CA  1 
ATOM   21  C C   . GLY A 1 18 ? -16.831 -36.546 -2.472  1.00 39.84  ? 346 GLY A C   1 
ATOM   22  O O   . GLY A 1 18 ? -17.570 -35.581 -2.678  1.00 39.99  ? 346 GLY A O   1 
ATOM   23  N N   . SER A 1 19 ? -16.675 -37.092 -1.270  1.00 41.05  ? 347 SER A N   1 
ATOM   24  C CA  . SER A 1 19 ? -17.396 -36.620 -0.088  1.00 39.45  ? 347 SER A CA  1 
ATOM   25  C C   . SER A 1 19 ? -17.035 -35.194 0.347   1.00 36.40  ? 347 SER A C   1 
ATOM   26  O O   . SER A 1 19 ? -17.754 -34.614 1.143   1.00 35.27  ? 347 SER A O   1 
ATOM   27  C CB  . SER A 1 19 ? -17.210 -37.625 1.071   1.00 39.54  ? 347 SER A CB  1 
ATOM   28  O OG  . SER A 1 19 ? -15.825 -37.756 1.366   1.00 40.49  ? 347 SER A OG  1 
ATOM   29  N N   . HIS A 1 20 ? -15.944 -34.638 -0.182  1.00 38.47  ? 348 HIS A N   1 
ATOM   30  C CA  . HIS A 1 20 ? -15.569 -33.241 0.135   1.00 37.35  ? 348 HIS A CA  1 
ATOM   31  C C   . HIS A 1 20 ? -15.314 -32.398 -1.116  1.00 38.36  ? 348 HIS A C   1 
ATOM   32  O O   . HIS A 1 20 ? -14.675 -31.329 -1.062  1.00 36.02  ? 348 HIS A O   1 
ATOM   33  C CB  . HIS A 1 20 ? -14.356 -33.217 1.076   1.00 39.09  ? 348 HIS A CB  1 
ATOM   34  C CG  . HIS A 1 20 ? -14.639 -33.825 2.419   1.00 41.71  ? 348 HIS A CG  1 
ATOM   35  N ND1 . HIS A 1 20 ? -14.236 -35.100 2.772   1.00 44.92  ? 348 HIS A ND1 1 
ATOM   36  C CD2 . HIS A 1 20 ? -15.338 -33.351 3.476   1.00 43.14  ? 348 HIS A CD2 1 
ATOM   37  C CE1 . HIS A 1 20 ? -14.661 -35.374 3.992   1.00 45.64  ? 348 HIS A CE1 1 
ATOM   38  N NE2 . HIS A 1 20 ? -15.330 -34.328 4.445   1.00 45.51  ? 348 HIS A NE2 1 
ATOM   39  N N   . MET A 1 21 ? -15.820 -32.872 -2.248  1.00 28.39  ? 349 MET A N   1 
ATOM   40  C CA  . MET A 1 21 ? -15.673 -32.170 -3.530  1.00 31.80  ? 349 MET A CA  1 
ATOM   41  C C   . MET A 1 21 ? -16.201 -30.742 -3.526  1.00 33.09  ? 349 MET A C   1 
ATOM   42  O O   . MET A 1 21 ? -15.484 -29.819 -3.957  1.00 31.62  ? 349 MET A O   1 
ATOM   43  C CB  . MET A 1 21 ? -16.335 -32.953 -4.661  1.00 30.44  ? 349 MET A CB  1 
ATOM   44  C CG  . MET A 1 21 ? -16.305 -32.261 -6.016  1.00 33.78  ? 349 MET A CG  1 
ATOM   45  S SD  . MET A 1 21 ? -17.310 -33.252 -7.157  1.00 36.30  ? 349 MET A SD  1 
ATOM   46  C CE  . MET A 1 21 ? -16.906 -32.504 -8.738  1.00 42.29  ? 349 MET A CE  1 
ATOM   47  N N   . GLU A 1 22 ? -17.441 -30.535 -3.069  1.00 27.51  ? 350 GLU A N   1 
ATOM   48  C CA  . GLU A 1 22 ? -17.997 -29.179 -3.077  1.00 30.67  ? 350 GLU A CA  1 
ATOM   49  C C   . GLU A 1 22 ? -17.187 -28.276 -2.148  1.00 29.27  ? 350 GLU A C   1 
ATOM   50  O O   . GLU A 1 22 ? -16.860 -27.110 -2.489  1.00 29.81  ? 350 GLU A O   1 
ATOM   51  C CB  . GLU A 1 22 ? -19.467 -29.213 -2.633  1.00 30.46  ? 350 GLU A CB  1 
ATOM   52  C CG  . GLU A 1 22 ? -20.163 -27.886 -2.754  1.00 34.63  ? 350 GLU A CG  1 
ATOM   53  C CD  . GLU A 1 22 ? -21.650 -28.000 -2.551  1.00 35.87  ? 350 GLU A CD  1 
ATOM   54  O OE1 . GLU A 1 22 ? -22.220 -29.109 -2.744  1.00 34.69  ? 350 GLU A OE1 1 
ATOM   55  O OE2 . GLU A 1 22 ? -22.249 -26.974 -2.215  1.00 38.01  ? 350 GLU A OE2 1 
ATOM   56  N N   . GLU A 1 23 ? -16.785 -28.808 -1.003  1.00 26.04  ? 351 GLU A N   1 
ATOM   57  C CA  . GLU A 1 23 ? -16.052 -27.981 -0.047  1.00 28.65  ? 351 GLU A CA  1 
ATOM   58  C C   . GLU A 1 23 ? -14.693 -27.571 -0.606  1.00 26.57  ? 351 GLU A C   1 
ATOM   59  O O   . GLU A 1 23 ? -14.260 -26.387 -0.419  1.00 26.48  ? 351 GLU A O   1 
ATOM   60  C CB  . GLU A 1 23 ? -15.864 -28.719 1.270   1.00 28.09  ? 351 GLU A CB  1 
ATOM   61  C CG  . GLU A 1 23 ? -15.196 -27.827 2.319   1.00 29.52  ? 351 GLU A CG  1 
ATOM   62  C CD  . GLU A 1 23 ? -15.198 -28.435 3.702   1.00 37.81  ? 351 GLU A CD  1 
ATOM   63  O OE1 . GLU A 1 23 ? -15.769 -29.555 3.886   1.00 33.27  ? 351 GLU A OE1 1 
ATOM   64  O OE2 . GLU A 1 23 ? -14.613 -27.797 4.616   1.00 36.60  ? 351 GLU A OE2 1 
ATOM   65  N N   . ARG A 1 24 ? -14.021 -28.503 -1.290  1.00 27.99  ? 352 ARG A N   1 
ATOM   66  C CA  . ARG A 1 24 ? -12.731 -28.192 -1.953  1.00 30.16  ? 352 ARG A CA  1 
ATOM   67  C C   . ARG A 1 24 ? -12.897 -27.198 -3.087  1.00 30.49  ? 352 ARG A C   1 
ATOM   68  O O   . ARG A 1 24 ? -12.021 -26.334 -3.295  1.00 29.89  ? 352 ARG A O   1 
ATOM   69  C CB  . ARG A 1 24 ? -12.012 -29.451 -2.465  1.00 29.36  ? 352 ARG A CB  1 
ATOM   70  C CG  . ARG A 1 24 ? -11.449 -30.330 -1.351  1.00 29.53  ? 352 ARG A CG  1 
ATOM   71  C CD  . ARG A 1 24 ? -10.429 -31.331 -1.833  1.00 30.99  ? 352 ARG A CD  1 
ATOM   72  N NE  . ARG A 1 24 ? -10.245 -32.362 -0.811  1.00 30.08  ? 352 ARG A NE  1 
ATOM   73  C CZ  . ARG A 1 24 ? -10.971 -33.488 -0.772  1.00 31.10  ? 352 ARG A CZ  1 
ATOM   74  N NH1 . ARG A 1 24 ? -11.894 -33.711 -1.692  1.00 29.39  ? 352 ARG A NH1 1 
ATOM   75  N NH2 . ARG A 1 24 ? -10.785 -34.372 0.192   1.00 30.72  ? 352 ARG A NH2 1 
ATOM   76  N N   . LEU A 1 25 ? -13.973 -27.311 -3.863  1.00 27.85  ? 353 LEU A N   1 
ATOM   77  C CA  . LEU A 1 25 ? -14.195 -26.306 -4.896  1.00 31.60  ? 353 LEU A CA  1 
ATOM   78  C C   . LEU A 1 25 ? -14.448 -24.912 -4.293  1.00 33.18  ? 353 LEU A C   1 
ATOM   79  O O   . LEU A 1 25 ? -13.964 -23.899 -4.818  1.00 33.21  ? 353 LEU A O   1 
ATOM   80  C CB  . LEU A 1 25 ? -15.327 -26.688 -5.845  1.00 31.67  ? 353 LEU A CB  1 
ATOM   81  C CG  . LEU A 1 25 ? -15.071 -27.931 -6.721  1.00 30.81  ? 353 LEU A CG  1 
ATOM   82  C CD1 . LEU A 1 25 ? -16.373 -28.333 -7.427  1.00 35.56  ? 353 LEU A CD1 1 
ATOM   83  C CD2 . LEU A 1 25 ? -13.979 -27.716 -7.754  1.00 35.76  ? 353 LEU A CD2 1 
ATOM   84  N N   . ALA A 1 26 ? -15.194 -24.862 -3.187  1.00 29.20  ? 354 ALA A N   1 
ATOM   85  C CA  . ALA A 1 26 ? -15.445 -23.568 -2.513  1.00 31.23  ? 354 ALA A CA  1 
ATOM   86  C C   . ALA A 1 26 ? -14.123 -23.001 -2.009  1.00 30.28  ? 354 ALA A C   1 
ATOM   87  O O   . ALA A 1 26 ? -13.858 -21.774 -2.113  1.00 30.73  ? 354 ALA A O   1 
ATOM   88  C CB  . ALA A 1 26 ? -16.417 -23.763 -1.362  1.00 29.14  ? 354 ALA A CB  1 
ATOM   89  N N   . ARG A 1 27 ? -13.286 -23.890 -1.476  1.00 31.55  ? 355 ARG A N   1 
ATOM   90  C CA  . ARG A 1 27 ? -11.953 -23.492 -0.979  1.00 34.60  ? 355 ARG A CA  1 
ATOM   91  C C   . ARG A 1 27 ? -11.081 -22.930 -2.082  1.00 34.73  ? 355 ARG A C   1 
ATOM   92  O O   . ARG A 1 27 ? -10.417 -21.874 -1.889  1.00 34.13  ? 355 ARG A O   1 
ATOM   93  C CB  . ARG A 1 27 ? -11.256 -24.670 -0.290  1.00 37.86  ? 355 ARG A CB  1 
ATOM   94  C CG  . ARG A 1 27 ? -11.249 -24.596 1.237   1.00 48.72  ? 355 ARG A CG  1 
ATOM   95  C CD  . ARG A 1 27 ? -11.683 -25.878 1.946   1.00 54.72  ? 355 ARG A CD  1 
ATOM   96  N NE  . ARG A 1 27 ? -10.665 -26.923 1.906   1.00 57.72  ? 355 ARG A NE  1 
ATOM   97  C CZ  . ARG A 1 27 ? -10.753 -28.094 2.538   1.00 54.04  ? 355 ARG A CZ  1 
ATOM   98  N NH1 . ARG A 1 27 ? -9.773  -28.982 2.430   1.00 48.29  ? 355 ARG A NH1 1 
ATOM   99  N NH2 . ARG A 1 27 ? -11.810 -28.378 3.285   1.00 57.20  ? 355 ARG A NH2 1 
ATOM   100 N N   . ASN A 1 28 ? -11.086 -23.577 -3.238  1.00 27.49  ? 356 ASN A N   1 
ATOM   101 C CA  . ASN A 1 28 ? -10.348 -23.102 -4.403  1.00 30.18  ? 356 ASN A CA  1 
ATOM   102 C C   . ASN A 1 28 ? -10.818 -21.710 -4.819  1.00 32.14  ? 356 ASN A C   1 
ATOM   103 O O   . ASN A 1 28 ? -9.994  -20.854 -5.180  1.00 31.34  ? 356 ASN A O   1 
ATOM   104 C CB  . ASN A 1 28 ? -10.560 -24.041 -5.586  1.00 29.82  ? 356 ASN A CB  1 
ATOM   105 C CG  . ASN A 1 28 ? -9.645  -25.272 -5.557  1.00 29.51  ? 356 ASN A CG  1 
ATOM   106 O OD1 . ASN A 1 28 ? -8.793  -25.435 -4.667  1.00 29.41  ? 356 ASN A OD1 1 
ATOM   107 N ND2 . ASN A 1 28 ? -9.774  -26.102 -6.584  1.00 31.20  ? 356 ASN A ND2 1 
ATOM   108 N N   . ALA A 1 29 ? -12.142 -21.510 -4.818  1.00 32.30  ? 357 ALA A N   1 
ATOM   109 C CA  . ALA A 1 29 ? -12.698 -20.200 -5.205  1.00 33.55  ? 357 ALA A CA  1 
ATOM   110 C C   . ALA A 1 29 ? -12.245 -19.065 -4.265  1.00 33.98  ? 357 ALA A C   1 
ATOM   111 O O   . ALA A 1 29 ? -11.713 -17.984 -4.699  1.00 34.66  ? 357 ALA A O   1 
ATOM   112 C CB  . ALA A 1 29 ? -14.233 -20.295 -5.261  1.00 36.18  ? 357 ALA A CB  1 
ATOM   113 N N   . LEU A 1 30 ? -12.443 -19.313 -2.972  1.00 33.61  ? 358 LEU A N   1 
ATOM   114 C CA  . LEU A 1 30 ? -12.054 -18.333 -1.959  1.00 35.77  ? 358 LEU A CA  1 
ATOM   115 C C   . LEU A 1 30 ? -10.565 -18.042 -1.986  1.00 36.14  ? 358 LEU A C   1 
ATOM   116 O O   . LEU A 1 30 ? -10.137 -16.863 -1.902  1.00 35.12  ? 358 LEU A O   1 
ATOM   117 C CB  . LEU A 1 30 ? -12.443 -18.822 -0.564  1.00 34.29  ? 358 LEU A CB  1 
ATOM   118 C CG  . LEU A 1 30 ? -13.932 -18.816 -0.226  1.00 40.02  ? 358 LEU A CG  1 
ATOM   119 C CD1 . LEU A 1 30 ? -14.187 -19.641 1.034   1.00 39.99  ? 358 LEU A CD1 1 
ATOM   120 C CD2 . LEU A 1 30 ? -14.430 -17.412 -0.048  1.00 43.65  ? 358 LEU A CD2 1 
ATOM   121 N N   . GLU A 1 31 ? -9.765  -19.095 -2.100  1.00 30.65  ? 359 GLU A N   1 
ATOM   122 C CA  . GLU A 1 31 ? -8.307  -18.958 -2.157  1.00 36.69  ? 359 GLU A CA  1 
ATOM   123 C C   . GLU A 1 31 ? -7.869  -18.118 -3.350  1.00 34.96  ? 359 GLU A C   1 
ATOM   124 O O   . GLU A 1 31 ? -7.013  -17.181 -3.220  1.00 33.65  ? 359 GLU A O   1 
ATOM   125 C CB  . GLU A 1 31 ? -7.666  -20.338 -2.216  1.00 35.11  ? 359 GLU A CB  1 
ATOM   126 C CG  . GLU A 1 31 ? -6.151  -20.372 -2.108  1.00 36.02  ? 359 GLU A CG  1 
ATOM   127 C CD  . GLU A 1 31 ? -5.620  -21.817 -2.067  1.00 36.25  ? 359 GLU A CD  1 
ATOM   128 O OE1 . GLU A 1 31 ? -5.669  -22.511 -3.106  1.00 33.08  ? 359 GLU A OE1 1 
ATOM   129 O OE2 . GLU A 1 31 ? -5.140  -22.245 -1.000  1.00 37.94  ? 359 GLU A OE2 1 
ATOM   130 N N   . ALA A 1 32 ? -8.452  -18.398 -4.512  1.00 30.07  ? 360 ALA A N   1 
ATOM   131 C CA  . ALA A 1 32 ? -8.102  -17.645 -5.719  1.00 31.40  ? 360 ALA A CA  1 
ATOM   132 C C   . ALA A 1 32 ? -8.330  -16.147 -5.488  1.00 32.26  ? 360 ALA A C   1 
ATOM   133 O O   . ALA A 1 32 ? -7.436  -15.325 -5.775  1.00 34.69  ? 360 ALA A O   1 
ATOM   134 C CB  . ALA A 1 32 ? -8.912  -18.136 -6.918  1.00 32.95  ? 360 ALA A CB  1 
ATOM   135 N N   . SER A 1 33 ? -9.513  -15.824 -4.951  1.00 36.22  ? 361 SER A N   1 
ATOM   136 C CA  A SER A 1 33 ? -9.870  -14.428 -4.677  0.33 38.33  ? 361 SER A CA  1 
ATOM   137 C CA  B SER A 1 33 ? -9.855  -14.414 -4.708  0.67 37.21  ? 361 SER A CA  1 
ATOM   138 C C   . SER A 1 33 ? -8.944  -13.748 -3.658  1.00 37.29  ? 361 SER A C   1 
ATOM   139 O O   . SER A 1 33 ? -8.397  -12.638 -3.893  1.00 37.60  ? 361 SER A O   1 
ATOM   140 C CB  A SER A 1 33 ? -11.323 -14.337 -4.203  0.33 39.03  ? 361 SER A CB  1 
ATOM   141 C CB  B SER A 1 33 ? -11.344 -14.275 -4.339  0.67 38.30  ? 361 SER A CB  1 
ATOM   142 O OG  A SER A 1 33 ? -12.205 -14.502 -5.293  0.33 40.31  ? 361 SER A OG  1 
ATOM   143 O OG  B SER A 1 33 ? -11.671 -12.922 -4.031  0.67 39.62  ? 361 SER A OG  1 
ATOM   144 N N   . VAL A 1 34 ? -8.770  -14.395 -2.512  1.00 37.07  ? 362 VAL A N   1 
ATOM   145 C CA  . VAL A 1 34 ? -7.958  -13.838 -1.430  1.00 38.24  ? 362 VAL A CA  1 
ATOM   146 C C   . VAL A 1 34 ? -6.490  -13.629 -1.832  1.00 39.23  ? 362 VAL A C   1 
ATOM   147 O O   . VAL A 1 34 ? -5.888  -12.587 -1.529  1.00 38.28  ? 362 VAL A O   1 
ATOM   148 C CB  . VAL A 1 34 ? -8.042  -14.747 -0.173  1.00 40.95  ? 362 VAL A CB  1 
ATOM   149 C CG1 . VAL A 1 34 ? -7.036  -14.308 0.870   1.00 41.01  ? 362 VAL A CG1 1 
ATOM   150 C CG2 . VAL A 1 34 ? -9.474  -14.739 0.406   1.00 39.76  ? 362 VAL A CG2 1 
ATOM   151 N N   . GLU A 1 35 ? -5.921  -14.595 -2.545  1.00 35.86  ? 363 GLU A N   1 
ATOM   152 C CA  . GLU A 1 35 ? -4.537  -14.499 -2.982  1.00 35.78  ? 363 GLU A CA  1 
ATOM   153 C C   . GLU A 1 35 ? -4.385  -13.437 -4.058  1.00 37.08  ? 363 GLU A C   1 
ATOM   154 O O   . GLU A 1 35 ? -3.345  -12.768 -4.110  1.00 38.11  ? 363 GLU A O   1 
ATOM   155 C CB  . GLU A 1 35 ? -3.997  -15.866 -3.432  1.00 37.35  ? 363 GLU A CB  1 
ATOM   156 C CG  . GLU A 1 35 ? -3.947  -16.804 -2.237  1.00 36.86  ? 363 GLU A CG  1 
ATOM   157 C CD  . GLU A 1 35 ? -3.466  -18.185 -2.581  1.00 39.10  ? 363 GLU A CD  1 
ATOM   158 O OE1 . GLU A 1 35 ? -3.442  -18.510 -3.785  1.00 38.67  ? 363 GLU A OE1 1 
ATOM   159 O OE2 . GLU A 1 35 ? -3.121  -18.933 -1.637  1.00 41.96  ? 363 GLU A OE2 1 
ATOM   160 N N   . GLU A 1 36 ? -5.404  -13.262 -4.903  1.00 36.12  ? 364 GLU A N   1 
ATOM   161 C CA  . GLU A 1 36 ? -5.302  -12.214 -5.913  1.00 37.89  ? 364 GLU A CA  1 
ATOM   162 C C   . GLU A 1 36 ? -5.346  -10.828 -5.248  1.00 36.94  ? 364 GLU A C   1 
ATOM   163 O O   . GLU A 1 36 ? -4.558  -9.924  -5.604  1.00 37.83  ? 364 GLU A O   1 
ATOM   164 C CB  . GLU A 1 36 ? -6.384  -12.347 -6.983  1.00 40.52  ? 364 GLU A CB  1 
ATOM   165 C CG  . GLU A 1 36 ? -6.334  -11.247 -8.065  1.00 44.83  ? 364 GLU A CG  1 
ATOM   166 C CD  . GLU A 1 36 ? -5.177  -11.406 -9.051  1.00 58.69  ? 364 GLU A CD  1 
ATOM   167 O OE1 . GLU A 1 36 ? -4.431  -12.408 -8.987  1.00 59.07  ? 364 GLU A OE1 1 
ATOM   168 O OE2 . GLU A 1 36 ? -5.008  -10.514 -9.907  1.00 61.15  ? 364 GLU A OE2 1 
ATOM   169 N N   . ARG A 1 37 ? -6.234  -10.673 -4.265  1.00 36.17  ? 365 ARG A N   1 
ATOM   170 C CA  . ARG A 1 37 ? -6.251  -9.431  -3.466  1.00 37.04  ? 365 ARG A CA  1 
ATOM   171 C C   . ARG A 1 37 ? -4.899  -9.165  -2.778  1.00 38.46  ? 365 ARG A C   1 
ATOM   172 O O   . ARG A 1 37 ? -4.385  -8.016  -2.784  1.00 37.11  ? 365 ARG A O   1 
ATOM   173 C CB  . ARG A 1 37 ? -7.396  -9.508  -2.432  1.00 36.68  ? 365 ARG A CB  1 
ATOM   174 C CG  . ARG A 1 37 ? -7.549  -8.257  -1.560  1.00 39.32  ? 365 ARG A CG  1 
ATOM   175 C CD  . ARG A 1 37 ? -7.828  -7.024  -2.380  1.00 42.29  ? 365 ARG A CD  1 
ATOM   176 N NE  . ARG A 1 37 ? -8.082  -5.893  -1.479  1.00 48.70  ? 365 ARG A NE  1 
ATOM   177 C CZ  . ARG A 1 37 ? -8.161  -4.627  -1.858  1.00 47.45  ? 365 ARG A CZ  1 
ATOM   178 N NH1 . ARG A 1 37 ? -7.994  -4.304  -3.132  1.00 48.42  ? 365 ARG A NH1 1 
ATOM   179 N NH2 . ARG A 1 37 ? -8.404  -3.680  -0.955  1.00 44.02  ? 365 ARG A NH2 1 
ATOM   180 N N   . THR A 1 38 ? -4.311  -10.218 -2.208  1.00 36.84  ? 366 THR A N   1 
ATOM   181 C CA  . THR A 1 38 ? -2.982  -10.136 -1.606  1.00 38.33  ? 366 THR A CA  1 
ATOM   182 C C   . THR A 1 38 ? -1.966  -9.618  -2.618  1.00 43.66  ? 366 THR A C   1 
ATOM   183 O O   . THR A 1 38 ? -1.270  -8.642  -2.334  1.00 41.55  ? 366 THR A O   1 
ATOM   184 C CB  . THR A 1 38 ? -2.514  -11.489 -1.032  1.00 41.02  ? 366 THR A CB  1 
ATOM   185 O OG1 . THR A 1 38 ? -3.371  -11.867 0.050   1.00 40.16  ? 366 THR A OG1 1 
ATOM   186 C CG2 . THR A 1 38 ? -1.082  -11.425 -0.512  1.00 39.45  ? 366 THR A CG2 1 
ATOM   187 N N   . ARG A 1 39 ? -1.889  -10.227 -3.805  1.00 38.17  ? 367 ARG A N   1 
ATOM   188 C CA  . ARG A 1 39 ? -0.957  -9.729  -4.840  1.00 38.74  ? 367 ARG A CA  1 
ATOM   189 C C   . ARG A 1 39 ? -1.187  -8.264  -5.157  1.00 40.97  ? 367 ARG A C   1 
ATOM   190 O O   . ARG A 1 39 ? -0.215  -7.501  -5.314  1.00 40.87  ? 367 ARG A O   1 
ATOM   191 C CB  . ARG A 1 39 ? -1.084  -10.541 -6.125  1.00 39.02  ? 367 ARG A CB  1 
ATOM   192 C CG  . ARG A 1 39 ? -0.646  -11.945 -5.927  1.00 42.12  ? 367 ARG A CG  1 
ATOM   193 C CD  . ARG A 1 39 ? -0.419  -12.611 -7.270  1.00 43.52  ? 367 ARG A CD  1 
ATOM   194 N NE  . ARG A 1 39 ? -0.071  -14.017 -7.099  1.00 47.79  ? 367 ARG A NE  1 
ATOM   195 C CZ  . ARG A 1 39 ? -0.951  -15.003 -7.004  1.00 47.75  ? 367 ARG A CZ  1 
ATOM   196 N NH1 . ARG A 1 39 ? -2.259  -14.765 -7.076  1.00 45.09  ? 367 ARG A NH1 1 
ATOM   197 N NH2 . ARG A 1 39 ? -0.514  -16.242 -6.842  1.00 51.59  ? 367 ARG A NH2 1 
ATOM   198 N N   . ASP A 1 40 ? -2.453  -7.866  -5.285  1.00 38.60  ? 368 ASP A N   1 
ATOM   199 C CA  . ASP A 1 40 ? -2.738  -6.454  -5.588  1.00 39.86  ? 368 ASP A CA  1 
ATOM   200 C C   . ASP A 1 40 ? -2.214  -5.541  -4.485  1.00 39.28  ? 368 ASP A C   1 
ATOM   201 O O   . ASP A 1 40 ? -1.686  -4.459  -4.773  1.00 39.57  ? 368 ASP A O   1 
ATOM   202 C CB  . ASP A 1 40 ? -4.238  -6.206  -5.786  1.00 40.31  ? 368 ASP A CB  1 
ATOM   203 C CG  . ASP A 1 40 ? -4.797  -6.900  -7.038  1.00 48.05  ? 368 ASP A CG  1 
ATOM   204 O OD1 . ASP A 1 40 ? -4.015  -7.252  -7.954  1.00 51.20  ? 368 ASP A OD1 1 
ATOM   205 O OD2 . ASP A 1 40 ? -6.028  -7.078  -7.103  1.00 50.92  ? 368 ASP A OD2 1 
ATOM   206 N N   . LEU A 1 41 ? -2.363  -5.965  -3.228  1.00 38.42  ? 369 LEU A N   1 
ATOM   207 C CA  . LEU A 1 41 ? -1.973  -5.105  -2.099  1.00 39.96  ? 369 LEU A CA  1 
ATOM   208 C C   . LEU A 1 41 ? -0.448  -5.080  -1.930  1.00 42.52  ? 369 LEU A C   1 
ATOM   209 O O   . LEU A 1 41 ? 0.112   -4.062  -1.571  1.00 39.78  ? 369 LEU A O   1 
ATOM   210 C CB  . LEU A 1 41 ? -2.673  -5.545  -0.805  1.00 39.37  ? 369 LEU A CB  1 
ATOM   211 C CG  . LEU A 1 41 ? -4.186  -5.310  -0.697  1.00 38.75  ? 369 LEU A CG  1 
ATOM   212 C CD1 . LEU A 1 41 ? -4.705  -6.021  0.514   1.00 41.16  ? 369 LEU A CD1 1 
ATOM   213 C CD2 . LEU A 1 41 ? -4.477  -3.803  -0.559  1.00 37.72  ? 369 LEU A CD2 1 
ATOM   214 N N   . ARG A 1 42 ? 0.224   -6.203  -2.198  1.00 38.22  ? 370 ARG A N   1 
ATOM   215 C CA  . ARG A 1 42 ? 1.684   -6.215  -2.303  1.00 40.48  ? 370 ARG A CA  1 
ATOM   216 C C   . ARG A 1 42 ? 2.172   -5.275  -3.391  1.00 44.17  ? 370 ARG A C   1 
ATOM   217 O O   . ARG A 1 42 ? 3.158   -4.561  -3.191  1.00 42.33  ? 370 ARG A O   1 
ATOM   218 C CB  . ARG A 1 42 ? 2.239   -7.616  -2.579  1.00 43.76  ? 370 ARG A CB  1 
ATOM   219 C CG  . ARG A 1 42 ? 2.348   -8.479  -1.349  1.00 44.99  ? 370 ARG A CG  1 
ATOM   220 C CD  . ARG A 1 42 ? 2.698   -9.911  -1.722  1.00 47.26  ? 370 ARG A CD  1 
ATOM   221 N NE  . ARG A 1 42 ? 2.675   -10.751 -0.537  1.00 58.40  ? 370 ARG A NE  1 
ATOM   222 C CZ  . ARG A 1 42 ? 2.449   -12.057 -0.553  1.00 60.16  ? 370 ARG A CZ  1 
ATOM   223 N NH1 . ARG A 1 42 ? 2.224   -12.684 -1.703  1.00 61.87  ? 370 ARG A NH1 1 
ATOM   224 N NH2 . ARG A 1 42 ? 2.443   -12.737 0.586   1.00 59.74  ? 370 ARG A NH2 1 
ATOM   225 N N   . MET A 1 43 ? 1.494   -5.249  -4.535  1.00 38.93  ? 371 MET A N   1 
ATOM   226 C CA  . MET A 1 43 ? 1.956   -4.393  -5.614  1.00 38.15  ? 371 MET A CA  1 
ATOM   227 C C   . MET A 1 43 ? 1.753   -2.921  -5.233  1.00 38.10  ? 371 MET A C   1 
ATOM   228 O O   . MET A 1 43 ? 2.625   -2.073  -5.490  1.00 39.97  ? 371 MET A O   1 
ATOM   229 C CB  . MET A 1 43 ? 1.214   -4.650  -6.919  1.00 40.85  ? 371 MET A CB  1 
ATOM   230 C CG  . MET A 1 43 ? 1.876   -3.919  -8.126  1.00 46.91  ? 371 MET A CG  1 
ATOM   231 S SD  . MET A 1 43 ? 2.402   -5.189  -9.301  1.00 83.57  ? 371 MET A SD  1 
ATOM   232 C CE  . MET A 1 43 ? 1.435   -4.748  -10.741 1.00 70.47  ? 371 MET A CE  1 
ATOM   233 N N   . ALA A 1 44 ? 0.597   -2.621  -4.644  1.00 36.26  ? 372 ALA A N   1 
ATOM   234 C CA  . ALA A 1 44 ? 0.313   -1.245  -4.218  1.00 36.86  ? 372 ALA A CA  1 
ATOM   235 C C   . ALA A 1 44 ? 1.323   -0.809  -3.172  1.00 39.88  ? 372 ALA A C   1 
ATOM   236 O O   . ALA A 1 44 ? 1.848   0.347   -3.194  1.00 36.89  ? 372 ALA A O   1 
ATOM   237 C CB  . ALA A 1 44 ? -1.110  -1.147  -3.664  1.00 36.32  ? 372 ALA A CB  1 
ATOM   238 N N   . ARG A 1 45 ? 1.623   -1.719  -2.259  1.00 38.59  ? 373 ARG A N   1 
ATOM   239 C CA  . ARG A 1 45 ? 2.613   -1.447  -1.225  1.00 42.02  ? 373 ARG A CA  1 
ATOM   240 C C   . ARG A 1 45 ? 3.989   -1.166  -1.831  1.00 40.84  ? 373 ARG A C   1 
ATOM   241 O O   . ARG A 1 45 ? 4.677   -0.216  -1.408  1.00 38.51  ? 373 ARG A O   1 
ATOM   242 C CB  . ARG A 1 45 ? 2.687   -2.591  -0.205  1.00 39.29  ? 373 ARG A CB  1 
ATOM   243 C CG  . ARG A 1 45 ? 3.679   -2.258  0.917   1.00 45.15  ? 373 ARG A CG  1 
ATOM   244 C CD  . ARG A 1 45 ? 3.654   -3.278  2.027   1.00 49.95  ? 373 ARG A CD  1 
ATOM   245 N NE  . ARG A 1 45 ? 4.213   -4.559  1.615   1.00 48.98  ? 373 ARG A NE  1 
ATOM   246 C CZ  . ARG A 1 45 ? 4.146   -5.666  2.352   1.00 53.06  ? 373 ARG A CZ  1 
ATOM   247 N NH1 . ARG A 1 45 ? 3.552   -5.647  3.544   1.00 51.50  ? 373 ARG A NH1 1 
ATOM   248 N NH2 . ARG A 1 45 ? 4.664   -6.797  1.892   1.00 54.58  ? 373 ARG A NH2 1 
ATOM   249 N N   . ASP A 1 46 ? 4.378   -1.962  -2.827  1.00 38.92  ? 374 ASP A N   1 
ATOM   250 C CA  . ASP A 1 46 ? 5.650   -1.751  -3.538  1.00 40.33  ? 374 ASP A CA  1 
ATOM   251 C C   . ASP A 1 46 ? 5.716   -0.375  -4.179  1.00 40.86  ? 374 ASP A C   1 
ATOM   252 O O   . ASP A 1 46 ? 6.712   0.371   -3.995  1.00 40.42  ? 374 ASP A O   1 
ATOM   253 C CB  . ASP A 1 46 ? 5.844   -2.801  -4.640  1.00 44.32  ? 374 ASP A CB  1 
ATOM   254 C CG  . ASP A 1 46 ? 7.215   -2.725  -5.276  1.00 53.21  ? 374 ASP A CG  1 
ATOM   255 O OD1 . ASP A 1 46 ? 8.183   -3.126  -4.599  1.00 55.43  ? 374 ASP A OD1 1 
ATOM   256 O OD2 . ASP A 1 46 ? 7.342   -2.247  -6.439  1.00 57.69  ? 374 ASP A OD2 1 
ATOM   257 N N   . ARG A 1 47 ? 4.681   -0.039  -4.956  1.00 38.96  ? 375 ARG A N   1 
ATOM   258 C CA  . ARG A 1 47 ? 4.652   1.281   -5.600  1.00 39.33  ? 375 ARG A CA  1 
ATOM   259 C C   . ARG A 1 47 ? 4.810   2.392   -4.553  1.00 38.88  ? 375 ARG A C   1 
ATOM   260 O O   . ARG A 1 47 ? 5.616   3.349   -4.734  1.00 37.63  ? 375 ARG A O   1 
ATOM   261 C CB  . ARG A 1 47 ? 3.385   1.525   -6.451  1.00 41.76  ? 375 ARG A CB  1 
ATOM   262 C CG  . ARG A 1 47 ? 3.213   0.606   -7.679  1.00 48.04  ? 375 ARG A CG  1 
ATOM   263 C CD  . ARG A 1 47 ? 2.006   1.008   -8.554  1.00 47.86  ? 375 ARG A CD  1 
ATOM   264 N NE  . ARG A 1 47 ? 1.638   -0.040  -9.525  1.00 51.06  ? 375 ARG A NE  1 
ATOM   265 C CZ  . ARG A 1 47 ? 0.627   -0.897  -9.389  1.00 59.05  ? 375 ARG A CZ  1 
ATOM   266 N NH1 . ARG A 1 47 ? -0.155  -0.883  -8.311  1.00 55.31  ? 375 ARG A NH1 1 
ATOM   267 N NH2 . ARG A 1 47 ? 0.402   -1.787  -10.341 1.00 57.58  ? 375 ARG A NH2 1 
ATOM   268 N N   . LEU A 1 48 ? 4.073   2.271   -3.452  1.00 34.99  ? 376 LEU A N   1 
ATOM   269 C CA  . LEU A 1 48 ? 4.070   3.333   -2.440  1.00 37.40  ? 376 LEU A CA  1 
ATOM   270 C C   . LEU A 1 48 ? 5.402   3.449   -1.706  1.00 36.36  ? 376 LEU A C   1 
ATOM   271 O O   . LEU A 1 48 ? 5.887   4.569   -1.493  1.00 34.91  ? 376 LEU A O   1 
ATOM   272 C CB  . LEU A 1 48 ? 2.921   3.162   -1.439  1.00 37.64  ? 376 LEU A CB  1 
ATOM   273 C CG  . LEU A 1 48 ? 2.857   4.166   -0.288  1.00 39.36  ? 376 LEU A CG  1 
ATOM   274 C CD1 . LEU A 1 48 ? 2.745   5.580   -0.815  1.00 40.26  ? 376 LEU A CD1 1 
ATOM   275 C CD2 . LEU A 1 48 ? 1.682   3.823   0.589   1.00 41.93  ? 376 LEU A CD2 1 
ATOM   276 N N   . GLU A 1 49 ? 6.002   2.317   -1.342  1.00 37.81  ? 377 GLU A N   1 
ATOM   277 C CA  . GLU A 1 49 ? 7.356   2.329   -0.782  1.00 38.10  ? 377 GLU A CA  1 
ATOM   278 C C   . GLU A 1 49 ? 8.363   3.010   -1.727  1.00 36.71  ? 377 GLU A C   1 
ATOM   279 O O   . GLU A 1 49 ? 9.225   3.756   -1.268  1.00 36.60  ? 377 GLU A O   1 
ATOM   280 C CB  . GLU A 1 49 ? 7.818   0.907   -0.438  1.00 39.33  ? 377 GLU A CB  1 
ATOM   281 C CG  . GLU A 1 49 ? 7.228   0.393   0.862   1.00 44.72  ? 377 GLU A CG  1 
ATOM   282 C CD  . GLU A 1 49 ? 7.444   -1.105  1.063   1.00 48.11  ? 377 GLU A CD  1 
ATOM   283 O OE1 . GLU A 1 49 ? 7.975   -1.769  0.142   1.00 50.89  ? 377 GLU A OE1 1 
ATOM   284 O OE2 . GLU A 1 49 ? 7.079   -1.621  2.143   1.00 49.59  ? 377 GLU A OE2 1 
ATOM   285 N N   . THR A 1 50 ? 8.266   2.731   -3.026  1.00 35.91  ? 378 THR A N   1 
ATOM   286 C CA  . THR A 1 50 ? 9.167   3.376   -4.001  1.00 35.41  ? 378 THR A CA  1 
ATOM   287 C C   . THR A 1 50 ? 8.960   4.879   -3.998  1.00 33.74  ? 378 THR A C   1 
ATOM   288 O O   . THR A 1 50 ? 9.951   5.653   -3.998  1.00 33.12  ? 378 THR A O   1 
ATOM   289 C CB  . THR A 1 50 ? 8.946   2.809   -5.417  1.00 34.86  ? 378 THR A CB  1 
ATOM   290 O OG1 . THR A 1 50 ? 9.193   1.395   -5.397  1.00 38.06  ? 378 THR A OG1 1 
ATOM   291 C CG2 . THR A 1 50 ? 9.858   3.431   -6.414  1.00 37.71  ? 378 THR A CG2 1 
ATOM   292 N N   . GLU A 1 51 ? 7.691   5.297   -3.978  1.00 33.77  ? 379 GLU A N   1 
ATOM   293 C CA  . GLU A 1 51 ? 7.395   6.754   -3.895  1.00 36.34  ? 379 GLU A CA  1 
ATOM   294 C C   . GLU A 1 51 ? 7.907   7.420   -2.616  1.00 36.60  ? 379 GLU A C   1 
ATOM   295 O O   . GLU A 1 51 ? 8.384   8.573   -2.639  1.00 33.93  ? 379 GLU A O   1 
ATOM   296 C CB  . GLU A 1 51 ? 5.882   7.000   -4.034  1.00 37.10  ? 379 GLU A CB  1 
ATOM   297 C CG  . GLU A 1 51 ? 5.364   6.701   -5.420  1.00 38.19  ? 379 GLU A CG  1 
ATOM   298 C CD  . GLU A 1 51 ? 3.913   7.101   -5.595  1.00 47.31  ? 379 GLU A CD  1 
ATOM   299 O OE1 . GLU A 1 51 ? 3.496   8.153   -5.059  1.00 47.47  ? 379 GLU A OE1 1 
ATOM   300 O OE2 . GLU A 1 51 ? 3.183   6.354   -6.267  1.00 46.43  ? 379 GLU A OE2 1 
ATOM   301 N N   . ILE A 1 52 ? 7.781   6.723   -1.494  1.00 34.81  ? 380 ILE A N   1 
ATOM   302 C CA  . ILE A 1 52 ? 8.229   7.248   -0.208  1.00 35.76  ? 380 ILE A CA  1 
ATOM   303 C C   . ILE A 1 52 ? 9.744   7.358   -0.204  1.00 35.83  ? 380 ILE A C   1 
ATOM   304 O O   . ILE A 1 52 ? 10.310  8.332   0.307   1.00 35.19  ? 380 ILE A O   1 
ATOM   305 C CB  . ILE A 1 52 ? 7.720   6.363   0.970   1.00 35.57  ? 380 ILE A CB  1 
ATOM   306 C CG1 . ILE A 1 52 ? 6.209   6.557   1.144   1.00 35.91  ? 380 ILE A CG1 1 
ATOM   307 C CG2 . ILE A 1 52 ? 8.461   6.718   2.258   1.00 36.64  ? 380 ILE A CG2 1 
ATOM   308 C CD1 . ILE A 1 52 ? 5.525   5.504   2.063   1.00 37.46  ? 380 ILE A CD1 1 
ATOM   309 N N   . ALA A 1 53 ? 10.412  6.372   -0.792  1.00 36.00  ? 381 ALA A N   1 
ATOM   310 C CA  . ALA A 1 53 ? 11.872  6.433   -0.900  1.00 34.68  ? 381 ALA A CA  1 
ATOM   311 C C   . ALA A 1 53 ? 12.338  7.620   -1.751  1.00 34.26  ? 381 ALA A C   1 
ATOM   312 O O   . ALA A 1 53 ? 13.305  8.289   -1.385  1.00 34.10  ? 381 ALA A O   1 
ATOM   313 C CB  . ALA A 1 53 ? 12.427  5.134   -1.446  1.00 37.55  ? 381 ALA A CB  1 
ATOM   314 N N   . ASP A 1 54 ? 11.657  7.864   -2.872  1.00 30.63  ? 382 ASP A N   1 
ATOM   315 C CA  . ASP A 1 54 ? 11.980  9.007   -3.771  1.00 30.02  ? 382 ASP A CA  1 
ATOM   316 C C   . ASP A 1 54 ? 11.808  10.303  -2.981  1.00 29.93  ? 382 ASP A C   1 
ATOM   317 O O   . ASP A 1 54 ? 12.661  11.243  -3.050  1.00 30.09  ? 382 ASP A O   1 
ATOM   318 C CB  . ASP A 1 54 ? 11.028  8.936   -4.972  1.00 30.96  ? 382 ASP A CB  1 
ATOM   319 C CG  . ASP A 1 54 ? 11.294  9.976   -6.049  1.00 31.84  ? 382 ASP A CG  1 
ATOM   320 O OD1 . ASP A 1 54 ? 12.402  10.589  -6.114  1.00 31.41  ? 382 ASP A OD1 1 
ATOM   321 O OD2 . ASP A 1 54 ? 10.394  10.071  -6.944  1.00 32.58  ? 382 ASP A OD2 1 
ATOM   322 N N   . HIS A 1 55 ? 10.696  10.374  -2.253  1.00 32.09  ? 383 HIS A N   1 
ATOM   323 C CA  . HIS A 1 55 ? 10.378  11.566  -1.463  1.00 33.41  ? 383 HIS A CA  1 
ATOM   324 C C   . HIS A 1 55 ? 11.407  11.822  -0.352  1.00 30.34  ? 383 HIS A C   1 
ATOM   325 O O   . HIS A 1 55 ? 11.828  12.982  -0.097  1.00 31.45  ? 383 HIS A O   1 
ATOM   326 C CB  . HIS A 1 55 ? 8.949   11.460  -0.916  1.00 34.30  ? 383 HIS A CB  1 
ATOM   327 C CG  . HIS A 1 55 ? 8.509   12.661  -0.141  1.00 34.89  ? 383 HIS A CG  1 
ATOM   328 N ND1 . HIS A 1 55 ? 8.322   13.891  -0.732  1.00 34.38  ? 383 HIS A ND1 1 
ATOM   329 C CD2 . HIS A 1 55 ? 8.207   12.818  1.172   1.00 35.54  ? 383 HIS A CD2 1 
ATOM   330 C CE1 . HIS A 1 55 ? 7.926   14.758  0.188   1.00 35.76  ? 383 HIS A CE1 1 
ATOM   331 N NE2 . HIS A 1 55 ? 7.868   14.140  1.351   1.00 37.60  ? 383 HIS A NE2 1 
ATOM   332 N N   . ARG A 1 56 ? 11.854  10.748  0.272   1.00 35.99  ? 384 ARG A N   1 
ATOM   333 C CA  A ARG A 1 56 ? 12.861  10.806  1.316   0.57 39.09  ? 384 ARG A CA  1 
ATOM   334 C CA  B ARG A 1 56 ? 12.874  10.806  1.309   0.43 38.95  ? 384 ARG A CA  1 
ATOM   335 C C   . ARG A 1 56 ? 14.220  11.255  0.771   1.00 40.37  ? 384 ARG A C   1 
ATOM   336 O O   . ARG A 1 56 ? 14.869  12.143  1.346   1.00 39.45  ? 384 ARG A O   1 
ATOM   337 C CB  A ARG A 1 56 ? 12.955  9.461   2.062   0.57 39.66  ? 384 ARG A CB  1 
ATOM   338 C CB  B ARG A 1 56 ? 13.044  9.458   2.007   0.43 39.49  ? 384 ARG A CB  1 
ATOM   339 C CG  A ARG A 1 56 ? 14.283  9.264   2.775   0.57 43.12  ? 384 ARG A CG  1 
ATOM   340 C CG  B ARG A 1 56 ? 14.241  9.455   2.945   0.43 38.50  ? 384 ARG A CG  1 
ATOM   341 C CD  A ARG A 1 56 ? 14.293  8.129   3.806   0.57 48.15  ? 384 ARG A CD  1 
ATOM   342 C CD  B ARG A 1 56 ? 14.335  8.174   3.723   0.43 46.66  ? 384 ARG A CD  1 
ATOM   343 N NE  A ARG A 1 56 ? 13.017  7.430   3.982   0.57 52.18  ? 384 ARG A NE  1 
ATOM   344 N NE  B ARG A 1 56 ? 15.356  8.232   4.767   0.43 45.71  ? 384 ARG A NE  1 
ATOM   345 C CZ  A ARG A 1 56 ? 12.788  6.549   4.951   0.57 52.14  ? 384 ARG A CZ  1 
ATOM   346 C CZ  B ARG A 1 56 ? 15.406  7.376   5.784   0.43 51.68  ? 384 ARG A CZ  1 
ATOM   347 N NH1 A ARG A 1 56 ? 13.744  6.264   5.828   0.57 53.58  ? 384 ARG A NH1 1 
ATOM   348 N NH1 B ARG A 1 56 ? 14.497  6.424   5.880   0.43 51.15  ? 384 ARG A NH1 1 
ATOM   349 N NH2 A ARG A 1 56 ? 11.608  5.946   5.053   0.57 43.15  ? 384 ARG A NH2 1 
ATOM   350 N NH2 B ARG A 1 56 ? 16.358  7.474   6.702   0.43 54.14  ? 384 ARG A NH2 1 
ATOM   351 N N   . GLN A 1 57 ? 14.660  10.662  -0.335  1.00 37.32  ? 385 GLN A N   1 
ATOM   352 C CA  . GLN A 1 57 ? 15.887  11.137  -0.977  1.00 41.53  ? 385 GLN A CA  1 
ATOM   353 C C   . GLN A 1 57 ? 15.787  12.628  -1.293  1.00 40.23  ? 385 GLN A C   1 
ATOM   354 O O   . GLN A 1 57 ? 16.721  13.410  -1.046  1.00 41.63  ? 385 GLN A O   1 
ATOM   355 C CB  . GLN A 1 57 ? 16.158  10.379  -2.274  1.00 45.71  ? 385 GLN A CB  1 
ATOM   356 C CG  . GLN A 1 57 ? 16.684  8.984   -2.058  1.00 55.33  ? 385 GLN A CG  1 
ATOM   357 C CD  . GLN A 1 57 ? 18.013  8.992   -1.335  1.00 61.38  ? 385 GLN A CD  1 
ATOM   358 O OE1 . GLN A 1 57 ? 18.114  8.543   -0.191  1.00 64.01  ? 385 GLN A OE1 1 
ATOM   359 N NE2 . GLN A 1 57 ? 19.043  9.516   -1.996  1.00 56.88  ? 385 GLN A NE2 1 
ATOM   360 N N   . THR A 1 58 ? 14.651  13.020  -1.860  1.00 33.84  ? 386 THR A N   1 
ATOM   361 C CA  . THR A 1 58 ? 14.452  14.411  -2.263  1.00 32.83  ? 386 THR A CA  1 
ATOM   362 C C   . THR A 1 58 ? 14.541  15.355  -1.074  1.00 31.69  ? 386 THR A C   1 
ATOM   363 O O   . THR A 1 58 ? 15.257  16.399  -1.131  1.00 30.50  ? 386 THR A O   1 
ATOM   364 C CB  . THR A 1 58 ? 13.082  14.596  -2.960  1.00 33.23  ? 386 THR A CB  1 
ATOM   365 O OG1 . THR A 1 58 ? 13.033  13.768  -4.132  1.00 35.08  ? 386 THR A OG1 1 
ATOM   366 C CG2 . THR A 1 58 ? 12.882  16.062  -3.372  1.00 33.88  ? 386 THR A CG2 1 
ATOM   367 N N   . THR A 1 59 ? 13.824  15.017  -0.005  1.00 43.50  ? 387 THR A N   1 
ATOM   368 C CA  . THR A 1 59 ? 13.754  15.882  1.184   1.00 43.55  ? 387 THR A CA  1 
ATOM   369 C C   . THR A 1 59 ? 15.094  15.922  1.917   1.00 39.37  ? 387 THR A C   1 
ATOM   370 O O   . THR A 1 59 ? 15.514  16.980  2.401   1.00 38.58  ? 387 THR A O   1 
ATOM   371 C CB  . THR A 1 59 ? 12.626  15.468  2.167   1.00 47.52  ? 387 THR A CB  1 
ATOM   372 O OG1 . THR A 1 59 ? 12.872  14.148  2.668   1.00 52.47  ? 387 THR A OG1 1 
ATOM   373 C CG2 . THR A 1 59 ? 11.261  15.508  1.489   1.00 41.83  ? 387 THR A CG2 1 
ATOM   374 N N   . GLU A 1 60 ? 15.759  14.771  2.004   1.00 39.21  ? 388 GLU A N   1 
ATOM   375 C CA  . GLU A 1 60 ? 17.071  14.701  2.647   1.00 41.45  ? 388 GLU A CA  1 
ATOM   376 C C   . GLU A 1 60 ? 18.092  15.568  1.908   1.00 44.30  ? 388 GLU A C   1 
ATOM   377 O O   . GLU A 1 60 ? 18.861  16.313  2.543   1.00 41.09  ? 388 GLU A O   1 
ATOM   378 C CB  . GLU A 1 60 ? 17.556  13.253  2.739   1.00 40.55  ? 388 GLU A CB  1 
ATOM   379 C CG  . GLU A 1 60 ? 16.960  12.497  3.899   1.00 46.26  ? 388 GLU A CG  1 
ATOM   380 C CD  . GLU A 1 60 ? 17.367  11.037  3.903   1.00 56.59  ? 388 GLU A CD  1 
ATOM   381 O OE1 . GLU A 1 60 ? 18.192  10.649  3.049   1.00 61.62  ? 388 GLU A OE1 1 
ATOM   382 O OE2 . GLU A 1 60 ? 16.855  10.284  4.746   1.00 62.37  ? 388 GLU A OE2 1 
ATOM   383 N N   . LYS A 1 61 ? 18.103  15.469  0.582   1.00 34.91  ? 389 LYS A N   1 
ATOM   384 C CA  . LYS A 1 61 ? 19.029  16.273  -0.209  1.00 40.09  ? 389 LYS A CA  1 
ATOM   385 C C   . LYS A 1 61 ? 18.693  17.754  -0.145  1.00 39.67  ? 389 LYS A C   1 
ATOM   386 O O   . LYS A 1 61 ? 19.593  18.574  -0.017  1.00 41.62  ? 389 LYS A O   1 
ATOM   387 C CB  . LYS A 1 61 ? 19.097  15.784  -1.661  1.00 41.72  ? 389 LYS A CB  1 
ATOM   388 C CG  . LYS A 1 61 ? 19.769  14.422  -1.771  1.00 42.78  ? 389 LYS A CG  1 
ATOM   389 C CD  . LYS A 1 61 ? 20.048  14.016  -3.201  1.00 38.72  ? 389 LYS A CD  1 
ATOM   390 C CE  . LYS A 1 61 ? 20.606  12.591  -3.222  1.00 44.84  ? 389 LYS A CE  1 
ATOM   391 N NZ  . LYS A 1 61 ? 20.467  11.993  -4.567  1.00 59.87  ? 389 LYS A NZ  1 
ATOM   392 N N   . LEU A 1 62 ? 17.411  18.106  -0.184  1.00 36.56  ? 390 LEU A N   1 
ATOM   393 C CA  . LEU A 1 62 ? 17.047  19.534  -0.066  1.00 33.55  ? 390 LEU A CA  1 
ATOM   394 C C   . LEU A 1 62 ? 17.397  20.081  1.315   1.00 37.50  ? 390 LEU A C   1 
ATOM   395 O O   . LEU A 1 62 ? 17.789  21.265  1.453   1.00 41.65  ? 390 LEU A O   1 
ATOM   396 C CB  . LEU A 1 62 ? 15.549  19.709  -0.332  1.00 38.48  ? 390 LEU A CB  1 
ATOM   397 C CG  . LEU A 1 62 ? 15.131  19.506  -1.801  1.00 33.47  ? 390 LEU A CG  1 
ATOM   398 C CD1 . LEU A 1 62 ? 13.634  19.650  -1.929  1.00 36.26  ? 390 LEU A CD1 1 
ATOM   399 C CD2 . LEU A 1 62 ? 15.866  20.567  -2.617  1.00 34.67  ? 390 LEU A CD2 1 
ATOM   400 N N   . GLN A 1 63 ? 17.270  19.245  2.344   1.00 38.37  ? 391 GLN A N   1 
ATOM   401 C CA  . GLN A 1 63 ? 17.662  19.656  3.696   1.00 45.60  ? 391 GLN A CA  1 
ATOM   402 C C   . GLN A 1 63 ? 19.163  19.953  3.781   1.00 46.55  ? 391 GLN A C   1 
ATOM   403 O O   . GLN A 1 63 ? 19.587  20.930  4.425   1.00 47.94  ? 391 GLN A O   1 
ATOM   404 C CB  . GLN A 1 63 ? 17.228  18.586  4.720   1.00 45.07  ? 391 GLN A CB  1 
ATOM   405 C CG  . GLN A 1 63 ? 15.747  18.664  5.054   1.00 45.91  ? 391 GLN A CG  1 
ATOM   406 C CD  . GLN A 1 63 ? 15.218  17.410  5.737   1.00 67.47  ? 391 GLN A CD  1 
ATOM   407 O OE1 . GLN A 1 63 ? 15.984  16.507  6.084   1.00 70.89  ? 391 GLN A OE1 1 
ATOM   408 N NE2 . GLN A 1 63 ? 13.898  17.349  5.931   1.00 56.53  ? 391 GLN A NE2 1 
ATOM   409 N N   . ALA A 1 64 ? 19.954  19.150  3.077   1.00 44.23  ? 392 ALA A N   1 
ATOM   410 C CA  . ALA A 1 64 ? 21.408  19.253  3.132   1.00 46.64  ? 392 ALA A CA  1 
ATOM   411 C C   . ALA A 1 64 ? 21.879  20.553  2.498   1.00 45.40  ? 392 ALA A C   1 
ATOM   412 O O   . ALA A 1 64 ? 22.898  21.121  2.912   1.00 54.51  ? 392 ALA A O   1 
ATOM   413 C CB  . ALA A 1 64 ? 22.049  18.072  2.432   1.00 52.70  ? 392 ALA A CB  1 
ATOM   414 N N   . VAL A 1 65 ? 21.145  21.028  1.496   1.00 44.25  ? 393 VAL A N   1 
ATOM   415 C CA  . VAL A 1 65 ? 21.576  22.253  0.797   1.00 47.94  ? 393 VAL A CA  1 
ATOM   416 C C   . VAL A 1 65 ? 20.933  23.547  1.289   1.00 63.23  ? 393 VAL A C   1 
ATOM   417 O O   . VAL A 1 65 ? 21.269  24.631  0.805   1.00 65.90  ? 393 VAL A O   1 
ATOM   418 C CB  . VAL A 1 65 ? 21.401  22.145  -0.734  1.00 50.45  ? 393 VAL A CB  1 
ATOM   419 C CG1 . VAL A 1 65 ? 22.183  20.985  -1.264  1.00 51.91  ? 393 VAL A CG1 1 
ATOM   420 C CG2 . VAL A 1 65 ? 19.948  22.021  -1.117  1.00 41.35  ? 393 VAL A CG2 1 
ATOM   421 N N   . GLN A 1 66 ? 20.039  23.444  2.266   1.00 69.01  ? 394 GLN A N   1 
ATOM   422 C CA  . GLN A 1 66 ? 19.306  24.607  2.761   1.00 81.78  ? 394 GLN A CA  1 
ATOM   423 C C   . GLN A 1 66 ? 20.178  25.495  3.639   1.00 82.95  ? 394 GLN A C   1 
ATOM   424 O O   . GLN A 1 66 ? 19.921  26.691  3.772   1.00 100.42 ? 394 GLN A O   1 
ATOM   425 C CB  . GLN A 1 66 ? 18.044  24.174  3.510   1.00 90.93  ? 394 GLN A CB  1 
ATOM   426 C CG  . GLN A 1 66 ? 16.939  25.218  3.511   1.00 88.14  ? 394 GLN A CG  1 
ATOM   427 C CD  . GLN A 1 66 ? 15.561  24.597  3.625   1.00 91.33  ? 394 GLN A CD  1 
ATOM   428 O OE1 . GLN A 1 66 ? 15.375  23.609  4.335   1.00 77.17  ? 394 GLN A OE1 1 
ATOM   429 N NE2 . GLN A 1 66 ? 14.589  25.169  2.916   1.00 86.13  ? 394 GLN A NE2 1 
ATOM   430 N N   . GLN A 1 67 ? 21.225  24.897  4.203   1.00 77.14  ? 395 GLN A N   1 
ATOM   431 C CA  . GLN A 1 67 ? 22.267  25.649  4.890   1.00 93.30  ? 395 GLN A CA  1 
ATOM   432 C C   . GLN A 1 67 ? 23.638  25.007  4.649   1.00 102.96 ? 395 GLN A C   1 
ATOM   433 O O   . GLN A 1 67 ? 23.774  24.080  3.839   1.00 94.65  ? 395 GLN A O   1 
ATOM   434 C CB  . GLN A 1 67 ? 21.975  25.760  6.393   1.00 94.29  ? 395 GLN A CB  1 
ATOM   435 N N   . MET B 1 21 ? 10.834  38.737  -4.488  1.00 94.40  ? 349 MET F N   1 
ATOM   436 C CA  . MET B 1 21 ? 12.123  38.375  -5.069  1.00 85.05  ? 349 MET F CA  1 
ATOM   437 C C   . MET B 1 21 ? 11.986  37.020  -5.762  1.00 73.92  ? 349 MET F C   1 
ATOM   438 O O   . MET B 1 21 ? 11.322  36.112  -5.249  1.00 69.88  ? 349 MET F O   1 
ATOM   439 C CB  . MET B 1 21 ? 13.200  38.331  -3.983  1.00 79.04  ? 349 MET F CB  1 
ATOM   440 C CG  . MET B 1 21 ? 14.641  38.320  -4.482  1.00 66.43  ? 349 MET F CG  1 
ATOM   441 S SD  . MET B 1 21 ? 15.784  38.855  -3.180  1.00 132.81 ? 349 MET F SD  1 
ATOM   442 C CE  . MET B 1 21 ? 16.917  37.466  -3.068  1.00 72.42  ? 349 MET F CE  1 
ATOM   443 N N   . GLU B 1 22 ? 12.606  36.885  -6.931  1.00 65.84  ? 350 GLU F N   1 
ATOM   444 C CA  . GLU B 1 22 ? 12.434  35.678  -7.741  1.00 65.94  ? 350 GLU F CA  1 
ATOM   445 C C   . GLU B 1 22 ? 12.933  34.406  -7.067  1.00 68.68  ? 350 GLU F C   1 
ATOM   446 O O   . GLU B 1 22 ? 12.252  33.370  -7.113  1.00 61.84  ? 350 GLU F O   1 
ATOM   447 C CB  . GLU B 1 22 ? 13.130  35.823  -9.089  1.00 80.10  ? 350 GLU F CB  1 
ATOM   448 C CG  . GLU B 1 22 ? 12.572  34.907  -10.157 1.00 86.80  ? 350 GLU F CG  1 
ATOM   449 C CD  . GLU B 1 22 ? 11.426  35.549  -10.917 1.00 110.48 ? 350 GLU F CD  1 
ATOM   450 O OE1 . GLU B 1 22 ? 10.749  36.430  -10.340 1.00 114.99 ? 350 GLU F OE1 1 
ATOM   451 O OE2 . GLU B 1 22 ? 11.216  35.188  -12.097 1.00 114.77 ? 350 GLU F OE2 1 
ATOM   452 N N   . GLU B 1 23 ? 14.122  34.459  -6.470  1.00 63.74  ? 351 GLU F N   1 
ATOM   453 C CA  . GLU B 1 23 ? 14.670  33.261  -5.835  1.00 65.42  ? 351 GLU F CA  1 
ATOM   454 C C   . GLU B 1 23 ? 13.840  32.853  -4.622  1.00 69.62  ? 351 GLU F C   1 
ATOM   455 O O   . GLU B 1 23 ? 13.679  31.653  -4.337  1.00 53.43  ? 351 GLU F O   1 
ATOM   456 C CB  . GLU B 1 23 ? 16.135  33.441  -5.450  1.00 66.87  ? 351 GLU F CB  1 
ATOM   457 C CG  . GLU B 1 23 ? 17.022  33.920  -6.593  1.00 86.63  ? 351 GLU F CG  1 
ATOM   458 C CD  . GLU B 1 23 ? 17.711  35.226  -6.280  1.00 94.20  ? 351 GLU F CD  1 
ATOM   459 O OE1 . GLU B 1 23 ? 17.296  36.277  -6.829  1.00 87.52  ? 351 GLU F OE1 1 
ATOM   460 O OE2 . GLU B 1 23 ? 18.679  35.206  -5.487  1.00 98.44  ? 351 GLU F OE2 1 
ATOM   461 N N   . ARG B 1 24 ? 13.317  33.847  -3.907  1.00 54.74  ? 352 ARG F N   1 
ATOM   462 C CA  . ARG B 1 24 ? 12.453  33.567  -2.762  1.00 56.88  ? 352 ARG F CA  1 
ATOM   463 C C   . ARG B 1 24 ? 11.127  32.906  -3.184  1.00 56.77  ? 352 ARG F C   1 
ATOM   464 O O   . ARG B 1 24 ? 10.649  31.959  -2.541  1.00 51.70  ? 352 ARG F O   1 
ATOM   465 C CB  . ARG B 1 24 ? 12.220  34.833  -1.932  1.00 59.69  ? 352 ARG F CB  1 
ATOM   466 C CG  . ARG B 1 24 ? 13.386  35.177  -1.004  1.00 66.24  ? 352 ARG F CG  1 
ATOM   467 C CD  . ARG B 1 24 ? 13.233  36.585  -0.406  1.00 60.43  ? 352 ARG F CD  1 
ATOM   468 N NE  . ARG B 1 24 ? 12.052  36.629  0.448   1.00 67.27  ? 352 ARG F NE  1 
ATOM   469 C CZ  . ARG B 1 24 ? 11.342  37.720  0.714   1.00 69.46  ? 352 ARG F CZ  1 
ATOM   470 N NH1 . ARG B 1 24 ? 11.683  38.892  0.197   1.00 82.63  ? 352 ARG F NH1 1 
ATOM   471 N NH2 . ARG B 1 24 ? 10.280  37.627  1.502   1.00 74.00  ? 352 ARG F NH2 1 
ATOM   472 N N   . LEU B 1 25 ? 10.535  33.389  -4.273  1.00 56.79  ? 353 LEU F N   1 
ATOM   473 C CA  . LEU B 1 25 ? 9.288   32.793  -4.743  1.00 55.39  ? 353 LEU F CA  1 
ATOM   474 C C   . LEU B 1 25 ? 9.526   31.368  -5.249  1.00 51.51  ? 353 LEU F C   1 
ATOM   475 O O   . LEU B 1 25 ? 8.735   30.475  -4.950  1.00 53.22  ? 353 LEU F O   1 
ATOM   476 C CB  . LEU B 1 25 ? 8.614   33.644  -5.821  1.00 62.92  ? 353 LEU F CB  1 
ATOM   477 C CG  . LEU B 1 25 ? 7.988   34.951  -5.311  1.00 69.26  ? 353 LEU F CG  1 
ATOM   478 C CD1 . LEU B 1 25 ? 8.047   36.028  -6.378  1.00 67.89  ? 353 LEU F CD1 1 
ATOM   479 C CD2 . LEU B 1 25 ? 6.547   34.721  -4.850  1.00 73.22  ? 353 LEU F CD2 1 
ATOM   480 N N   . ALA B 1 26 ? 10.610  31.155  -5.997  1.00 56.06  ? 354 ALA F N   1 
ATOM   481 C CA  . ALA B 1 26 ? 10.921  29.795  -6.472  1.00 57.08  ? 354 ALA F CA  1 
ATOM   482 C C   . ALA B 1 26 ? 11.177  28.844  -5.308  1.00 52.17  ? 354 ALA F C   1 
ATOM   483 O O   . ALA B 1 26 ? 10.708  27.693  -5.321  1.00 48.91  ? 354 ALA F O   1 
ATOM   484 C CB  . ALA B 1 26 ? 12.114  29.812  -7.412  1.00 62.26  ? 354 ALA F CB  1 
ATOM   485 N N   . ARG B 1 27 ? 11.924  29.320  -4.311  1.00 51.56  ? 355 ARG F N   1 
ATOM   486 C CA  . ARG B 1 27 ? 12.124  28.549  -3.085  1.00 51.84  ? 355 ARG F CA  1 
ATOM   487 C C   . ARG B 1 27 ? 10.796  28.125  -2.481  1.00 54.89  ? 355 ARG F C   1 
ATOM   488 O O   . ARG B 1 27 ? 10.562  26.931  -2.206  1.00 42.12  ? 355 ARG F O   1 
ATOM   489 C CB  . ARG B 1 27 ? 12.884  29.364  -2.030  1.00 44.49  ? 355 ARG F CB  1 
ATOM   490 C CG  . ARG B 1 27 ? 13.088  28.598  -0.702  1.00 46.23  ? 355 ARG F CG  1 
ATOM   491 C CD  . ARG B 1 27 ? 13.532  29.543  0.426   1.00 47.21  ? 355 ARG F CD  1 
ATOM   492 N NE  . ARG B 1 27 ? 12.496  30.533  0.698   1.00 49.67  ? 355 ARG F NE  1 
ATOM   493 C CZ  . ARG B 1 27 ? 12.679  31.674  1.370   1.00 54.14  ? 355 ARG F CZ  1 
ATOM   494 N NH1 . ARG B 1 27 ? 13.868  31.987  1.881   1.00 53.05  ? 355 ARG F NH1 1 
ATOM   495 N NH2 . ARG B 1 27 ? 11.656  32.499  1.544   1.00 46.84  ? 355 ARG F NH2 1 
ATOM   496 N N   . ASN B 1 28 ? 9.916   29.099  -2.266  1.00 46.06  ? 356 ASN F N   1 
ATOM   497 C CA  . ASN B 1 28 ? 8.660   28.799  -1.596  1.00 43.62  ? 356 ASN F CA  1 
ATOM   498 C C   . ASN B 1 28 ? 7.812   27.833  -2.425  1.00 47.81  ? 356 ASN F C   1 
ATOM   499 O O   . ASN B 1 28 ? 7.089   27.007  -1.864  1.00 47.00  ? 356 ASN F O   1 
ATOM   500 C CB  . ASN B 1 28 ? 7.883   30.069  -1.290  1.00 46.10  ? 356 ASN F CB  1 
ATOM   501 C CG  . ASN B 1 28 ? 8.547   30.915  -0.205  1.00 56.41  ? 356 ASN F CG  1 
ATOM   502 O OD1 . ASN B 1 28 ? 9.716   30.709  0.151   1.00 47.77  ? 356 ASN F OD1 1 
ATOM   503 N ND2 . ASN B 1 28 ? 7.810   31.906  0.299   1.00 70.35  ? 356 ASN F ND2 1 
ATOM   504 N N   . ALA B 1 29 ? 7.894   27.931  -3.749  1.00 44.39  ? 357 ALA F N   1 
ATOM   505 C CA  . ALA B 1 29 ? 7.099   27.049  -4.601  1.00 48.68  ? 357 ALA F CA  1 
ATOM   506 C C   . ALA B 1 29 ? 7.603   25.630  -4.454  1.00 44.65  ? 357 ALA F C   1 
ATOM   507 O O   . ALA B 1 29 ? 6.811   24.688  -4.366  1.00 44.87  ? 357 ALA F O   1 
ATOM   508 C CB  . ALA B 1 29 ? 7.160   27.490  -6.063  1.00 53.43  ? 357 ALA F CB  1 
ATOM   509 N N   . LEU B 1 30 ? 8.921   25.464  -4.415  1.00 45.57  ? 358 LEU F N   1 
ATOM   510 C CA  . LEU B 1 30 ? 9.469   24.114  -4.232  1.00 45.33  ? 358 LEU F CA  1 
ATOM   511 C C   . LEU B 1 30 ? 9.061   23.560  -2.861  1.00 45.51  ? 358 LEU F C   1 
ATOM   512 O O   . LEU B 1 30 ? 8.596   22.422  -2.754  1.00 40.03  ? 358 LEU F O   1 
ATOM   513 C CB  . LEU B 1 30 ? 10.990  24.111  -4.413  1.00 42.20  ? 358 LEU F CB  1 
ATOM   514 C CG  . LEU B 1 30 ? 11.780  22.811  -4.291  1.00 45.16  ? 358 LEU F CG  1 
ATOM   515 C CD1 . LEU B 1 30 ? 11.202  21.722  -5.186  1.00 41.86  ? 358 LEU F CD1 1 
ATOM   516 C CD2 . LEU B 1 30 ? 13.227  23.082  -4.651  1.00 49.89  ? 358 LEU F CD2 1 
ATOM   517 N N   . GLU B 1 31 ? 9.210   24.381  -1.817  1.00 38.54  ? 359 GLU F N   1 
ATOM   518 C CA  . GLU B 1 31 ? 8.784   24.026  -0.457  1.00 39.67  ? 359 GLU F CA  1 
ATOM   519 C C   . GLU B 1 31 ? 7.319   23.566  -0.404  1.00 44.92  ? 359 GLU F C   1 
ATOM   520 O O   . GLU B 1 31 ? 6.978   22.557  0.244   1.00 39.83  ? 359 GLU F O   1 
ATOM   521 C CB  . GLU B 1 31 ? 9.010   25.222  0.494   1.00 42.16  ? 359 GLU F CB  1 
ATOM   522 C CG  . GLU B 1 31 ? 10.436  25.387  0.930   1.00 35.84  ? 359 GLU F CG  1 
ATOM   523 C CD  . GLU B 1 31 ? 10.647  26.687  1.702   1.00 45.94  ? 359 GLU F CD  1 
ATOM   524 O OE1 . GLU B 1 31 ? 9.704   27.511  1.735   1.00 42.47  ? 359 GLU F OE1 1 
ATOM   525 O OE2 . GLU B 1 31 ? 11.729  26.857  2.306   1.00 48.23  ? 359 GLU F OE2 1 
ATOM   526 N N   . ALA B 1 32 ? 6.456   24.316  -1.084  1.00 41.55  ? 360 ALA F N   1 
ATOM   527 C CA  . ALA B 1 32 ? 5.032   23.985  -1.156  1.00 41.43  ? 360 ALA F CA  1 
ATOM   528 C C   . ALA B 1 32 ? 4.799   22.646  -1.854  1.00 39.87  ? 360 ALA F C   1 
ATOM   529 O O   . ALA B 1 32 ? 3.956   21.859  -1.423  1.00 43.35  ? 360 ALA F O   1 
ATOM   530 C CB  . ALA B 1 32 ? 4.266   25.096  -1.867  1.00 47.29  ? 360 ALA F CB  1 
ATOM   531 N N   . SER B 1 33 ? 5.534   22.411  -2.940  1.00 40.61  ? 361 SER F N   1 
ATOM   532 C CA  . SER B 1 33 ? 5.456   21.147  -3.669  1.00 40.18  ? 361 SER F CA  1 
ATOM   533 C C   . SER B 1 33 ? 5.835   19.946  -2.812  1.00 45.21  ? 361 SER F C   1 
ATOM   534 O O   . SER B 1 33 ? 5.177   18.879  -2.874  1.00 37.90  ? 361 SER F O   1 
ATOM   535 C CB  . SER B 1 33 ? 6.340   21.168  -4.917  1.00 38.83  ? 361 SER F CB  1 
ATOM   536 O OG  . SER B 1 33 ? 5.788   21.993  -5.938  1.00 55.34  ? 361 SER F OG  1 
ATOM   537 N N   . VAL B 1 34 ? 6.925   20.093  -2.071  1.00 36.84  ? 362 VAL F N   1 
ATOM   538 C CA  . VAL B 1 34 ? 7.391   19.057  -1.156  1.00 39.01  ? 362 VAL F CA  1 
ATOM   539 C C   . VAL B 1 34 ? 6.400   18.767  -0.023  1.00 39.67  ? 362 VAL F C   1 
ATOM   540 O O   . VAL B 1 34 ? 6.090   17.571  0.277   1.00 37.61  ? 362 VAL F O   1 
ATOM   541 C CB  . VAL B 1 34 ? 8.798   19.411  -0.615  1.00 39.11  ? 362 VAL F CB  1 
ATOM   542 C CG1 . VAL B 1 34 ? 9.197   18.447  0.492   1.00 38.48  ? 362 VAL F CG1 1 
ATOM   543 C CG2 . VAL B 1 34 ? 9.785   19.351  -1.751  1.00 36.92  ? 362 VAL F CG2 1 
ATOM   544 N N   . GLU B 1 35 ? 5.830   19.820  0.558   1.00 33.72  ? 363 GLU F N   1 
ATOM   545 C CA  . GLU B 1 35 ? 4.847   19.629  1.631   1.00 37.84  ? 363 GLU F CA  1 
ATOM   546 C C   . GLU B 1 35 ? 3.582   18.943  1.095   1.00 38.10  ? 363 GLU F C   1 
ATOM   547 O O   . GLU B 1 35 ? 2.941   18.133  1.796   1.00 40.85  ? 363 GLU F O   1 
ATOM   548 C CB  . GLU B 1 35 ? 4.479   20.952  2.305   1.00 41.32  ? 363 GLU F CB  1 
ATOM   549 C CG  . GLU B 1 35 ? 5.634   21.618  3.023   1.00 47.70  ? 363 GLU F CG  1 
ATOM   550 C CD  . GLU B 1 35 ? 6.296   20.744  4.073   1.00 47.04  ? 363 GLU F CD  1 
ATOM   551 O OE1 . GLU B 1 35 ? 5.729   20.586  5.176   1.00 58.02  ? 363 GLU F OE1 1 
ATOM   552 O OE2 . GLU B 1 35 ? 7.401   20.218  3.809   1.00 55.35  ? 363 GLU F OE2 1 
ATOM   553 N N   . GLU B 1 36 ? 3.222   19.279  -0.142  1.00 38.64  ? 364 GLU F N   1 
ATOM   554 C CA  . GLU B 1 36 ? 2.085   18.633  -0.791  1.00 39.77  ? 364 GLU F CA  1 
ATOM   555 C C   . GLU B 1 36 ? 2.338   17.137  -0.999  1.00 41.25  ? 364 GLU F C   1 
ATOM   556 O O   . GLU B 1 36 ? 1.465   16.304  -0.705  1.00 44.62  ? 364 GLU F O   1 
ATOM   557 C CB  . GLU B 1 36 ? 1.766   19.294  -2.129  1.00 46.29  ? 364 GLU F CB  1 
ATOM   558 C CG  . GLU B 1 36 ? 0.569   18.664  -2.842  1.00 47.67  ? 364 GLU F CG  1 
ATOM   559 C CD  . GLU B 1 36 ? 0.480   19.056  -4.306  1.00 77.75  ? 364 GLU F CD  1 
ATOM   560 O OE1 . GLU B 1 36 ? 1.139   18.398  -5.145  1.00 90.18  ? 364 GLU F OE1 1 
ATOM   561 O OE2 . GLU B 1 36 ? -0.249  20.022  -4.621  1.00 89.14  ? 364 GLU F OE2 1 
ATOM   562 N N   . ARG B 1 37 ? 3.511   16.783  -1.522  1.00 37.21  ? 365 ARG F N   1 
ATOM   563 C CA  . ARG B 1 37 ? 3.867   15.367  -1.653  1.00 38.75  ? 365 ARG F CA  1 
ATOM   564 C C   . ARG B 1 37 ? 3.842   14.630  -0.307  1.00 40.27  ? 365 ARG F C   1 
ATOM   565 O O   . ARG B 1 37 ? 3.406   13.460  -0.234  1.00 34.50  ? 365 ARG F O   1 
ATOM   566 C CB  . ARG B 1 37 ? 5.237   15.209  -2.313  1.00 39.62  ? 365 ARG F CB  1 
ATOM   567 C CG  . ARG B 1 37 ? 5.218   15.309  -3.818  1.00 53.11  ? 365 ARG F CG  1 
ATOM   568 C CD  . ARG B 1 37 ? 4.316   14.234  -4.420  1.00 48.03  ? 365 ARG F CD  1 
ATOM   569 N NE  . ARG B 1 37 ? 4.947   12.915  -4.422  1.00 42.82  ? 365 ARG F NE  1 
ATOM   570 C CZ  . ARG B 1 37 ? 4.303   11.779  -4.679  1.00 52.61  ? 365 ARG F CZ  1 
ATOM   571 N NH1 . ARG B 1 37 ? 3.004   11.793  -4.942  1.00 44.34  ? 365 ARG F NH1 1 
ATOM   572 N NH2 . ARG B 1 37 ? 4.956   10.624  -4.665  1.00 43.77  ? 365 ARG F NH2 1 
ATOM   573 N N   . THR B 1 38 ? 4.318   15.280  0.754   1.00 33.58  ? 366 THR F N   1 
ATOM   574 C CA  . THR B 1 38 ? 4.268   14.678  2.086   1.00 36.95  ? 366 THR F CA  1 
ATOM   575 C C   . THR B 1 38 ? 2.828   14.332  2.479   1.00 40.59  ? 366 THR F C   1 
ATOM   576 O O   . THR B 1 38 ? 2.528   13.193  2.899   1.00 38.18  ? 366 THR F O   1 
ATOM   577 C CB  . THR B 1 38 ? 4.850   15.606  3.151   1.00 35.74  ? 366 THR F CB  1 
ATOM   578 O OG1 . THR B 1 38 ? 6.252   15.751  2.909   1.00 33.93  ? 366 THR F OG1 1 
ATOM   579 C CG2 . THR B 1 38 ? 4.654   14.982  4.540   1.00 37.59  ? 366 THR F CG2 1 
ATOM   580 N N   . ARG B 1 39 ? 1.941   15.310  2.308   1.00 38.46  ? 367 ARG F N   1 
ATOM   581 C CA  . ARG B 1 39 ? 0.527   15.132  2.637   1.00 40.16  ? 367 ARG F CA  1 
ATOM   582 C C   . ARG B 1 39 ? -0.111  14.005  1.825   1.00 42.02  ? 367 ARG F C   1 
ATOM   583 O O   . ARG B 1 39 ? -0.836  13.159  2.387   1.00 46.14  ? 367 ARG F O   1 
ATOM   584 C CB  . ARG B 1 39 ? -0.234  16.445  2.416   1.00 49.98  ? 367 ARG F CB  1 
ATOM   585 C CG  . ARG B 1 39 ? -1.735  16.363  2.648   1.00 58.82  ? 367 ARG F CG  1 
ATOM   586 C CD  . ARG B 1 39 ? -2.514  16.649  1.360   1.00 73.93  ? 367 ARG F CD  1 
ATOM   587 N NE  . ARG B 1 39 ? -2.358  18.024  0.885   1.00 82.46  ? 367 ARG F NE  1 
ATOM   588 C CZ  . ARG B 1 39 ? -2.554  18.395  -0.378  1.00 90.11  ? 367 ARG F CZ  1 
ATOM   589 N NH1 . ARG B 1 39 ? -2.905  17.492  -1.284  1.00 80.11  ? 367 ARG F NH1 1 
ATOM   590 N NH2 . ARG B 1 39 ? -2.393  19.660  -0.740  1.00 92.81  ? 367 ARG F NH2 1 
ATOM   591 N N   . ASP B 1 40 ? 0.140   13.990  0.518   1.00 38.17  ? 368 ASP F N   1 
ATOM   592 C CA  . ASP B 1 40 ? -0.439  12.927  -0.323  1.00 40.39  ? 368 ASP F CA  1 
ATOM   593 C C   . ASP B 1 40 ? 0.105   11.559  0.032   1.00 45.03  ? 368 ASP F C   1 
ATOM   594 O O   . ASP B 1 40 ? -0.647  10.551  0.037   1.00 38.22  ? 368 ASP F O   1 
ATOM   595 C CB  . ASP B 1 40 ? -0.198  13.186  -1.802  1.00 46.98  ? 368 ASP F CB  1 
ATOM   596 C CG  . ASP B 1 40 ? -0.839  14.471  -2.284  1.00 51.60  ? 368 ASP F CG  1 
ATOM   597 O OD1 . ASP B 1 40 ? -1.707  15.020  -1.573  1.00 50.82  ? 368 ASP F OD1 1 
ATOM   598 O OD2 . ASP B 1 40 ? -0.480  14.918  -3.389  1.00 56.93  ? 368 ASP F OD2 1 
ATOM   599 N N   . LEU B 1 41 ? 1.403   11.476  0.292   1.00 35.41  ? 369 LEU F N   1 
ATOM   600 C CA  . LEU B 1 41 ? 1.997   10.167  0.617   1.00 37.24  ? 369 LEU F CA  1 
ATOM   601 C C   . LEU B 1 41 ? 1.495   9.631   1.955   1.00 39.26  ? 369 LEU F C   1 
ATOM   602 O O   . LEU B 1 41 ? 1.209   8.420   2.080   1.00 37.21  ? 369 LEU F O   1 
ATOM   603 C CB  . LEU B 1 41 ? 3.531   10.248  0.579   1.00 34.97  ? 369 LEU F CB  1 
ATOM   604 C CG  . LEU B 1 41 ? 4.072   10.356  -0.848  1.00 31.63  ? 369 LEU F CG  1 
ATOM   605 C CD1 . LEU B 1 41 ? 5.538   10.698  -0.845  1.00 32.99  ? 369 LEU F CD1 1 
ATOM   606 C CD2 . LEU B 1 41 ? 3.840   9.016   -1.611  1.00 34.09  ? 369 LEU F CD2 1 
ATOM   607 N N   . ARG B 1 42 ? 1.345   10.512  2.943   1.00 32.03  ? 370 ARG F N   1 
ATOM   608 C CA  . ARG B 1 42 ? 0.729   10.141  4.222   1.00 41.20  ? 370 ARG F CA  1 
ATOM   609 C C   . ARG B 1 42 ? -0.726  9.669   4.065   1.00 43.55  ? 370 ARG F C   1 
ATOM   610 O O   . ARG B 1 42 ? -1.121  8.669   4.679   1.00 41.34  ? 370 ARG F O   1 
ATOM   611 C CB  . ARG B 1 42 ? 0.871   11.269  5.254   1.00 38.99  ? 370 ARG F CB  1 
ATOM   612 C CG  . ARG B 1 42 ? 2.317   11.444  5.589   1.00 36.98  ? 370 ARG F CG  1 
ATOM   613 C CD  . ARG B 1 42 ? 2.599   12.560  6.577   1.00 42.03  ? 370 ARG F CD  1 
ATOM   614 N NE  . ARG B 1 42 ? 4.012   12.473  6.918   1.00 44.12  ? 370 ARG F NE  1 
ATOM   615 C CZ  . ARG B 1 42 ? 4.683   13.403  7.582   1.00 47.70  ? 370 ARG F CZ  1 
ATOM   616 N NH1 . ARG B 1 42 ? 4.074   14.510  7.979   1.00 54.22  ? 370 ARG F NH1 1 
ATOM   617 N NH2 . ARG B 1 42 ? 5.969   13.223  7.835   1.00 52.29  ? 370 ARG F NH2 1 
ATOM   618 N N   . MET B 1 43 ? -1.509  10.359  3.234   1.00 37.62  ? 371 MET F N   1 
ATOM   619 C CA  . MET B 1 43 ? -2.896  9.940   2.974   1.00 41.15  ? 371 MET F CA  1 
ATOM   620 C C   . MET B 1 43 ? -2.945  8.554   2.327   1.00 37.96  ? 371 MET F C   1 
ATOM   621 O O   . MET B 1 43 ? -3.758  7.679   2.733   1.00 41.90  ? 371 MET F O   1 
ATOM   622 C CB  . MET B 1 43 ? -3.607  10.958  2.075   1.00 42.30  ? 371 MET F CB  1 
ATOM   623 C CG  . MET B 1 43 ? -3.883  12.302  2.778   1.00 44.98  ? 371 MET F CG  1 
ATOM   624 S SD  . MET B 1 43 ? -4.239  13.668  1.649   1.00 105.01 ? 371 MET F SD  1 
ATOM   625 C CE  . MET B 1 43 ? -5.759  13.134  0.878   1.00 72.43  ? 371 MET F CE  1 
ATOM   626 N N   . ALA B 1 44 ? -2.082  8.363   1.327   1.00 35.16  ? 372 ALA F N   1 
ATOM   627 C CA  . ALA B 1 44 ? -1.993  7.075   0.614   1.00 38.48  ? 372 ALA F CA  1 
ATOM   628 C C   . ALA B 1 44 ? -1.558  5.931   1.530   1.00 40.13  ? 372 ALA F C   1 
ATOM   629 O O   . ALA B 1 44 ? -2.128  4.812   1.478   1.00 37.28  ? 372 ALA F O   1 
ATOM   630 C CB  . ALA B 1 44 ? -1.049  7.199   -0.574  1.00 35.16  ? 372 ALA F CB  1 
ATOM   631 N N   . ARG B 1 45 ? -0.548  6.204   2.354   1.00 35.84  ? 373 ARG F N   1 
ATOM   632 C CA  . ARG B 1 45 ? -0.075  5.282   3.388   1.00 34.82  ? 373 ARG F CA  1 
ATOM   633 C C   . ARG B 1 45 ? -1.184  4.905   4.360   1.00 41.49  ? 373 ARG F C   1 
ATOM   634 O O   . ARG B 1 45 ? -1.433  3.729   4.574   1.00 38.54  ? 373 ARG F O   1 
ATOM   635 C CB  . ARG B 1 45 ? 1.120   5.846   4.167   1.00 31.95  ? 373 ARG F CB  1 
ATOM   636 C CG  . ARG B 1 45 ? 1.544   4.943   5.343   1.00 39.64  ? 373 ARG F CG  1 
ATOM   637 C CD  . ARG B 1 45 ? 2.384   5.706   6.355   1.00 41.27  ? 373 ARG F CD  1 
ATOM   638 N NE  . ARG B 1 45 ? 1.569   6.767   6.938   1.00 42.77  ? 373 ARG F NE  1 
ATOM   639 C CZ  . ARG B 1 45 ? 2.037   7.806   7.615   1.00 45.02  ? 373 ARG F CZ  1 
ATOM   640 N NH1 . ARG B 1 45 ? 3.329   7.932   7.839   1.00 38.23  ? 373 ARG F NH1 1 
ATOM   641 N NH2 . ARG B 1 45 ? 1.186   8.691   8.087   1.00 38.91  ? 373 ARG F NH2 1 
ATOM   642 N N   . ASP B 1 46 ? -1.873  5.893   4.914   1.00 36.57  ? 374 ASP F N   1 
ATOM   643 C CA  . ASP B 1 46 ? -2.954  5.634   5.871   1.00 37.98  ? 374 ASP F CA  1 
ATOM   644 C C   . ASP B 1 46 ? -4.015  4.709   5.262   1.00 39.35  ? 374 ASP F C   1 
ATOM   645 O O   . ASP B 1 46 ? -4.478  3.740   5.905   1.00 39.89  ? 374 ASP F O   1 
ATOM   646 C CB  . ASP B 1 46 ? -3.585  6.950   6.328   1.00 47.14  ? 374 ASP F CB  1 
ATOM   647 C CG  . ASP B 1 46 ? -2.679  7.725   7.242   1.00 52.72  ? 374 ASP F CG  1 
ATOM   648 O OD1 . ASP B 1 46 ? -1.582  7.203   7.541   1.00 42.27  ? 374 ASP F OD1 1 
ATOM   649 O OD2 . ASP B 1 46 ? -3.068  8.830   7.666   1.00 51.07  ? 374 ASP F OD2 1 
ATOM   650 N N   . ARG B 1 47 ? -4.387  5.013   4.022   1.00 37.22  ? 375 ARG F N   1 
ATOM   651 C CA  . ARG B 1 47 ? -5.432  4.248   3.342   1.00 41.67  ? 375 ARG F CA  1 
ATOM   652 C C   . ARG B 1 47 ? -5.002  2.816   3.066   1.00 41.63  ? 375 ARG F C   1 
ATOM   653 O O   . ARG B 1 47 ? -5.788  1.859   3.239   1.00 40.46  ? 375 ARG F O   1 
ATOM   654 C CB  . ARG B 1 47 ? -5.783  4.927   2.021   1.00 53.13  ? 375 ARG F CB  1 
ATOM   655 N N   . LEU B 1 48 ? -3.763  2.651   2.628   1.00 36.84  ? 376 LEU F N   1 
ATOM   656 C CA  . LEU B 1 48 ? -3.268  1.310   2.301   1.00 38.03  ? 376 LEU F CA  1 
ATOM   657 C C   . LEU B 1 48 ? -3.075  0.487   3.560   1.00 39.66  ? 376 LEU F C   1 
ATOM   658 O O   . LEU B 1 48 ? -3.339  -0.734  3.557   1.00 36.69  ? 376 LEU F O   1 
ATOM   659 C CB  . LEU B 1 48 ? -1.968  1.384   1.484   1.00 37.29  ? 376 LEU F CB  1 
ATOM   660 C CG  . LEU B 1 48 ? -1.369  0.043   1.031   1.00 38.91  ? 376 LEU F CG  1 
ATOM   661 C CD1 . LEU B 1 48 ? -2.342  -0.718  0.149   1.00 36.31  ? 376 LEU F CD1 1 
ATOM   662 C CD2 . LEU B 1 48 ? -0.049  0.312   0.297   1.00 39.98  ? 376 LEU F CD2 1 
ATOM   663 N N   . GLU B 1 49 ? -2.633  1.133   4.634   1.00 37.49  ? 377 GLU F N   1 
ATOM   664 C CA  . GLU B 1 49 ? -2.587  0.520   5.971   1.00 35.07  ? 377 GLU F CA  1 
ATOM   665 C C   . GLU B 1 49 ? -3.948  -0.064  6.373   1.00 44.02  ? 377 GLU F C   1 
ATOM   666 O O   . GLU B 1 49 ? -4.023  -1.212  6.834   1.00 37.42  ? 377 GLU F O   1 
ATOM   667 C CB  . GLU B 1 49 ? -2.087  1.503   7.039   1.00 40.67  ? 377 GLU F CB  1 
ATOM   668 C CG  . GLU B 1 49 ? -0.579  1.639   7.028   1.00 40.51  ? 377 GLU F CG  1 
ATOM   669 C CD  . GLU B 1 49 ? -0.081  2.719   7.972   1.00 43.19  ? 377 GLU F CD  1 
ATOM   670 O OE1 . GLU B 1 49 ? -0.910  3.478   8.510   1.00 40.78  ? 377 GLU F OE1 1 
ATOM   671 O OE2 . GLU B 1 49 ? 1.133   2.769   8.196   1.00 45.04  ? 377 GLU F OE2 1 
ATOM   672 N N   . THR B 1 50 ? -5.008  0.721   6.188   1.00 39.08  ? 378 THR F N   1 
ATOM   673 C CA  . THR B 1 50 ? -6.340  0.228   6.507   1.00 38.88  ? 378 THR F CA  1 
ATOM   674 C C   . THR B 1 50 ? -6.713  -0.939  5.597   1.00 37.47  ? 378 THR F C   1 
ATOM   675 O O   . THR B 1 50 ? -7.258  -1.946  6.075   1.00 40.80  ? 378 THR F O   1 
ATOM   676 C CB  . THR B 1 50 ? -7.383  1.339   6.385   1.00 46.91  ? 378 THR F CB  1 
ATOM   677 O OG1 . THR B 1 50 ? -7.031  2.407   7.268   1.00 46.36  ? 378 THR F OG1 1 
ATOM   678 C CG2 . THR B 1 50 ? -8.747  0.837   6.761   1.00 45.05  ? 378 THR F CG2 1 
ATOM   679 N N   . GLU B 1 51 ? -6.424  -0.813  4.302   1.00 37.92  ? 379 GLU F N   1 
ATOM   680 C CA  . GLU B 1 51 ? -6.763  -1.903  3.351   1.00 39.32  ? 379 GLU F CA  1 
ATOM   681 C C   . GLU B 1 51 ? -6.073  -3.211  3.718   1.00 41.97  ? 379 GLU F C   1 
ATOM   682 O O   . GLU B 1 51 ? -6.682  -4.295  3.667   1.00 38.89  ? 379 GLU F O   1 
ATOM   683 C CB  . GLU B 1 51 ? -6.384  -1.520  1.913   1.00 38.11  ? 379 GLU F CB  1 
ATOM   684 C CG  . GLU B 1 51 ? -7.416  -0.643  1.221   1.00 54.42  ? 379 GLU F CG  1 
ATOM   685 C CD  . GLU B 1 51 ? -6.854  0.100   0.013   1.00 77.20  ? 379 GLU F CD  1 
ATOM   686 O OE1 . GLU B 1 51 ? -5.611  0.273   -0.076  1.00 70.85  ? 379 GLU F OE1 1 
ATOM   687 O OE2 . GLU B 1 51 ? -7.662  0.529   -0.848  1.00 82.51  ? 379 GLU F OE2 1 
ATOM   688 N N   . ILE B 1 52 ? -4.797  -3.111  4.064   1.00 37.09  ? 380 ILE F N   1 
ATOM   689 C CA  . ILE B 1 52 ? -4.002  -4.266  4.444   1.00 41.59  ? 380 ILE F CA  1 
ATOM   690 C C   . ILE B 1 52 ? -4.537  -4.905  5.722   1.00 43.53  ? 380 ILE F C   1 
ATOM   691 O O   . ILE B 1 52 ? -4.711  -6.138  5.772   1.00 37.17  ? 380 ILE F O   1 
ATOM   692 C CB  . ILE B 1 52 ? -2.504  -3.889  4.572   1.00 39.11  ? 380 ILE F CB  1 
ATOM   693 C CG1 . ILE B 1 52 ? -1.934  -3.645  3.175   1.00 36.96  ? 380 ILE F CG1 1 
ATOM   694 C CG2 . ILE B 1 52 ? -1.722  -5.009  5.269   1.00 39.16  ? 380 ILE F CG2 1 
ATOM   695 C CD1 . ILE B 1 52 ? -0.549  -3.007  3.195   1.00 34.18  ? 380 ILE F CD1 1 
ATOM   696 N N   . ALA B 1 53 ? -4.845  -4.080  6.721   1.00 43.84  ? 381 ALA F N   1 
ATOM   697 C CA  . ALA B 1 53 ? -5.419  -4.557  7.983   1.00 45.47  ? 381 ALA F CA  1 
ATOM   698 C C   . ALA B 1 53 ? -6.750  -5.293  7.758   1.00 45.64  ? 381 ALA F C   1 
ATOM   699 O O   . ALA B 1 53 ? -7.007  -6.383  8.322   1.00 46.56  ? 381 ALA F O   1 
ATOM   700 C CB  . ALA B 1 53 ? -5.605  -3.382  8.951   1.00 50.68  ? 381 ALA F CB  1 
ATOM   701 N N   . ASP B 1 54 ? -7.599  -4.703  6.922   1.00 43.83  ? 382 ASP F N   1 
ATOM   702 C CA  . ASP B 1 54 ? -8.884  -5.323  6.616   1.00 45.46  ? 382 ASP F CA  1 
ATOM   703 C C   . ASP B 1 54 ? -8.672  -6.653  5.905   1.00 45.38  ? 382 ASP F C   1 
ATOM   704 O O   . ASP B 1 54 ? -9.356  -7.640  6.217   1.00 44.32  ? 382 ASP F O   1 
ATOM   705 C CB  . ASP B 1 54 ? -9.747  -4.404  5.750   1.00 50.97  ? 382 ASP F CB  1 
ATOM   706 C CG  . ASP B 1 54 ? -10.313 -3.222  6.526   1.00 57.43  ? 382 ASP F CG  1 
ATOM   707 O OD1 . ASP B 1 54 ? -10.327 -3.268  7.777   1.00 60.77  ? 382 ASP F OD1 1 
ATOM   708 O OD2 . ASP B 1 54 ? -10.768 -2.255  5.880   1.00 61.82  ? 382 ASP F OD2 1 
ATOM   709 N N   . HIS B 1 55 ? -7.739  -6.688  4.951   1.00 40.66  ? 383 HIS F N   1 
ATOM   710 C CA  . HIS B 1 55 ? -7.494  -7.952  4.221   1.00 42.51  ? 383 HIS F CA  1 
ATOM   711 C C   . HIS B 1 55 ? -6.983  -9.035  5.168   1.00 40.86  ? 383 HIS F C   1 
ATOM   712 O O   . HIS B 1 55 ? -7.344  -10.216 5.057   1.00 42.85  ? 383 HIS F O   1 
ATOM   713 C CB  . HIS B 1 55 ? -6.475  -7.741  3.099   1.00 37.93  ? 383 HIS F CB  1 
ATOM   714 C CG  . HIS B 1 55 ? -6.290  -8.931  2.218   1.00 38.73  ? 383 HIS F CG  1 
ATOM   715 N ND1 . HIS B 1 55 ? -7.321  -9.500  1.499   1.00 40.57  ? 383 HIS F ND1 1 
ATOM   716 C CD2 . HIS B 1 55 ? -5.183  -9.650  1.913   1.00 40.87  ? 383 HIS F CD2 1 
ATOM   717 C CE1 . HIS B 1 55 ? -6.859  -10.528 0.812   1.00 43.58  ? 383 HIS F CE1 1 
ATOM   718 N NE2 . HIS B 1 55 ? -5.561  -10.633 1.043   1.00 39.96  ? 383 HIS F NE2 1 
ATOM   719 N N   . ARG B 1 56 ? -6.127  -8.625  6.099   1.00 47.08  ? 384 ARG F N   1 
ATOM   720 C CA  . ARG B 1 56 ? -5.559  -9.556  7.064   1.00 53.62  ? 384 ARG F CA  1 
ATOM   721 C C   . ARG B 1 56 ? -6.648  -10.157 7.943   1.00 57.60  ? 384 ARG F C   1 
ATOM   722 O O   . ARG B 1 56 ? -6.648  -11.358 8.225   1.00 55.33  ? 384 ARG F O   1 
ATOM   723 C CB  . ARG B 1 56 ? -4.512  -8.856  7.931   1.00 50.72  ? 384 ARG F CB  1 
ATOM   724 C CG  . ARG B 1 56 ? -3.791  -9.801  8.868   1.00 57.49  ? 384 ARG F CG  1 
ATOM   725 N N   . GLN B 1 57 ? -7.600  -9.338  8.369   1.00 52.56  ? 385 GLN F N   1 
ATOM   726 C CA  . GLN B 1 57 ? -8.648  -9.921  9.182   1.00 57.32  ? 385 GLN F CA  1 
ATOM   727 C C   . GLN B 1 57 ? -9.531  -10.892 8.382   1.00 57.16  ? 385 GLN F C   1 
ATOM   728 O O   . GLN B 1 57 ? -10.018 -11.878 8.931   1.00 56.52  ? 385 GLN F O   1 
ATOM   729 C CB  . GLN B 1 57 ? -9.439  -8.857  9.950   1.00 72.38  ? 385 GLN F CB  1 
ATOM   730 C CG  . GLN B 1 57 ? -10.442 -8.056  9.159   1.00 75.55  ? 385 GLN F CG  1 
ATOM   731 C CD  . GLN B 1 57 ? -11.324 -7.228  10.073  1.00 89.70  ? 385 GLN F CD  1 
ATOM   732 O OE1 . GLN B 1 57 ? -11.794 -7.715  11.107  1.00 93.96  ? 385 GLN F OE1 1 
ATOM   733 N NE2 . GLN B 1 57 ? -11.553 -5.975  9.704   1.00 84.81  ? 385 GLN F NE2 1 
ATOM   734 N N   . THR B 1 58 ? -9.683  -10.652 7.083   1.00 52.75  ? 386 THR F N   1 
ATOM   735 C CA  . THR B 1 58 ? -10.381 -11.592 6.201   1.00 51.86  ? 386 THR F CA  1 
ATOM   736 C C   . THR B 1 58 ? -9.636  -12.920 6.117   1.00 56.82  ? 386 THR F C   1 
ATOM   737 O O   . THR B 1 58 ? -10.235 -13.998 6.244   1.00 58.62  ? 386 THR F O   1 
ATOM   738 C CB  . THR B 1 58 ? -10.519 -11.028 4.763   1.00 55.24  ? 386 THR F CB  1 
ATOM   739 O OG1 . THR B 1 58 ? -11.417 -9.914  4.769   1.00 58.09  ? 386 THR F OG1 1 
ATOM   740 C CG2 . THR B 1 58 ? -11.066 -12.093 3.812   1.00 51.04  ? 386 THR F CG2 1 
ATOM   741 N N   . THR B 1 59 ? -8.326  -12.838 5.889   1.00 49.95  ? 387 THR F N   1 
ATOM   742 C CA  . THR B 1 59 ? -7.507  -14.041 5.753   1.00 48.33  ? 387 THR F CA  1 
ATOM   743 C C   . THR B 1 59 ? -7.488  -14.877 7.037   1.00 52.71  ? 387 THR F C   1 
ATOM   744 O O   . THR B 1 59 ? -7.578  -16.105 6.972   1.00 56.13  ? 387 THR F O   1 
ATOM   745 C CB  . THR B 1 59 ? -6.072  -13.720 5.267   1.00 52.10  ? 387 THR F CB  1 
ATOM   746 O OG1 . THR B 1 59 ? -5.411  -12.891 6.222   1.00 58.14  ? 387 THR F OG1 1 
ATOM   747 C CG2 . THR B 1 59 ? -6.125  -12.995 3.953   1.00 46.18  ? 387 THR F CG2 1 
ATOM   748 N N   . GLU B 1 60 ? -7.401  -14.213 8.190   1.00 53.97  ? 388 GLU F N   1 
ATOM   749 C CA  . GLU B 1 60 ? -7.413  -14.885 9.497   1.00 60.43  ? 388 GLU F CA  1 
ATOM   750 C C   . GLU B 1 60 ? -8.738  -15.579 9.793   1.00 66.80  ? 388 GLU F C   1 
ATOM   751 O O   . GLU B 1 60 ? -8.772  -16.650 10.409  1.00 69.07  ? 388 GLU F O   1 
ATOM   752 C CB  . GLU B 1 60 ? -7.104  -13.885 10.617  1.00 68.29  ? 388 GLU F CB  1 
ATOM   753 C CG  . GLU B 1 60 ? -5.719  -14.050 11.237  1.00 79.96  ? 388 GLU F CG  1 
ATOM   754 C CD  . GLU B 1 60 ? -5.031  -12.731 11.525  1.00 81.68  ? 388 GLU F CD  1 
ATOM   755 O OE1 . GLU B 1 60 ? -5.643  -11.860 12.182  1.00 85.46  ? 388 GLU F OE1 1 
ATOM   756 O OE2 . GLU B 1 60 ? -3.870  -12.553 11.086  1.00 85.56  ? 388 GLU F OE2 1 
ATOM   757 N N   . LYS B 1 61 ? -9.835  -14.960 9.369   1.00 61.57  ? 389 LYS F N   1 
ATOM   758 C CA  . LYS B 1 61 ? -11.169 -15.539 9.569   1.00 61.38  ? 389 LYS F CA  1 
ATOM   759 C C   . LYS B 1 61 ? -11.401 -16.694 8.609   1.00 61.62  ? 389 LYS F C   1 
ATOM   760 O O   . LYS B 1 61 ? -12.074 -17.672 8.947   1.00 66.03  ? 389 LYS F O   1 
ATOM   761 C CB  . LYS B 1 61 ? -12.235 -14.461 9.379   1.00 65.71  ? 389 LYS F CB  1 
ATOM   762 C CG  . LYS B 1 61 ? -13.670 -14.940 9.334   1.00 74.35  ? 389 LYS F CG  1 
ATOM   763 C CD  . LYS B 1 61 ? -14.589 -13.737 9.180   1.00 87.51  ? 389 LYS F CD  1 
ATOM   764 C CE  . LYS B 1 61 ? -14.185 -12.899 7.977   1.00 89.45  ? 389 LYS F CE  1 
ATOM   765 N NZ  . LYS B 1 61 ? -14.700 -11.502 8.061   1.00 97.18  ? 389 LYS F NZ  1 
ATOM   766 N N   . LEU B 1 62 ? -10.842 -16.571 7.411   1.00 59.78  ? 390 LEU F N   1 
ATOM   767 C CA  . LEU B 1 62 ? -10.896 -17.611 6.391   1.00 59.74  ? 390 LEU F CA  1 
ATOM   768 C C   . LEU B 1 62 ? -10.211 -18.849 6.927   1.00 55.58  ? 390 LEU F C   1 
ATOM   769 O O   . LEU B 1 62 ? -10.755 -19.951 6.902   1.00 57.15  ? 390 LEU F O   1 
ATOM   770 C CB  . LEU B 1 62 ? -10.108 -17.147 5.179   1.00 63.82  ? 390 LEU F CB  1 
ATOM   771 C CG  . LEU B 1 62 ? -10.520 -17.425 3.745   1.00 73.41  ? 390 LEU F CG  1 
ATOM   772 C CD1 . LEU B 1 62 ? -11.197 -16.186 3.195   1.00 63.46  ? 390 LEU F CD1 1 
ATOM   773 C CD2 . LEU B 1 62 ? -9.278  -17.750 2.927   1.00 77.08  ? 390 LEU F CD2 1 
ATOM   774 N N   . GLN B 1 63 ? -8.997  -18.640 7.417   1.00 62.65  ? 391 GLN F N   1 
ATOM   775 C CA  . GLN B 1 63 ? -8.136  -19.715 7.882   1.00 63.35  ? 391 GLN F CA  1 
ATOM   776 C C   . GLN B 1 63 ? -8.719  -20.452 9.086   1.00 70.79  ? 391 GLN F C   1 
ATOM   777 O O   . GLN B 1 63 ? -8.619  -21.681 9.166   1.00 77.04  ? 391 GLN F O   1 
ATOM   778 C CB  . GLN B 1 63 ? -6.735  -19.159 8.201   1.00 68.12  ? 391 GLN F CB  1 
ATOM   779 N N   . ALA B 1 64 ? -9.353  -19.726 10.005  1.00 64.92  ? 392 ALA F N   1 
ATOM   780 C CA  . ALA B 1 64 ? -9.912  -20.355 11.204  1.00 65.95  ? 392 ALA F CA  1 
ATOM   781 C C   . ALA B 1 64 ? -11.202 -21.150 10.969  1.00 76.80  ? 392 ALA F C   1 
ATOM   782 O O   . ALA B 1 64 ? -11.524 -22.039 11.759  1.00 79.73  ? 392 ALA F O   1 
ATOM   783 C CB  . ALA B 1 64 ? -10.111 -19.346 12.317  1.00 66.45  ? 392 ALA F CB  1 
ATOM   784 N N   . VAL B 1 65 ? -11.949 -20.842 9.910   1.00 73.53  ? 393 VAL F N   1 
ATOM   785 C CA  . VAL B 1 65 ? -13.177 -21.598 9.646   1.00 83.00  ? 393 VAL F CA  1 
ATOM   786 C C   . VAL B 1 65 ? -12.878 -22.980 9.071   1.00 82.96  ? 393 VAL F C   1 
ATOM   787 O O   . VAL B 1 65 ? -13.741 -23.852 9.059   1.00 81.48  ? 393 VAL F O   1 
ATOM   788 C CB  . VAL B 1 65 ? -14.141 -20.869 8.696   1.00 76.35  ? 393 VAL F CB  1 
ATOM   789 C CG1 . VAL B 1 65 ? -13.790 -21.174 7.246   1.00 85.84  ? 393 VAL F CG1 1 
ATOM   790 C CG2 . VAL B 1 65 ? -15.573 -21.302 8.973   1.00 72.16  ? 393 VAL F CG2 1 
ATOM   791 N N   . GLN B 1 66 ? -11.651 -23.178 8.601   1.00 76.35  ? 394 GLN F N   1 
ATOM   792 C CA  . GLN B 1 66 ? -11.269 -24.444 7.991   1.00 79.56  ? 394 GLN F CA  1 
ATOM   793 C C   . GLN B 1 66 ? -10.829 -25.436 9.057   1.00 101.69 ? 394 GLN F C   1 
ATOM   794 O O   . GLN B 1 66 ? -11.470 -26.473 9.267   1.00 110.35 ? 394 GLN F O   1 
ATOM   795 C CB  . GLN B 1 66 ? -10.143 -24.237 6.981   1.00 75.10  ? 394 GLN F CB  1 
ATOM   796 N N   . GLN B 1 67 ? -9.738  -25.067 9.731   1.00 94.37  ? 395 GLN F N   1 
ATOM   797 C CA  . GLN B 1 67 ? -9.157  -25.845 10.818  1.00 98.97  ? 395 GLN F CA  1 
ATOM   798 C C   . GLN B 1 67 ? -10.088 -25.945 12.022  1.00 94.45  ? 395 GLN F C   1 
ATOM   799 O O   . GLN B 1 67 ? -11.310 -25.955 11.880  1.00 107.67 ? 395 GLN F O   1 
ATOM   800 C CB  . GLN B 1 67 ? -7.830  -25.210 11.258  1.00 98.53  ? 395 GLN F CB  1 
HETATM 801 P P   . PO4 C 2 .  ? 5.986   9.598   4.621   1.00 71.84  ? 401 PO4 A P   1 
HETATM 802 O O1  . PO4 C 2 .  ? 6.038   10.836  3.753   1.00 67.81  ? 401 PO4 A O1  1 
HETATM 803 O O2  . PO4 C 2 .  ? 7.320   8.888   4.616   1.00 74.22  ? 401 PO4 A O2  1 
HETATM 804 O O3  . PO4 C 2 .  ? 5.664   10.017  6.039   1.00 73.12  ? 401 PO4 A O3  1 
HETATM 805 O O4  . PO4 C 2 .  ? 4.923   8.662   4.090   1.00 64.93  ? 401 PO4 A O4  1 
HETATM 806 P P   . PO4 D 2 .  ? 18.576  17.830  -5.202  1.00 69.87  ? 402 PO4 A P   1 
HETATM 807 O O1  . PO4 D 2 .  ? 18.243  18.495  -6.509  1.00 73.16  ? 402 PO4 A O1  1 
HETATM 808 O O2  . PO4 D 2 .  ? 19.819  16.998  -5.382  1.00 69.72  ? 402 PO4 A O2  1 
HETATM 809 O O3  . PO4 D 2 .  ? 18.847  18.884  -4.153  1.00 68.86  ? 402 PO4 A O3  1 
HETATM 810 O O4  . PO4 D 2 .  ? 17.395  16.987  -4.769  1.00 67.93  ? 402 PO4 A O4  1 
HETATM 811 P P   . PO4 E 2 .  ? 8.448   18.165  -6.509  1.00 83.08  ? 401 PO4 F P   1 
HETATM 812 O O1  . PO4 E 2 .  ? 8.381   19.562  -7.082  1.00 82.62  ? 401 PO4 F O1  1 
HETATM 813 O O2  . PO4 E 2 .  ? 9.868   17.870  -6.092  1.00 82.17  ? 401 PO4 F O2  1 
HETATM 814 O O3  . PO4 E 2 .  ? 7.536   18.034  -5.310  1.00 83.00  ? 401 PO4 F O3  1 
HETATM 815 O O4  . PO4 E 2 .  ? 7.999   17.179  -7.564  1.00 82.96  ? 401 PO4 F O4  1 
HETATM 816 O O   . HOH F 3 .  ? 14.809  9.609   -5.652  1.00 34.41  ? 501 HOH A O   1 
HETATM 817 O O   . HOH F 3 .  ? -13.815 -23.561 -7.667  1.00 40.92  ? 502 HOH A O   1 
HETATM 818 O O   . HOH F 3 .  ? -19.795 -35.544 2.587   1.00 39.80  ? 503 HOH A O   1 
HETATM 819 O O   . HOH F 3 .  ? -11.556 -25.009 -8.857  1.00 40.53  ? 504 HOH A O   1 
HETATM 820 O O   . HOH F 3 .  ? -12.718 -17.061 -7.075  1.00 44.64  ? 505 HOH A O   1 
HETATM 821 O O   . HOH F 3 .  ? -10.036 -6.550  0.676   1.00 59.60  ? 506 HOH A O   1 
HETATM 822 O O   . HOH F 3 .  ? 10.312  3.340   1.232   1.00 46.18  ? 507 HOH A O   1 
HETATM 823 O O   . HOH F 3 .  ? -8.176  -5.327  -5.377  1.00 55.23  ? 508 HOH A O   1 
HETATM 824 O O   . HOH F 3 .  ? -22.486 -31.763 -2.644  1.00 42.43  ? 509 HOH A O   1 
HETATM 825 O O   . HOH F 3 .  ? -18.802 -33.414 4.431   1.00 43.52  ? 510 HOH A O   1 
HETATM 826 O O   . HOH F 3 .  ? -2.554  -17.760 -6.216  1.00 43.94  ? 511 HOH A O   1 
HETATM 827 O O   . HOH F 3 .  ? -11.396 -15.155 -8.532  1.00 55.16  ? 512 HOH A O   1 
HETATM 828 O O   . HOH F 3 .  ? -2.907  -14.496 0.707   1.00 50.07  ? 513 HOH A O   1 
HETATM 829 O O   . HOH F 3 .  ? -19.593 -37.375 4.578   1.00 46.66  ? 514 HOH A O   1 
HETATM 830 O O   . HOH F 3 .  ? -19.158 -33.827 7.098   1.00 49.80  ? 515 HOH A O   1 
HETATM 831 O O   . HOH F 3 .  ? -13.767 -21.365 -8.605  1.00 49.53  ? 516 HOH A O   1 
HETATM 832 O O   . HOH F 3 .  ? -15.454 -17.291 -7.285  1.00 47.54  ? 517 HOH A O   1 
HETATM 833 O O   . HOH F 3 .  ? 9.832   9.854   2.715   1.00 45.08  ? 518 HOH A O   1 
HETATM 834 O O   . HOH F 3 .  ? -11.643 -19.266 -8.481  1.00 51.92  ? 519 HOH A O   1 
HETATM 835 O O   . HOH F 3 .  ? 15.399  6.965   0.198   1.00 45.04  ? 520 HOH A O   1 
HETATM 836 O O   . HOH F 3 .  ? -16.294 -19.628 -8.328  1.00 53.38  ? 521 HOH A O   1 
HETATM 837 O O   . HOH F 3 .  ? -5.091  -16.014 -7.112  1.00 41.40  ? 522 HOH A O   1 
HETATM 838 O O   . HOH F 3 .  ? 8.004   9.140   -6.942  1.00 43.27  ? 523 HOH A O   1 
HETATM 839 O O   . HOH F 3 .  ? 4.723   -5.092  -1.480  1.00 48.45  ? 524 HOH A O   1 
HETATM 840 O O   . HOH F 3 .  ? 19.814  15.796  5.059   1.00 50.28  ? 525 HOH A O   1 
HETATM 841 O O   . HOH F 3 .  ? 13.579  23.162  5.745   1.00 60.38  ? 526 HOH A O   1 
HETATM 842 O O   . HOH F 3 .  ? 0.272   2.283   -4.448  1.00 52.06  ? 527 HOH A O   1 
HETATM 843 O O   . HOH F 3 .  ? -3.023  -5.370  -9.793  1.00 70.84  ? 528 HOH A O   1 
HETATM 844 O O   . HOH F 3 .  ? -16.264 -24.262 -8.604  1.00 59.29  ? 529 HOH A O   1 
HETATM 845 O O   . HOH F 3 .  ? 19.918  11.481  0.597   1.00 58.96  ? 530 HOH A O   1 
HETATM 846 O O   . HOH F 3 .  ? -4.178  -18.543 1.000   1.00 56.59  ? 531 HOH A O   1 
HETATM 847 O O   . HOH F 3 .  ? 12.247  5.199   2.316   1.00 49.43  ? 532 HOH A O   1 
HETATM 848 O O   . HOH F 3 .  ? -19.626 -28.803 -6.670  1.00 58.11  ? 533 HOH A O   1 
HETATM 849 O O   . HOH F 3 .  ? -0.665  -14.228 -3.049  1.00 50.40  ? 534 HOH A O   1 
HETATM 850 O O   . HOH F 3 .  ? 10.988  12.215  4.149   1.00 57.41  ? 535 HOH A O   1 
HETATM 851 O O   . HOH F 3 .  ? -17.342 -35.603 -9.881  1.00 56.89  ? 536 HOH A O   1 
HETATM 852 O O   . HOH F 3 .  ? -4.087  -21.151 1.095   1.00 61.85  ? 537 HOH A O   1 
HETATM 853 O O   . HOH F 3 .  ? -14.774 -35.451 -6.395  1.00 37.88  ? 538 HOH A O   1 
HETATM 854 O O   . HOH F 3 .  ? -21.663 -39.286 -4.783  1.00 51.62  ? 539 HOH A O   1 
HETATM 855 O O   . HOH F 3 .  ? 15.152  2.572   0.503   1.00 54.52  ? 540 HOH A O   1 
HETATM 856 O O   . HOH F 3 .  ? 10.329  8.360   4.718   1.00 51.81  ? 541 HOH A O   1 
HETATM 857 O O   . HOH F 3 .  ? -9.961  -10.914 -5.845  1.00 52.42  ? 542 HOH A O   1 
HETATM 858 O O   . HOH F 3 .  ? -11.005 -12.410 -8.106  1.00 68.53  ? 543 HOH A O   1 
HETATM 859 O O   . HOH F 3 .  ? 8.971   2.786   3.621   1.00 47.15  ? 544 HOH A O   1 
HETATM 860 O O   . HOH F 3 .  ? 4.835   -4.592  -7.490  1.00 47.69  ? 545 HOH A O   1 
HETATM 861 O O   . HOH F 3 .  ? -16.733 -8.779  -0.732  1.00 73.04  ? 546 HOH A O   1 
HETATM 862 O O   . HOH F 3 .  ? 15.436  24.346  -1.021  1.00 73.63  ? 547 HOH A O   1 
HETATM 863 O O   . HOH G 3 .  ? -8.567  -4.634  1.864   1.00 47.93  ? 501 HOH F O   1 
HETATM 864 O O   . HOH G 3 .  ? 7.272   17.600  4.466   1.00 45.71  ? 502 HOH F O   1 
HETATM 865 O O   . HOH G 3 .  ? -2.982  10.572  -1.803  1.00 52.10  ? 503 HOH F O   1 
HETATM 866 O O   . HOH G 3 .  ? 6.692   27.841  1.806   1.00 53.37  ? 504 HOH F O   1 
HETATM 867 O O   . HOH G 3 .  ? 2.780   27.234  -4.519  1.00 64.09  ? 505 HOH F O   1 
HETATM 868 O O   . HOH G 3 .  ? 4.371   28.584  -0.311  1.00 49.17  ? 506 HOH F O   1 
HETATM 869 O O   . HOH G 3 .  ? 4.583   28.869  -3.291  1.00 52.53  ? 507 HOH F O   1 
HETATM 870 O O   . HOH G 3 .  ? 6.083   31.058  -4.637  1.00 47.61  ? 508 HOH F O   1 
HETATM 871 O O   . HOH G 3 .  ? -3.039  3.980   -0.732  1.00 50.90  ? 509 HOH F O   1 
HETATM 872 O O   . HOH G 3 .  ? -10.040 -8.991  1.932   1.00 53.04  ? 510 HOH F O   1 
HETATM 873 O O   . HOH G 3 .  ? 2.379   27.403  0.021   1.00 57.19  ? 511 HOH F O   1 
HETATM 874 O O   . HOH G 3 .  ? -6.333  -6.781  10.782  1.00 63.65  ? 512 HOH F O   1 
HETATM 875 O O   . HOH G 3 .  ? -10.885 -2.579  2.683   1.00 72.68  ? 513 HOH F O   1 
HETATM 876 O O   . HOH G 3 .  ? 3.865   25.012  -5.412  1.00 58.25  ? 514 HOH F O   1 
HETATM 877 O O   . HOH G 3 .  ? 5.421   32.591  -2.089  1.00 57.21  ? 515 HOH F O   1 
HETATM 878 O O   . HOH G 3 .  ? 1.920   22.821  -0.074  1.00 49.01  ? 516 HOH F O   1 
HETATM 879 O O   . HOH G 3 .  ? -2.249  -2.260  8.035   1.00 54.05  ? 517 HOH F O   1 
HETATM 880 O O   . HOH G 3 .  ? 4.188   22.190  6.366   1.00 56.46  ? 518 HOH F O   1 
HETATM 881 O O   . HOH G 3 .  ? 3.687   18.138  -5.279  1.00 57.29  ? 519 HOH F O   1 
HETATM 882 O O   . HOH G 3 .  ? 11.601  21.341  1.419   1.00 56.75  ? 520 HOH F O   1 
HETATM 883 O O   . HOH G 3 .  ? -5.476  2.457   -1.620  1.00 49.97  ? 521 HOH F O   1 
HETATM 884 O O   . HOH G 3 .  ? 5.172   26.133  2.843   1.00 67.31  ? 522 HOH F O   1 
HETATM 885 O O   . HOH G 3 .  ? -4.367  6.283   -2.467  1.00 57.41  ? 523 HOH F O   1 
HETATM 886 O O   . HOH G 3 .  ? 5.892   30.265  3.333   1.00 51.20  ? 524 HOH F O   1 
HETATM 887 O O   . HOH G 3 .  ? 1.033   14.358  -5.232  1.00 63.81  ? 525 HOH F O   1 
HETATM 888 O O   . HOH G 3 .  ? -10.138 -11.017 -0.520  1.00 51.15  ? 526 HOH F O   1 
HETATM 889 O O   . HOH G 3 .  ? 3.045   1.132   3.776   1.00 81.25  ? 527 HOH F O   1 
# 
loop_
_atom_site_anisotrop.id 
_atom_site_anisotrop.type_symbol 
_atom_site_anisotrop.pdbx_label_atom_id 
_atom_site_anisotrop.pdbx_label_alt_id 
_atom_site_anisotrop.pdbx_label_comp_id 
_atom_site_anisotrop.pdbx_label_asym_id 
_atom_site_anisotrop.pdbx_label_seq_id 
_atom_site_anisotrop.pdbx_PDB_ins_code 
_atom_site_anisotrop.U[1][1] 
_atom_site_anisotrop.U[2][2] 
_atom_site_anisotrop.U[3][3] 
_atom_site_anisotrop.U[1][2] 
_atom_site_anisotrop.U[1][3] 
_atom_site_anisotrop.U[2][3] 
_atom_site_anisotrop.pdbx_auth_seq_id 
_atom_site_anisotrop.pdbx_auth_comp_id 
_atom_site_anisotrop.pdbx_auth_asym_id 
_atom_site_anisotrop.pdbx_auth_atom_id 
1   N N   . PRO A 16 ? 0.9323 0.9646 1.0457 -0.1817 0.0872  -0.2537 344 PRO A N   
2   C CA  . PRO A 16 ? 0.8486 0.8403 1.0557 -0.1645 0.1132  -0.2595 344 PRO A CA  
3   C C   . PRO A 16 ? 0.7975 0.7817 1.0178 -0.1165 0.1208  -0.2370 344 PRO A C   
4   O O   . PRO A 16 ? 0.7982 0.7355 0.9841 -0.1126 0.1487  -0.2581 344 PRO A O   
5   C CB  . PRO A 16 ? 0.8494 0.7617 1.0520 -0.2008 0.1589  -0.3168 344 PRO A CB  
6   C CG  . PRO A 16 ? 0.9426 0.8606 1.0455 -0.2474 0.1497  -0.3459 344 PRO A CG  
7   C CD  . PRO A 16 ? 0.9889 0.9737 1.0260 -0.2250 0.1107  -0.3032 344 PRO A CD  
8   N N   . ARG A 17 ? 0.5823 0.6107 0.8495 -0.0829 0.0982  -0.1964 345 ARG A N   
9   C CA  . ARG A 17 ? 0.5524 0.5801 0.8192 -0.0419 0.0996  -0.1769 345 ARG A CA  
10  C C   . ARG A 17 ? 0.4666 0.4968 0.8183 -0.0231 0.0988  -0.1603 345 ARG A C   
11  O O   . ARG A 17 ? 0.4363 0.4999 0.8384 -0.0272 0.0838  -0.1407 345 ARG A O   
12  C CB  . ARG A 17 ? 0.5590 0.6437 0.7804 -0.0175 0.0723  -0.1406 345 ARG A CB  
13  C CG  . ARG A 17 ? 0.6617 0.7632 0.8070 -0.0346 0.0647  -0.1415 345 ARG A CG  
14  C CD  . ARG A 17 ? 0.6459 0.8110 0.7714 -0.0075 0.0399  -0.0955 345 ARG A CD  
15  N NE  . ARG A 17 ? 0.5739 0.7289 0.7082 0.0350  0.0503  -0.0803 345 ARG A NE  
16  C CZ  . ARG A 17 ? 0.5862 0.7245 0.6795 0.0552  0.0641  -0.0752 345 ARG A CZ  
17  N NH1 . ARG A 17 ? 0.6618 0.7984 0.7000 0.0391  0.0672  -0.0774 345 ARG A NH1 
18  N NH2 . ARG A 17 ? 0.5070 0.6312 0.6132 0.0893  0.0753  -0.0675 345 ARG A NH2 
19  N N   . GLY A 18 ? 0.4642 0.4630 0.8347 -0.0048 0.1139  -0.1653 346 GLY A N   
20  C CA  . GLY A 18 ? 0.3765 0.3894 0.8170 0.0133  0.1053  -0.1432 346 GLY A CA  
21  C C   . GLY A 18 ? 0.3418 0.4104 0.7615 0.0390  0.0754  -0.1090 346 GLY A C   
22  O O   . GLY A 18 ? 0.3596 0.4448 0.7149 0.0521  0.0683  -0.1035 346 GLY A O   
23  N N   . SER A 19 ? 0.3281 0.4262 0.8052 0.0469  0.0612  -0.0830 347 SER A N   
24  C CA  . SER A 19 ? 0.2975 0.4472 0.7542 0.0694  0.0379  -0.0512 347 SER A CA  
25  C C   . SER A 19 ? 0.2783 0.4202 0.6844 0.0919  0.0363  -0.0564 347 SER A C   
26  O O   . SER A 19 ? 0.2649 0.4397 0.6355 0.1105  0.0255  -0.0383 347 SER A O   
27  C CB  . SER A 19 ? 0.2634 0.4470 0.7919 0.0694  0.0248  -0.0196 347 SER A CB  
28  O OG  . SER A 19 ? 0.2653 0.4267 0.8463 0.0673  0.0289  -0.0228 347 SER A OG  
29  N N   . HIS A 20 ? 0.3201 0.4157 0.7257 0.0893  0.0513  -0.0824 348 HIS A N   
30  C CA  . HIS A 20 ? 0.3253 0.4058 0.6878 0.1068  0.0533  -0.0924 348 HIS A CA  
31  C C   . HIS A 20 ? 0.3660 0.4003 0.6913 0.1068  0.0774  -0.1174 348 HIS A C   
32  O O   . HIS A 20 ? 0.3553 0.3617 0.6517 0.1119  0.0832  -0.1255 348 HIS A O   
33  C CB  . HIS A 20 ? 0.3331 0.4123 0.7401 0.1050  0.0423  -0.0918 348 HIS A CB  
34  C CG  . HIS A 20 ? 0.3419 0.4735 0.7694 0.1075  0.0164  -0.0611 348 HIS A CG  
35  N ND1 . HIS A 20 ? 0.3498 0.5031 0.8539 0.0957  0.0069  -0.0383 348 HIS A ND1 
36  C CD2 . HIS A 20 ? 0.3641 0.5306 0.7444 0.1215  0.0024  -0.0464 348 HIS A CD2 
37  C CE1 . HIS A 20 ? 0.3427 0.5470 0.8443 0.1020  -0.0154 -0.0073 348 HIS A CE1 
38  N NE2 . HIS A 20 ? 0.3651 0.5771 0.7868 0.1169  -0.0179 -0.0141 348 HIS A NE2 
39  N N   . MET A 21 ? 0.2672 0.3827 0.4288 0.1051  0.0514  -0.0253 349 MET A N   
40  C CA  . MET A 21 ? 0.3260 0.4172 0.4652 0.1075  0.0726  -0.0252 349 MET A CA  
41  C C   . MET A 21 ? 0.3591 0.4248 0.4732 0.1125  0.0806  -0.0212 349 MET A C   
42  O O   . MET A 21 ? 0.3489 0.3990 0.4534 0.1043  0.0967  -0.0271 349 MET A O   
43  C CB  . MET A 21 ? 0.3202 0.3942 0.4422 0.1097  0.0740  -0.0199 349 MET A CB  
44  C CG  . MET A 21 ? 0.3867 0.4213 0.4755 0.1078  0.0995  -0.0185 349 MET A CG  
45  S SD  . MET A 21 ? 0.4375 0.4468 0.4950 0.1081  0.0950  -0.0070 349 MET A SD  
46  C CE  . MET A 21 ? 0.5505 0.5052 0.5510 0.0758  0.1130  -0.0116 349 MET A CE  
47  N N   . GLU A 22 ? 0.2953 0.3516 0.3982 0.1184  0.0665  -0.0135 350 GLU A N   
48  C CA  . GLU A 22 ? 0.3489 0.3790 0.4372 0.1232  0.0730  -0.0106 350 GLU A CA  
49  C C   . GLU A 22 ? 0.3252 0.3660 0.4211 0.1160  0.0822  -0.0212 350 GLU A C   
50  O O   . GLU A 22 ? 0.3435 0.3633 0.4257 0.1068  0.0901  -0.0249 350 GLU A O   
51  C CB  . GLU A 22 ? 0.3488 0.3704 0.4378 0.1262  0.0566  -0.0035 350 GLU A CB  
52  C CG  . GLU A 22 ? 0.4122 0.4038 0.4999 0.1297  0.0611  0.0003  350 GLU A CG  
53  C CD  . GLU A 22 ? 0.4281 0.4101 0.5247 0.1295  0.0449  0.0065  350 GLU A CD  
54  O OE1 . GLU A 22 ? 0.4118 0.4008 0.5055 0.1269  0.0304  0.0113  350 GLU A OE1 
55  O OE2 . GLU A 22 ? 0.4562 0.4227 0.5652 0.1297  0.0480  0.0049  350 GLU A OE2 
56  N N   . GLU A 23 ? 0.2676 0.3392 0.3825 0.1147  0.0781  -0.0249 351 GLU A N   
57  C CA  . GLU A 23 ? 0.2988 0.3761 0.4138 0.1012  0.0828  -0.0327 351 GLU A CA  
58  C C   . GLU A 23 ? 0.2717 0.3479 0.3899 0.0902  0.0915  -0.0375 351 GLU A C   
59  O O   . GLU A 23 ? 0.2792 0.3422 0.3846 0.0807  0.0995  -0.0429 351 GLU A O   
60  C CB  . GLU A 23 ? 0.2772 0.3833 0.4069 0.0947  0.0714  -0.0319 351 GLU A CB  
61  C CG  . GLU A 23 ? 0.2987 0.4040 0.4191 0.0748  0.0746  -0.0379 351 GLU A CG  
62  C CD  . GLU A 23 ? 0.3968 0.5210 0.5190 0.0599  0.0607  -0.0353 351 GLU A CD  
63  O OE1 . GLU A 23 ? 0.3297 0.4708 0.4635 0.0672  0.0479  -0.0295 351 GLU A OE1 
64  O OE2 . GLU A 23 ? 0.3872 0.5075 0.4956 0.0375  0.0609  -0.0382 351 GLU A OE2 
65  N N   . ARG A 24 ? 0.2791 0.3676 0.4169 0.0906  0.0927  -0.0371 352 ARG A N   
66  C CA  . ARG A 24 ? 0.3047 0.3894 0.4517 0.0792  0.1061  -0.0442 352 ARG A CA  
67  C C   . ARG A 24 ? 0.3331 0.3823 0.4432 0.0748  0.1184  -0.0476 352 ARG A C   
68  O O   . ARG A 24 ? 0.3305 0.3702 0.4350 0.0638  0.1285  -0.0541 352 ARG A O   
69  C CB  . ARG A 24 ? 0.2755 0.3789 0.4612 0.0783  0.1105  -0.0465 352 ARG A CB  
70  C CG  . ARG A 24 ? 0.2484 0.3887 0.4850 0.0762  0.0948  -0.0414 352 ARG A CG  
71  C CD  . ARG A 24 ? 0.2512 0.4014 0.5249 0.0682  0.0954  -0.0424 352 ARG A CD  
72  N NE  . ARG A 24 ? 0.2188 0.3964 0.5278 0.0654  0.0708  -0.0313 352 ARG A NE  
73  C CZ  . ARG A 24 ? 0.2338 0.4176 0.5303 0.0718  0.0564  -0.0244 352 ARG A CZ  
74  N NH1 . ARG A 24 ? 0.2303 0.3981 0.4884 0.0819  0.0634  -0.0268 352 ARG A NH1 
75  N NH2 . ARG A 24 ? 0.2150 0.4183 0.5339 0.0657  0.0338  -0.0145 352 ARG A NH2 
76  N N   . LEU A 25 ? 0.3154 0.3423 0.4005 0.0806  0.1151  -0.0414 353 LEU A N   
77  C CA  . LEU A 25 ? 0.3873 0.3767 0.4368 0.0708  0.1198  -0.0402 353 LEU A CA  
78  C C   . LEU A 25 ? 0.4129 0.3920 0.4557 0.0702  0.1166  -0.0400 353 LEU A C   
79  O O   . LEU A 25 ? 0.4257 0.3852 0.4510 0.0582  0.1225  -0.0433 353 LEU A O   
80  C CB  . LEU A 25 ? 0.4052 0.3678 0.4302 0.0723  0.1112  -0.0285 353 LEU A CB  
81  C CG  . LEU A 25 ? 0.3961 0.3583 0.4162 0.0668  0.1189  -0.0306 353 LEU A CG  
82  C CD1 . LEU A 25 ? 0.4738 0.4092 0.4680 0.0689  0.1045  -0.0143 353 LEU A CD1 
83  C CD2 . LEU A 25 ? 0.4715 0.4150 0.4721 0.0436  0.1399  -0.0429 353 LEU A CD2 
84  N N   . ALA A 26 ? 0.3537 0.3448 0.4110 0.0808  0.1092  -0.0376 354 ALA A N   
85  C CA  . ALA A 26 ? 0.3831 0.3641 0.4394 0.0783  0.1116  -0.0410 354 ALA A CA  
86  C C   . ALA A 26 ? 0.3672 0.3601 0.4232 0.0670  0.1203  -0.0505 354 ALA A C   
87  O O   . ALA A 26 ? 0.3817 0.3587 0.4273 0.0596  0.1257  -0.0541 354 ALA A O   
88  C CB  . ALA A 26 ? 0.3484 0.3390 0.4198 0.0871  0.1086  -0.0413 354 ALA A CB  
89  N N   . ARG A 27 ? 0.3689 0.3889 0.4411 0.0649  0.1195  -0.0525 355 ARG A N   
90  C CA  . ARG A 27 ? 0.4012 0.4326 0.4810 0.0526  0.1240  -0.0575 355 ARG A CA  
91  C C   . ARG A 27 ? 0.4107 0.4271 0.4819 0.0455  0.1347  -0.0619 355 ARG A C   
92  O O   . ARG A 27 ? 0.4083 0.4176 0.4710 0.0369  0.1396  -0.0658 355 ARG A O   
93  C CB  . ARG A 27 ? 0.4217 0.4836 0.5334 0.0496  0.1155  -0.0543 355 ARG A CB  
94  C CG  . ARG A 27 ? 0.5548 0.6291 0.6671 0.0394  0.1051  -0.0514 355 ARG A CG  
95  C CD  . ARG A 27 ? 0.6173 0.7141 0.7477 0.0409  0.0897  -0.0446 355 ARG A CD  
96  N NE  . ARG A 27 ? 0.6323 0.7537 0.8069 0.0363  0.0793  -0.0382 355 ARG A NE  
97  C CZ  . ARG A 27 ? 0.5687 0.7140 0.7704 0.0338  0.0610  -0.0297 355 ARG A CZ  
98  N NH1 . ARG A 27 ? 0.4707 0.6377 0.7266 0.0290  0.0517  -0.0236 355 ARG A NH1 
99  N NH2 . ARG A 27 ? 0.6154 0.7625 0.7956 0.0345  0.0521  -0.0277 355 ARG A NH2 
100 N N   . ASN A 28 ? 0.3225 0.3309 0.3912 0.0459  0.1398  -0.0624 356 ASN A N   
101 C CA  . ASN A 28 ? 0.3688 0.3570 0.4210 0.0335  0.1532  -0.0689 356 ASN A CA  
102 C C   . ASN A 28 ? 0.4146 0.3737 0.4328 0.0281  0.1505  -0.0668 356 ASN A C   
103 O O   . ASN A 28 ? 0.4118 0.3605 0.4183 0.0167  0.1585  -0.0726 356 ASN A O   
104 C CB  . ASN A 28 ? 0.3712 0.3475 0.4144 0.0296  0.1603  -0.0701 356 ASN A CB  
105 C CG  . ASN A 28 ? 0.3448 0.3457 0.4306 0.0286  0.1716  -0.0775 356 ASN A CG  
106 O OD1 . ASN A 28 ? 0.3209 0.3482 0.4483 0.0300  0.1702  -0.0788 356 ASN A OD1 
107 N ND2 . ASN A 28 ? 0.3730 0.3617 0.4509 0.0224  0.1832  -0.0820 356 ASN A ND2 
108 N N   . ALA A 29 ? 0.4245 0.3699 0.4328 0.0354  0.1384  -0.0578 357 ALA A N   
109 C CA  . ALA A 29 ? 0.4556 0.3731 0.4461 0.0297  0.1320  -0.0532 357 ALA A CA  
110 C C   . ALA A 29 ? 0.4557 0.3807 0.4545 0.0294  0.1361  -0.0596 357 ALA A C   
111 O O   . ALA A 29 ? 0.4741 0.3844 0.4585 0.0186  0.1384  -0.0620 357 ALA A O   
112 C CB  . ALA A 29 ? 0.4917 0.3947 0.4884 0.0386  0.1175  -0.0410 357 ALA A CB  
113 N N   . LEU A 30 ? 0.4377 0.3838 0.4556 0.0379  0.1369  -0.0622 358 LEU A N   
114 C CA  . LEU A 30 ? 0.4627 0.4134 0.4828 0.0335  0.1425  -0.0688 358 LEU A CA  
115 C C   . LEU A 30 ? 0.4668 0.4254 0.4808 0.0235  0.1484  -0.0734 358 LEU A C   
116 O O   . LEU A 30 ? 0.4605 0.4094 0.4647 0.0168  0.1521  -0.0769 358 LEU A O   
117 C CB  . LEU A 30 ? 0.4344 0.4024 0.4660 0.0363  0.1432  -0.0713 358 LEU A CB  
118 C CG  . LEU A 30 ? 0.5064 0.4649 0.5494 0.0447  0.1429  -0.0709 358 LEU A CG  
119 C CD1 . LEU A 30 ? 0.4985 0.4754 0.5455 0.0433  0.1438  -0.0740 358 LEU A CD1 
120 C CD2 . LEU A 30 ? 0.5569 0.4952 0.6063 0.0411  0.1506  -0.0765 358 LEU A CD2 
121 N N   . GLU A 31 ? 0.3876 0.3633 0.4136 0.0225  0.1497  -0.0731 359 GLU A N   
122 C CA  . GLU A 31 ? 0.4589 0.4423 0.4931 0.0131  0.1559  -0.0766 359 GLU A CA  
123 C C   . GLU A 31 ? 0.4514 0.4127 0.4644 0.0054  0.1640  -0.0812 359 GLU A C   
124 O O   . GLU A 31 ? 0.4376 0.3957 0.4451 -0.0019 0.1680  -0.0843 359 GLU A O   
125 C CB  . GLU A 31 ? 0.4212 0.4250 0.4878 0.0135  0.1569  -0.0758 359 GLU A CB  
126 C CG  . GLU A 31 ? 0.4196 0.4341 0.5149 0.0039  0.1624  -0.0777 359 GLU A CG  
127 C CD  . GLU A 31 ? 0.3983 0.4351 0.5441 0.0043  0.1619  -0.0760 359 GLU A CD  
128 O OE1 . GLU A 31 ? 0.3571 0.3895 0.5104 0.0058  0.1746  -0.0830 359 GLU A OE1 
129 O OE2 . GLU A 31 ? 0.4019 0.4586 0.5811 -0.0001 0.1480  -0.0671 359 GLU A OE2 
130 N N   . ALA A 32 ? 0.4010 0.3445 0.3973 0.0037  0.1650  -0.0807 360 ALA A N   
131 C CA  . ALA A 32 ? 0.4362 0.3535 0.4035 -0.0108 0.1705  -0.0841 360 ALA A CA  
132 C C   . ALA A 32 ? 0.4559 0.3605 0.4093 -0.0128 0.1627  -0.0815 360 ALA A C   
133 O O   . ALA A 32 ? 0.4926 0.3908 0.4346 -0.0228 0.1683  -0.0864 360 ALA A O   
134 C CB  . ALA A 32 ? 0.4722 0.3651 0.4147 -0.0185 0.1673  -0.0799 360 ALA A CB  
135 N N   . SER A 33 ? 0.5047 0.4063 0.4651 -0.0035 0.1516  -0.0749 361 SER A N   
136 C CA  A SER A 33 ? 0.5354 0.4254 0.4955 -0.0049 0.1460  -0.0737 361 SER A CA  
137 C CA  B SER A 33 ? 0.5216 0.4111 0.4811 -0.0053 0.1459  -0.0738 361 SER A CA  
138 C C   . SER A 33 ? 0.5158 0.4207 0.4804 -0.0053 0.1542  -0.0809 361 SER A C   
139 O O   . SER A 33 ? 0.5265 0.4221 0.4799 -0.0129 0.1547  -0.0830 361 SER A O   
140 C CB  A SER A 33 ? 0.5391 0.4236 0.5204 0.0049  0.1379  -0.0681 361 SER A CB  
141 C CB  B SER A 33 ? 0.5312 0.4130 0.5109 0.0038  0.1368  -0.0673 361 SER A CB  
142 O OG  A SER A 33 ? 0.5646 0.4258 0.5413 0.0007  0.1240  -0.0566 361 SER A OG  
143 O OG  B SER A 33 ? 0.5473 0.4186 0.5395 0.0017  0.1347  -0.0683 361 SER A OG  
144 N N   . VAL A 34 ? 0.5015 0.4272 0.4797 0.0001  0.1584  -0.0830 362 VAL A N   
145 C CA  . VAL A 34 ? 0.5132 0.4489 0.4909 -0.0053 0.1629  -0.0865 362 VAL A CA  
146 C C   . VAL A 34 ? 0.5262 0.4651 0.4994 -0.0130 0.1663  -0.0873 362 VAL A C   
147 O O   . VAL A 34 ? 0.5188 0.4533 0.4824 -0.0189 0.1680  -0.0890 362 VAL A O   
148 C CB  . VAL A 34 ? 0.5380 0.4915 0.5264 -0.0054 0.1619  -0.0852 362 VAL A CB  
149 C CG1 . VAL A 34 ? 0.5388 0.4982 0.5210 -0.0181 0.1623  -0.0846 362 VAL A CG1 
150 C CG2 . VAL A 34 ? 0.5236 0.4714 0.5157 -0.0003 0.1635  -0.0879 362 VAL A CG2 
151 N N   . GLU A 35 ? 0.4782 0.4230 0.4613 -0.0136 0.1695  -0.0874 363 GLU A N   
152 C CA  . GLU A 35 ? 0.4745 0.4211 0.4638 -0.0216 0.1772  -0.0904 363 GLU A CA  
153 C C   . GLU A 35 ? 0.5076 0.4324 0.4690 -0.0292 0.1810  -0.0950 363 GLU A C   
154 O O   . GLU A 35 ? 0.5218 0.4452 0.4810 -0.0357 0.1858  -0.0975 363 GLU A O   
155 C CB  . GLU A 35 ? 0.4809 0.4389 0.4994 -0.0223 0.1848  -0.0926 363 GLU A CB  
156 C CG  . GLU A 35 ? 0.4558 0.4373 0.5075 -0.0183 0.1755  -0.0850 363 GLU A CG  
157 C CD  . GLU A 35 ? 0.4653 0.4611 0.5591 -0.0181 0.1811  -0.0862 363 GLU A CD  
158 O OE1 . GLU A 35 ? 0.4650 0.4497 0.5547 -0.0203 0.1960  -0.0955 363 GLU A OE1 
159 O OE2 . GLU A 35 ? 0.4823 0.4982 0.6136 -0.0191 0.1701  -0.0776 363 GLU A OE2 
160 N N   . GLU A 36 ? 0.5085 0.4149 0.4491 -0.0306 0.1760  -0.0939 364 GLU A N   
161 C CA  . GLU A 36 ? 0.5483 0.4313 0.4603 -0.0433 0.1737  -0.0952 364 GLU A CA  
162 C C   . GLU A 36 ? 0.5370 0.4192 0.4473 -0.0408 0.1664  -0.0931 364 GLU A C   
163 O O   . GLU A 36 ? 0.5555 0.4306 0.4514 -0.0495 0.1677  -0.0958 364 GLU A O   
164 C CB  . GLU A 36 ? 0.5966 0.4553 0.4876 -0.0513 0.1638  -0.0896 364 GLU A CB  
165 C CG  . GLU A 36 ? 0.6715 0.5019 0.5299 -0.0713 0.1550  -0.0873 364 GLU A CG  
166 C CD  . GLU A 36 ? 0.8602 0.6786 0.6911 -0.0916 0.1710  -0.0978 364 GLU A CD  
167 O OE1 . GLU A 36 ? 0.8560 0.6872 0.7011 -0.0897 0.1912  -0.1077 364 GLU A OE1 
168 O OE2 . GLU A 36 ? 0.9100 0.7048 0.7085 -0.1120 0.1642  -0.0969 364 GLU A OE2 
169 N N   . ARG A 37 ? 0.5198 0.4087 0.4459 -0.0304 0.1612  -0.0902 365 ARG A N   
170 C CA  . ARG A 37 ? 0.5301 0.4184 0.4587 -0.0296 0.1601  -0.0916 365 ARG A CA  
171 C C   . ARG A 37 ? 0.5457 0.4461 0.4696 -0.0330 0.1672  -0.0942 365 ARG A C   
172 O O   . ARG A 37 ? 0.5341 0.4284 0.4474 -0.0378 0.1664  -0.0954 365 ARG A O   
173 C CB  . ARG A 37 ? 0.5178 0.4098 0.4660 -0.0217 0.1613  -0.0925 365 ARG A CB  
174 C CG  . ARG A 37 ? 0.5510 0.4387 0.5044 -0.0241 0.1663  -0.0978 365 ARG A CG  
175 C CD  . ARG A 37 ? 0.5922 0.4638 0.5510 -0.0278 0.1576  -0.0958 365 ARG A CD  
176 N NE  . ARG A 37 ? 0.6697 0.5380 0.6427 -0.0295 0.1660  -0.1032 365 ARG A NE  
177 C CZ  . ARG A 37 ? 0.6537 0.5115 0.6379 -0.0334 0.1602  -0.1031 365 ARG A CZ  
178 N NH1 . ARG A 37 ? 0.6714 0.5196 0.6489 -0.0385 0.1424  -0.0941 365 ARG A NH1 
179 N NH2 . ARG A 37 ? 0.6054 0.4605 0.6067 -0.0357 0.1725  -0.1125 365 ARG A NH2 
180 N N   . THR A 38 ? 0.5160 0.4322 0.4514 -0.0318 0.1711  -0.0928 366 THR A N   
181 C CA  . THR A 38 ? 0.5304 0.4558 0.4703 -0.0376 0.1732  -0.0904 366 THR A CA  
182 C C   . THR A 38 ? 0.6027 0.5207 0.5356 -0.0430 0.1776  -0.0934 366 THR A C   
183 O O   . THR A 38 ? 0.5801 0.4952 0.5036 -0.0470 0.1767  -0.0922 366 THR A O   
184 C CB  . THR A 38 ? 0.5499 0.4924 0.5164 -0.0381 0.1719  -0.0852 366 THR A CB  
185 O OG1 . THR A 38 ? 0.5375 0.4852 0.5033 -0.0377 0.1669  -0.0823 366 THR A OG1 
186 C CG2 . THR A 38 ? 0.5225 0.4714 0.5051 -0.0467 0.1695  -0.0783 366 THR A CG2 
187 N N   . ARG A 39 ? 0.5349 0.4473 0.4681 -0.0457 0.1841  -0.0981 367 ARG A N   
188 C CA  . ARG A 39 ? 0.5503 0.4509 0.4708 -0.0561 0.1924  -0.1041 367 ARG A CA  
189 C C   . ARG A 39 ? 0.5931 0.4793 0.4841 -0.0606 0.1839  -0.1037 367 ARG A C   
190 O O   . ARG A 39 ? 0.5955 0.4787 0.4788 -0.0663 0.1867  -0.1056 367 ARG A O   
191 C CB  . ARG A 39 ? 0.5603 0.4488 0.4733 -0.0652 0.2033  -0.1120 367 ARG A CB  
192 C CG  . ARG A 39 ? 0.5818 0.4852 0.5331 -0.0621 0.2149  -0.1146 367 ARG A CG  
193 C CD  . ARG A 39 ? 0.6078 0.4951 0.5506 -0.0768 0.2341  -0.1272 367 ARG A CD  
194 N NE  . ARG A 39 ? 0.6411 0.5439 0.6307 -0.0733 0.2469  -0.1310 367 ARG A NE  
195 C CZ  . ARG A 39 ? 0.6359 0.5453 0.6331 -0.0664 0.2428  -0.1281 367 ARG A CZ  
196 N NH1 . ARG A 39 ? 0.6172 0.5173 0.5789 -0.0622 0.2268  -0.1209 367 ARG A NH1 
197 N NH2 . ARG A 39 ? 0.6626 0.5880 0.7096 -0.0639 0.2540  -0.1317 367 ARG A NH2 
198 N N   . ASP A 40 ? 0.5698 0.4465 0.4503 -0.0586 0.1724  -0.1005 368 ASP A N   
199 C CA  . ASP A 40 ? 0.5956 0.4591 0.4599 -0.0638 0.1613  -0.0985 368 ASP A CA  
200 C C   . ASP A 40 ? 0.5829 0.4565 0.4530 -0.0582 0.1618  -0.0981 368 ASP A C   
201 O O   . ASP A 40 ? 0.5932 0.4605 0.4499 -0.0638 0.1578  -0.0984 368 ASP A O   
202 C CB  . ASP A 40 ? 0.6030 0.4549 0.4738 -0.0625 0.1473  -0.0929 368 ASP A CB  
203 C CG  . ASP A 40 ? 0.7122 0.5459 0.5676 -0.0743 0.1410  -0.0894 368 ASP A CG  
204 O OD1 . ASP A 40 ? 0.7638 0.5881 0.5938 -0.0888 0.1488  -0.0943 368 ASP A OD1 
205 O OD2 . ASP A 40 ? 0.7467 0.5724 0.6154 -0.0715 0.1295  -0.0822 368 ASP A OD2 
206 N N   . LEU A 41 ? 0.5625 0.4493 0.4481 -0.0503 0.1660  -0.0968 369 LEU A N   
207 C CA  . LEU A 41 ? 0.5817 0.4721 0.4645 -0.0507 0.1671  -0.0961 369 LEU A CA  
208 C C   . LEU A 41 ? 0.6136 0.5096 0.4923 -0.0553 0.1694  -0.0925 369 LEU A C   
209 O O   . LEU A 41 ? 0.5837 0.4768 0.4510 -0.0585 0.1675  -0.0910 369 LEU A O   
210 C CB  . LEU A 41 ? 0.5695 0.4653 0.4609 -0.0490 0.1712  -0.0964 369 LEU A CB  
211 C CG  . LEU A 41 ? 0.5598 0.4484 0.4640 -0.0448 0.1726  -0.1015 369 LEU A CG  
212 C CD1 . LEU A 41 ? 0.5873 0.4808 0.4958 -0.0465 0.1803  -0.1039 369 LEU A CD1 
213 C CD2 . LEU A 41 ? 0.5496 0.4277 0.4561 -0.0475 0.1736  -0.1062 369 LEU A CD2 
214 N N   . ARG A 42 ? 0.5512 0.4549 0.4459 -0.0559 0.1737  -0.0908 370 ARG A N   
215 C CA  . ARG A 42 ? 0.5753 0.4820 0.4806 -0.0606 0.1770  -0.0877 370 ARG A CA  
216 C C   . ARG A 42 ? 0.6323 0.5277 0.5183 -0.0650 0.1798  -0.0937 370 ARG A C   
217 O O   . ARG A 42 ? 0.6101 0.5047 0.4936 -0.0678 0.1788  -0.0904 370 ARG A O   
218 C CB  . ARG A 42 ? 0.6023 0.5177 0.5426 -0.0613 0.1845  -0.0877 370 ARG A CB  
219 C CG  . ARG A 42 ? 0.6046 0.5328 0.5720 -0.0618 0.1766  -0.0765 370 ARG A CG  
220 C CD  . ARG A 42 ? 0.6151 0.5535 0.6272 -0.0614 0.1832  -0.0773 370 ARG A CD  
221 N NE  . ARG A 42 ? 0.7434 0.6939 0.7817 -0.0646 0.1698  -0.0641 370 ARG A NE  
222 C CZ  . ARG A 42 ? 0.7501 0.7126 0.8234 -0.0626 0.1698  -0.0632 370 ARG A CZ  
223 N NH1 . ARG A 42 ? 0.7679 0.7304 0.8524 -0.0571 0.1860  -0.0762 370 ARG A NH1 
224 N NH2 . ARG A 42 ? 0.7346 0.7068 0.8284 -0.0694 0.1529  -0.0487 370 ARG A NH2 
225 N N   . MET A 43 ? 0.5751 0.4593 0.4446 -0.0687 0.1810  -0.1009 371 MET A N   
226 C CA  . MET A 43 ? 0.5782 0.4484 0.4231 -0.0793 0.1815  -0.1060 371 MET A CA  
227 C C   . MET A 43 ? 0.5837 0.4514 0.4127 -0.0775 0.1680  -0.1016 371 MET A C   
228 O O   . MET A 43 ? 0.6126 0.4768 0.4292 -0.0824 0.1672  -0.1021 371 MET A O   
229 C CB  . MET A 43 ? 0.6255 0.4782 0.4484 -0.0916 0.1807  -0.1115 371 MET A CB  
230 C CG  . MET A 43 ? 0.7192 0.5533 0.5098 -0.1112 0.1828  -0.1178 371 MET A CG  
231 S SD  . MET A 43 ? 1.1905 1.0102 0.9746 -0.1301 0.2086  -0.1323 371 MET A SD  
232 C CE  . MET A 43 ? 1.0546 0.8405 0.7825 -0.1589 0.1938  -0.1317 371 MET A CE  
233 N N   . ALA A 44 ? 0.5584 0.4271 0.3921 -0.0711 0.1592  -0.0986 372 ALA A N   
234 C CA  . ALA A 44 ? 0.5684 0.4345 0.3974 -0.0699 0.1499  -0.0968 372 ALA A CA  
235 C C   . ALA A 44 ? 0.6049 0.4789 0.4315 -0.0673 0.1544  -0.0937 372 ALA A C   
236 O O   . ALA A 44 ? 0.5720 0.4433 0.3865 -0.0696 0.1492  -0.0926 372 ALA A O   
237 C CB  . ALA A 44 ? 0.5558 0.4209 0.4034 -0.0644 0.1466  -0.0972 372 ALA A CB  
238 N N   . ARG A 45 ? 0.5821 0.4644 0.4198 -0.0651 0.1608  -0.0902 373 ARG A N   
239 C CA  . ARG A 45 ? 0.6256 0.5109 0.4600 -0.0681 0.1606  -0.0825 373 ARG A CA  
240 C C   . ARG A 45 ? 0.6111 0.4958 0.4448 -0.0705 0.1603  -0.0792 373 ARG A C   
241 O O   . ARG A 45 ? 0.5867 0.4685 0.4080 -0.0729 0.1557  -0.0739 373 ARG A O   
242 C CB  . ARG A 45 ? 0.5843 0.4758 0.4329 -0.0711 0.1618  -0.0755 373 ARG A CB  
243 C CG  . ARG A 45 ? 0.6619 0.5505 0.5029 -0.0811 0.1557  -0.0628 373 ARG A CG  
244 C CD  . ARG A 45 ? 0.7191 0.6096 0.5690 -0.0912 0.1509  -0.0527 373 ARG A CD  
245 N NE  . ARG A 45 ? 0.6903 0.5914 0.5793 -0.0888 0.1486  -0.0469 373 ARG A NE  
246 C CZ  . ARG A 45 ? 0.7339 0.6400 0.6419 -0.0965 0.1413  -0.0375 373 ARG A CZ  
247 N NH1 . ARG A 45 ? 0.7251 0.6242 0.6072 -0.1103 0.1361  -0.0332 373 ARG A NH1 
248 N NH2 . ARG A 45 ? 0.7342 0.6513 0.6883 -0.0934 0.1405  -0.0335 373 ARG A NH2 
249 N N   . ASP A 46 ? 0.5820 0.4674 0.4293 -0.0716 0.1675  -0.0840 374 ASP A N   
250 C CA  . ASP A 46 ? 0.5996 0.4817 0.4512 -0.0761 0.1732  -0.0853 374 ASP A CA  
251 C C   . ASP A 46 ? 0.6195 0.4931 0.4398 -0.0794 0.1671  -0.0890 374 ASP A C   
252 O O   . ASP A 46 ? 0.6156 0.4884 0.4320 -0.0801 0.1647  -0.0841 374 ASP A O   
253 C CB  . ASP A 46 ? 0.6457 0.5249 0.5132 -0.0815 0.1887  -0.0959 374 ASP A CB  
254 C CG  . ASP A 46 ? 0.7553 0.6296 0.6368 -0.0885 0.2017  -0.1006 374 ASP A CG  
255 O OD1 . ASP A 46 ? 0.7677 0.6489 0.6892 -0.0860 0.2034  -0.0916 374 ASP A OD1 
256 O OD2 . ASP A 46 ? 0.8254 0.6865 0.6800 -0.0993 0.2090  -0.1122 374 ASP A OD2 
257 N N   . ARG A 47 ? 0.6043 0.4706 0.4054 -0.0829 0.1618  -0.0956 375 ARG A N   
258 C CA  . ARG A 47 ? 0.6203 0.4783 0.3959 -0.0892 0.1506  -0.0968 375 ARG A CA  
259 C C   . ARG A 47 ? 0.6132 0.4770 0.3870 -0.0818 0.1419  -0.0897 375 ARG A C   
260 O O   . ARG A 47 ? 0.6026 0.4647 0.3626 -0.0840 0.1370  -0.0878 375 ARG A O   
261 C CB  . ARG A 47 ? 0.6585 0.5057 0.4225 -0.0972 0.1384  -0.0992 375 ARG A CB  
262 C CG  . ARG A 47 ? 0.7469 0.5806 0.4978 -0.1123 0.1449  -0.1058 375 ARG A CG  
263 C CD  . ARG A 47 ? 0.7551 0.5723 0.4910 -0.1262 0.1249  -0.1023 375 ARG A CD  
264 N NE  . ARG A 47 ? 0.8061 0.6073 0.5263 -0.1423 0.1308  -0.1065 375 ARG A NE  
265 C CZ  . ARG A 47 ? 0.9027 0.7035 0.6375 -0.1373 0.1297  -0.1036 375 ARG A CZ  
266 N NH1 . ARG A 47 ? 0.8394 0.6552 0.6071 -0.1171 0.1248  -0.0981 375 ARG A NH1 
267 N NH2 . ARG A 47 ? 0.8968 0.6802 0.6109 -0.1551 0.1356  -0.1075 375 ARG A NH2 
268 N N   . LEU A 48 ? 0.5586 0.4274 0.3434 -0.0752 0.1420  -0.0870 376 LEU A N   
269 C CA  . LEU A 48 ? 0.5911 0.4604 0.3696 -0.0731 0.1381  -0.0834 376 LEU A CA  
270 C C   . LEU A 48 ? 0.5801 0.4506 0.3510 -0.0744 0.1393  -0.0739 376 LEU A C   
271 O O   . LEU A 48 ? 0.5674 0.4355 0.3237 -0.0751 0.1336  -0.0707 376 LEU A O   
272 C CB  . LEU A 48 ? 0.5906 0.4598 0.3799 -0.0716 0.1436  -0.0866 376 LEU A CB  
273 C CG  . LEU A 48 ? 0.6168 0.4818 0.3971 -0.0749 0.1469  -0.0868 376 LEU A CG  
274 C CD1 . LEU A 48 ? 0.6285 0.4918 0.4096 -0.0740 0.1385  -0.0900 376 LEU A CD1 
275 C CD2 . LEU A 48 ? 0.6466 0.5081 0.4385 -0.0775 0.1586  -0.0943 376 LEU A CD2 
276 N N   . GLU A 49 ? 0.5926 0.4659 0.3779 -0.0756 0.1442  -0.0676 377 GLU A N   
277 C CA  . GLU A 49 ? 0.5954 0.4674 0.3849 -0.0791 0.1409  -0.0542 377 GLU A CA  
278 C C   . GLU A 49 ? 0.5794 0.4498 0.3655 -0.0780 0.1400  -0.0554 377 GLU A C   
279 O O   . GLU A 49 ? 0.5821 0.4491 0.3596 -0.0794 0.1331  -0.0452 377 GLU A O   
280 C CB  . GLU A 49 ? 0.5989 0.4746 0.4209 -0.0821 0.1435  -0.0461 377 GLU A CB  
281 C CG  . GLU A 49 ? 0.6690 0.5430 0.4871 -0.0895 0.1391  -0.0383 377 GLU A CG  
282 C CD  . GLU A 49 ? 0.6973 0.5775 0.5532 -0.0925 0.1384  -0.0311 377 GLU A CD  
283 O OE1 . GLU A 49 ? 0.7191 0.6054 0.6091 -0.0873 0.1456  -0.0351 377 GLU A OE1 
284 O OE2 . GLU A 49 ? 0.7180 0.5958 0.5702 -0.1029 0.1318  -0.0224 377 GLU A OE2 
285 N N   . THR A 50 ? 0.5683 0.4384 0.3576 -0.0785 0.1472  -0.0674 378 THR A N   
286 C CA  . THR A 50 ? 0.5668 0.4321 0.3465 -0.0822 0.1489  -0.0716 378 THR A CA  
287 C C   . THR A 50 ? 0.5562 0.4200 0.3058 -0.0814 0.1351  -0.0704 378 THR A C   
288 O O   . THR A 50 ? 0.5515 0.4137 0.2931 -0.0814 0.1309  -0.0649 378 THR A O   
289 C CB  . THR A 50 ? 0.5631 0.4219 0.3396 -0.0913 0.1607  -0.0870 378 THR A CB  
290 O OG1 . THR A 50 ? 0.5912 0.4523 0.4026 -0.0918 0.1763  -0.0896 378 THR A OG1 
291 C CG2 . THR A 50 ? 0.6073 0.4574 0.3682 -0.1009 0.1654  -0.0939 378 THR A CG2 
292 N N   . GLU A 51 ? 0.5597 0.4239 0.2994 -0.0808 0.1277  -0.0748 379 GLU A N   
293 C CA  . GLU A 51 ? 0.5976 0.4617 0.3214 -0.0801 0.1141  -0.0738 379 GLU A CA  
294 C C   . GLU A 51 ? 0.6024 0.4678 0.3204 -0.0759 0.1123  -0.0642 379 GLU A C   
295 O O   . GLU A 51 ? 0.5736 0.4386 0.2771 -0.0755 0.1035  -0.0610 379 GLU A O   
296 C CB  . GLU A 51 ? 0.6047 0.4680 0.3371 -0.0810 0.1075  -0.0796 379 GLU A CB  
297 C CG  . GLU A 51 ? 0.6219 0.4783 0.3508 -0.0911 0.1009  -0.0849 379 GLU A CG  
298 C CD  . GLU A 51 ? 0.7324 0.5859 0.4795 -0.0935 0.0879  -0.0857 379 GLU A CD  
299 O OE1 . GLU A 51 ? 0.7283 0.5851 0.4902 -0.0896 0.0803  -0.0845 379 GLU A OE1 
300 O OE2 . GLU A 51 ? 0.7220 0.5684 0.4735 -0.1003 0.0859  -0.0873 379 GLU A OE2 
301 N N   . ILE A 52 ? 0.5778 0.4422 0.3025 -0.0760 0.1193  -0.0590 380 ILE A N   
302 C CA  . ILE A 52 ? 0.5966 0.4553 0.3066 -0.0799 0.1175  -0.0485 380 ILE A CA  
303 C C   . ILE A 52 ? 0.5994 0.4554 0.3065 -0.0806 0.1113  -0.0344 380 ILE A C   
304 O O   . ILE A 52 ? 0.5996 0.4504 0.2872 -0.0827 0.1041  -0.0259 380 ILE A O   
305 C CB  . ILE A 52 ? 0.5954 0.4489 0.3072 -0.0874 0.1246  -0.0452 380 ILE A CB  
306 C CG1 . ILE A 52 ? 0.5984 0.4519 0.3141 -0.0873 0.1334  -0.0603 380 ILE A CG1 
307 C CG2 . ILE A 52 ? 0.6211 0.4619 0.3092 -0.1002 0.1202  -0.0299 380 ILE A CG2 
308 C CD1 . ILE A 52 ? 0.6185 0.4677 0.3373 -0.0953 0.1429  -0.0614 380 ILE A CD1 
309 N N   . ALA A 53 ? 0.5927 0.4513 0.3241 -0.0795 0.1152  -0.0322 381 ALA A N   
310 C CA  . ALA A 53 ? 0.5730 0.4283 0.3165 -0.0799 0.1116  -0.0199 381 ALA A CA  
311 C C   . ALA A 53 ? 0.5737 0.4298 0.2983 -0.0763 0.1074  -0.0251 381 ALA A C   
312 O O   . ALA A 53 ? 0.5752 0.4269 0.2934 -0.0761 0.0992  -0.0122 381 ALA A O   
313 C CB  . ALA A 53 ? 0.5945 0.4520 0.3804 -0.0805 0.1220  -0.0210 381 ALA A CB  
314 N N   . ASP A 54 ? 0.5296 0.3895 0.2445 -0.0760 0.1103  -0.0418 382 ASP A N   
315 C CA  . ASP A 54 ? 0.5293 0.3890 0.2223 -0.0772 0.1027  -0.0470 382 ASP A CA  
316 C C   . ASP A 54 ? 0.5344 0.3957 0.2071 -0.0734 0.0888  -0.0395 382 ASP A C   
317 O O   . ASP A 54 ? 0.5413 0.4019 0.2002 -0.0717 0.0803  -0.0329 382 ASP A O   
318 C CB  . ASP A 54 ? 0.5444 0.4034 0.2285 -0.0846 0.1027  -0.0626 382 ASP A CB  
319 C CG  . ASP A 54 ? 0.5648 0.4209 0.2242 -0.0930 0.0917  -0.0675 382 ASP A CG  
320 O OD1 . ASP A 54 ? 0.5625 0.4177 0.2134 -0.0918 0.0898  -0.0628 382 ASP A OD1 
321 O OD2 . ASP A 54 ? 0.5791 0.4311 0.2276 -0.1042 0.0841  -0.0757 382 ASP A OD2 
322 N N   . HIS A 55 ? 0.5616 0.4238 0.2340 -0.0729 0.0891  -0.0421 383 HIS A N   
323 C CA  . HIS A 55 ? 0.5833 0.4449 0.2412 -0.0724 0.0824  -0.0396 383 HIS A CA  
324 C C   . HIS A 55 ? 0.5528 0.4058 0.1943 -0.0748 0.0804  -0.0230 383 HIS A C   
325 O O   . HIS A 55 ? 0.5727 0.4246 0.1976 -0.0736 0.0717  -0.0177 383 HIS A O   
326 C CB  . HIS A 55 ? 0.5910 0.4522 0.2601 -0.0743 0.0898  -0.0495 383 HIS A CB  
327 C CG  . HIS A 55 ? 0.6015 0.4599 0.2642 -0.0764 0.0900  -0.0524 383 HIS A CG  
328 N ND1 . HIS A 55 ? 0.5910 0.4557 0.2596 -0.0737 0.0781  -0.0567 383 HIS A ND1 
329 C CD2 . HIS A 55 ? 0.6169 0.4649 0.2685 -0.0845 0.1022  -0.0530 383 HIS A CD2 
330 C CE1 . HIS A 55 ? 0.6100 0.4703 0.2786 -0.0771 0.0850  -0.0608 383 HIS A CE1 
331 N NE2 . HIS A 55 ? 0.6422 0.4904 0.2960 -0.0850 0.1015  -0.0598 383 HIS A NE2 
332 N N   . ARG A 56 ? 0.6239 0.4701 0.2736 -0.0794 0.0850  -0.0123 384 ARG A N   
333 C CA  A ARG A 56 ? 0.6715 0.5047 0.3090 -0.0873 0.0778  0.0090  384 ARG A CA  
334 C CA  B ARG A 56 ? 0.6696 0.5029 0.3073 -0.0872 0.0777  0.0091  384 ARG A CA  
335 C C   . ARG A 56 ? 0.6861 0.5195 0.3283 -0.0816 0.0681  0.0205  384 ARG A C   
336 O O   . ARG A 56 ? 0.6847 0.5098 0.3045 -0.0846 0.0578  0.0342  384 ARG A O   
337 C CB  A ARG A 56 ? 0.6758 0.5013 0.3300 -0.0975 0.0797  0.0204  384 ARG A CB  
338 C CB  B ARG A 56 ? 0.6729 0.4988 0.3287 -0.0969 0.0792  0.0211  384 ARG A CB  
339 C CG  A ARG A 56 ? 0.7226 0.5340 0.3817 -0.1074 0.0655  0.0484  384 ARG A CG  
340 C CG  B ARG A 56 ? 0.6678 0.4769 0.3183 -0.1092 0.0645  0.0493  384 ARG A CG  
341 C CD  A ARG A 56 ? 0.7871 0.5860 0.4565 -0.1253 0.0598  0.0650  384 ARG A CD  
342 C CD  B ARG A 56 ? 0.7676 0.5674 0.4381 -0.1239 0.0599  0.0645  384 ARG A CD  
343 N NE  A ARG A 56 ? 0.8371 0.6411 0.5044 -0.1283 0.0724  0.0487  384 ARG A NE  
344 N NE  B ARG A 56 ? 0.7657 0.5437 0.4275 -0.1430 0.0397  0.0962  384 ARG A NE  
345 C CZ  A ARG A 56 ? 0.8410 0.6335 0.5065 -0.1471 0.0679  0.0599  384 ARG A CZ  
346 C CZ  B ARG A 56 ? 0.8459 0.6080 0.5096 -0.1660 0.0280  0.1156  384 ARG A CZ  
347 N NH1 A ARG A 56 ? 0.8652 0.6393 0.5313 -0.1672 0.0479  0.0897  384 ARG A NH1 
348 N NH1 B ARG A 56 ? 0.8337 0.6024 0.5075 -0.1692 0.0374  0.1040  384 ARG A NH1 
349 N NH2 A ARG A 56 ? 0.7259 0.5239 0.3898 -0.1483 0.0807  0.0434  384 ARG A NH2 
350 N NH2 B ARG A 56 ? 0.8788 0.6291 0.5492 -0.1796 0.0036  0.1409  384 ARG A NH2 
351 N N   . GLN A 57 ? 0.6356 0.4763 0.3059 -0.0756 0.0737  0.0139  385 GLN A N   
352 C CA  . GLN A 57 ? 0.6869 0.5270 0.3639 -0.0712 0.0694  0.0198  385 GLN A CA  
353 C C   . GLN A 57 ? 0.6805 0.5251 0.3231 -0.0670 0.0596  0.0149  385 GLN A C   
354 O O   . GLN A 57 ? 0.7035 0.5434 0.3348 -0.0650 0.0491  0.0288  385 GLN A O   
355 C CB  . GLN A 57 ? 0.7288 0.5736 0.4345 -0.0702 0.0841  0.0047  385 GLN A CB  
356 C CG  . GLN A 57 ? 0.8355 0.6762 0.5905 -0.0733 0.0940  0.0117  385 GLN A CG  
357 C CD  . GLN A 57 ? 0.9063 0.7368 0.6890 -0.0749 0.0836  0.0376  385 GLN A CD  
358 O OE1 . GLN A 57 ? 0.9384 0.7610 0.7326 -0.0817 0.0717  0.0588  385 GLN A OE1 
359 N NE2 . GLN A 57 ? 0.8465 0.6748 0.6399 -0.0716 0.0860  0.0376  385 GLN A NE2 
360 N N   . THR A 58 ? 0.6005 0.4538 0.2313 -0.0662 0.0607  -0.0030 386 THR A N   
361 C CA  . THR A 58 ? 0.5810 0.4507 0.2157 -0.0590 0.0452  -0.0072 386 THR A CA  
362 C C   . THR A 58 ? 0.5643 0.4385 0.2014 -0.0547 0.0361  0.0036  386 THR A C   
363 O O   . THR A 58 ? 0.5422 0.4282 0.1885 -0.0472 0.0243  0.0099  386 THR A O   
364 C CB  . THR A 58 ? 0.5828 0.4595 0.2202 -0.0615 0.0438  -0.0236 386 THR A CB  
365 O OG1 . THR A 58 ? 0.6081 0.4806 0.2443 -0.0690 0.0508  -0.0340 386 THR A OG1 
366 C CG2 . THR A 58 ? 0.5842 0.4748 0.2284 -0.0571 0.0261  -0.0247 386 THR A CG2 
367 N N   . THR A 59 ? 0.6451 0.5971 0.4107 -0.1408 0.0562  0.0804  387 THR A N   
368 C CA  . THR A 59 ? 0.6605 0.6098 0.3846 -0.1537 0.0703  0.0585  387 THR A CA  
369 C C   . THR A 59 ? 0.6287 0.5512 0.3159 -0.1551 0.0286  0.0550  387 THR A C   
370 O O   . THR A 59 ? 0.6194 0.5428 0.3037 -0.1586 0.0298  0.0298  387 THR A O   
371 C CB  . THR A 59 ? 0.7352 0.6787 0.3918 -0.1787 0.0941  0.0643  387 THR A CB  
372 O OG1 . THR A 59 ? 0.8240 0.7352 0.4343 -0.1880 0.0598  0.0863  387 THR A OG1 
373 C CG2 . THR A 59 ? 0.6244 0.6120 0.3531 -0.1618 0.1223  0.0698  387 THR A CG2 
374 N N   . GLU A 60 ? 0.6449 0.5423 0.3026 -0.1541 -0.0080 0.0831  388 GLU A N   
375 C CA  . GLU A 60 ? 0.6853 0.5726 0.3169 -0.1547 -0.0505 0.0934  388 GLU A CA  
376 C C   . GLU A 60 ? 0.6861 0.6025 0.3945 -0.1313 -0.0670 0.0869  388 GLU A C   
377 O O   . GLU A 60 ? 0.6470 0.5711 0.3431 -0.1444 -0.0879 0.0773  388 GLU A O   
378 C CB  . GLU A 60 ? 0.6950 0.5522 0.2935 -0.1488 -0.0802 0.1336  388 GLU A CB  
379 C CG  . GLU A 60 ? 0.7965 0.6341 0.3271 -0.1737 -0.0763 0.1408  388 GLU A CG  
380 C CD  . GLU A 60 ? 0.9337 0.7461 0.4704 -0.1559 -0.0942 0.1703  388 GLU A CD  
381 O OE1 . GLU A 60 ? 0.9858 0.7908 0.5649 -0.1235 -0.1080 0.1851  388 GLU A OE1 
382 O OE2 . GLU A 60 ? 1.0227 0.8237 0.5235 -0.1712 -0.0906 0.1785  388 GLU A OE2 
383 N N   . LYS A 61 ? 0.5360 0.4706 0.3198 -0.1009 -0.0596 0.0938  389 LYS A N   
384 C CA  . LYS A 61 ? 0.5619 0.5342 0.4272 -0.0763 -0.0732 0.0936  389 LYS A CA  
385 C C   . LYS A 61 ? 0.5387 0.5311 0.4377 -0.0872 -0.0497 0.0597  389 LYS A C   
386 O O   . LYS A 61 ? 0.5492 0.5569 0.4750 -0.0896 -0.0717 0.0559  389 LYS A O   
387 C CB  . LYS A 61 ? 0.5550 0.5442 0.4860 -0.0397 -0.0681 0.1096  389 LYS A CB  
388 C CG  . LYS A 61 ? 0.5895 0.5464 0.4894 -0.0198 -0.0933 0.1436  389 LYS A CG  
389 C CD  . LYS A 61 ? 0.5163 0.4831 0.4717 0.0207  -0.0890 0.1557  389 LYS A CD  
390 C CE  . LYS A 61 ? 0.6255 0.5426 0.5355 0.0438  -0.0933 0.1673  389 LYS A CE  
391 N NZ  . LYS A 61 ? 0.8193 0.7160 0.7395 0.0707  -0.0757 0.1541  389 LYS A NZ  
392 N N   . LEU A 62 ? 0.5005 0.4918 0.3970 -0.0952 -0.0051 0.0387  390 LEU A N   
393 C CA  . LEU A 62 ? 0.4504 0.4494 0.3750 -0.1002 0.0251  0.0074  390 LEU A CA  
394 C C   . LEU A 62 ? 0.5411 0.4995 0.3842 -0.1312 0.0142  -0.0168 390 LEU A C   
395 O O   . LEU A 62 ? 0.5907 0.5401 0.4515 -0.1378 0.0155  -0.0408 390 LEU A O   
396 C CB  . LEU A 62 ? 0.5041 0.5166 0.4415 -0.0979 0.0800  -0.0005 390 LEU A CB  
397 C CG  . LEU A 62 ? 0.3938 0.4572 0.4208 -0.0736 0.0942  0.0194  390 LEU A CG  
398 C CD1 . LEU A 62 ? 0.4177 0.5062 0.4538 -0.0781 0.1452  0.0209  390 LEU A CD1 
399 C CD2 . LEU A 62 ? 0.3669 0.4635 0.4869 -0.0513 0.0891  0.0155  390 LEU A CD2 
400 N N   . GLN A 63 ? 0.5925 0.5234 0.3420 -0.1534 0.0024  -0.0106 391 GLN A N   
401 C CA  . GLN A 63 ? 0.7259 0.6220 0.3844 -0.1877 -0.0131 -0.0316 391 GLN A CA  
402 C C   . GLN A 63 ? 0.7300 0.6353 0.4032 -0.1978 -0.0682 -0.0209 391 GLN A C   
403 O O   . GLN A 63 ? 0.7672 0.6492 0.4051 -0.2254 -0.0780 -0.0488 391 GLN A O   
404 C CB  . GLN A 63 ? 0.7577 0.6357 0.3190 -0.2082 -0.0166 -0.0178 391 GLN A CB  
405 C CG  . GLN A 63 ? 0.7836 0.6523 0.3085 -0.2108 0.0401  -0.0343 391 GLN A CG  
406 C CD  . GLN A 63 ? 1.0812 0.9460 0.5365 -0.2259 0.0369  -0.0071 391 GLN A CD  
407 O OE1 . GLN A 63 ? 1.1360 0.9964 0.5610 -0.2354 -0.0071 0.0213  391 GLN A OE1 
408 N NE2 . GLN A 63 ? 0.9475 0.8187 0.3818 -0.2272 0.0848  -0.0096 391 GLN A NE2 
409 N N   . ALA A 64 ? 0.6715 0.6105 0.3984 -0.1753 -0.1021 0.0206  392 ALA A N   
410 C CA  . ALA A 64 ? 0.6859 0.6515 0.4346 -0.1809 -0.1559 0.0468  392 ALA A CA  
411 C C   . ALA A 64 ? 0.6387 0.6228 0.4635 -0.1783 -0.1581 0.0308  392 ALA A C   
412 O O   . ALA A 64 ? 0.7521 0.7467 0.5723 -0.2045 -0.1984 0.0368  392 ALA A O   
413 C CB  . ALA A 64 ? 0.7378 0.7337 0.5306 -0.1455 -0.1800 0.0982  392 ALA A CB  
414 N N   . VAL A 65 ? 0.5972 0.5898 0.4941 -0.1505 -0.1170 0.0153  393 VAL A N   
415 C CA  . VAL A 65 ? 0.6087 0.6224 0.5903 -0.1447 -0.1172 0.0063  393 VAL A CA  
416 C C   . VAL A 65 ? 0.8283 0.7918 0.7821 -0.1682 -0.0824 -0.0437 393 VAL A C   
417 O O   . VAL A 65 ? 0.8392 0.8074 0.8573 -0.1679 -0.0816 -0.0526 393 VAL A O   
418 C CB  . VAL A 65 ? 0.5854 0.6514 0.6799 -0.0977 -0.0983 0.0274  393 VAL A CB  
419 C CG1 . VAL A 65 ? 0.5834 0.6873 0.7015 -0.0702 -0.1305 0.0736  393 VAL A CG1 
420 C CG2 . VAL A 65 ? 0.4722 0.5288 0.5701 -0.0829 -0.0422 0.0089  393 VAL A CG2 
421 N N   . GLN A 66 ? 0.9512 0.8634 0.8074 -0.1872 -0.0523 -0.0741 394 GLN A N   
422 C CA  . GLN A 66 ? 1.1451 0.9987 0.9634 -0.2008 -0.0073 -0.1232 394 GLN A CA  
423 C C   . GLN A 66 ? 1.1982 1.0006 0.9529 -0.2470 -0.0406 -0.1506 394 GLN A C   
424 O O   . GLN A 66 ? 1.4405 1.1876 1.1874 -0.2563 -0.0116 -0.1899 394 GLN A O   
425 C CB  . GLN A 66 ? 1.2997 1.1223 1.0330 -0.2014 0.0401  -0.1422 394 GLN A CB  
426 C CG  . GLN A 66 ? 1.2757 1.0609 1.0122 -0.1871 0.1097  -0.1782 394 GLN A CG  
427 C CD  . GLN A 66 ? 1.3184 1.1194 1.0323 -0.1681 0.1620  -0.1709 394 GLN A CD  
428 O OE1 . GLN A 66 ? 1.1641 0.9662 0.8019 -0.1835 0.1494  -0.1598 394 GLN A OE1 
429 N NE2 . GLN A 66 ? 1.2220 1.0429 1.0077 -0.1357 0.2199  -0.1702 394 GLN A NE2 
430 N N   . GLN A 67 ? 1.1329 0.9538 0.8441 -0.2766 -0.1021 -0.1262 395 GLN A N   
431 C CA  . GLN A 67 ? 1.3628 1.1556 1.0267 -0.3282 -0.1497 -0.1389 395 GLN A CA  
432 C C   . GLN A 67 ? 1.4440 1.3127 1.1552 -0.3355 -0.2207 -0.0793 395 GLN A C   
433 O O   . GLN A 67 ? 1.2926 1.2251 1.0786 -0.2926 -0.2258 -0.0336 395 GLN A O   
434 C CB  . GLN A 67 ? 1.4513 1.1729 0.9584 -0.3760 -0.1460 -0.1806 395 GLN A CB  
435 N N   . MET B 21 ? 1.6100 0.9616 1.0152 -0.3179 -0.2927 0.1507  349 MET F N   
436 C CA  . MET B 21 ? 1.5011 0.8775 0.8528 -0.3462 -0.2773 0.1725  349 MET F CA  
437 C C   . MET B 21 ? 1.3556 0.7724 0.6807 -0.3448 -0.2573 0.1735  349 MET F C   
438 O O   . MET B 21 ? 1.2888 0.7301 0.6361 -0.3212 -0.2383 0.1483  349 MET F O   
439 C CB  . MET B 21 ? 1.4197 0.8154 0.7682 -0.3488 -0.2503 0.1579  349 MET F CB  
440 C CG  . MET B 21 ? 1.2654 0.6835 0.5753 -0.3787 -0.2393 0.1788  349 MET F CG  
441 S SD  . MET B 21 ? 2.1056 1.5186 1.4219 -0.3845 -0.2278 0.1673  349 MET F SD  
442 C CE  . MET B 21 ? 1.3181 0.8079 0.6255 -0.3842 -0.1829 0.1498  349 MET F CE  
443 N N   . GLU B 22 ? 1.2507 0.6933 0.5577 -0.3618 -0.2551 0.1882  350 GLU F N   
444 C CA  . GLU B 22 ? 1.2363 0.7241 0.5449 -0.3535 -0.2354 0.1804  350 GLU F CA  
445 C C   . GLU B 22 ? 1.2486 0.7918 0.5693 -0.3394 -0.1925 0.1553  350 GLU F C   
446 O O   . GLU B 22 ? 1.1525 0.7156 0.4814 -0.3223 -0.1813 0.1431  350 GLU F O   
447 C CB  . GLU B 22 ? 1.4110 0.9192 0.7132 -0.3695 -0.2347 0.1939  350 GLU F CB  
448 C CG  . GLU B 22 ? 1.4900 1.0171 0.7908 -0.3606 -0.2311 0.1930  350 GLU F CG  
449 C CD  . GLU B 22 ? 1.8105 1.2852 1.1018 -0.3632 -0.2739 0.2100  350 GLU F CD  
450 O OE1 . GLU B 22 ? 1.8824 1.3078 1.1789 -0.3620 -0.3056 0.2167  350 GLU F OE1 
451 O OE2 . GLU B 22 ? 1.8663 1.3467 1.1477 -0.3647 -0.2779 0.2163  350 GLU F OE2 
452 N N   . GLU B 23 ? 1.1758 0.7440 0.5020 -0.3455 -0.1707 0.1474  351 GLU F N   
453 C CA  . GLU B 23 ? 1.1728 0.7930 0.5199 -0.3296 -0.1333 0.1235  351 GLU F CA  
454 C C   . GLU B 23 ? 1.2308 0.8372 0.5773 -0.3118 -0.1267 0.1050  351 GLU F C   
455 O O   . GLU B 23 ? 1.0060 0.6505 0.3737 -0.2924 -0.1021 0.0863  351 GLU F O   
456 C CB  . GLU B 23 ? 1.1801 0.8253 0.5354 -0.3396 -0.1170 0.1198  351 GLU F CB  
457 C CG  . GLU B 23 ? 1.4277 1.0852 0.7787 -0.3589 -0.1223 0.1374  351 GLU F CG  
458 C CD  . GLU B 23 ? 1.5379 1.1658 0.8755 -0.3814 -0.1390 0.1513  351 GLU F CD  
459 O OE1 . GLU B 23 ? 1.4722 1.0594 0.7937 -0.3956 -0.1684 0.1720  351 GLU F OE1 
460 O OE2 . GLU B 23 ? 1.5836 1.2275 0.9291 -0.3845 -0.1252 0.1420  351 GLU F OE2 
461 N N   . ARG B 24 ? 1.0691 0.6186 0.3920 -0.3166 -0.1498 0.1103  352 ARG F N   
462 C CA  . ARG B 24 ? 1.0930 0.6331 0.4353 -0.2926 -0.1413 0.0837  352 ARG F CA  
463 C C   . ARG B 24 ? 1.0825 0.6277 0.4468 -0.2744 -0.1457 0.0769  352 ARG F C   
464 O O   . ARG B 24 ? 1.0055 0.5739 0.3850 -0.2555 -0.1227 0.0535  352 ARG F O   
465 C CB  . ARG B 24 ? 1.1315 0.6304 0.5059 -0.2855 -0.1575 0.0756  352 ARG F CB  
466 C CG  . ARG B 24 ? 1.2187 0.7172 0.5809 -0.2933 -0.1448 0.0683  352 ARG F CG  
467 C CD  . ARG B 24 ? 1.1520 0.6034 0.5406 -0.2903 -0.1683 0.0658  352 ARG F CD  
468 N NE  . ARG B 24 ? 1.2304 0.6668 0.6586 -0.2607 -0.1649 0.0379  352 ARG F NE  
469 C CZ  . ARG B 24 ? 1.2601 0.6557 0.7232 -0.2502 -0.1890 0.0329  352 ARG F CZ  
470 N NH1 . ARG B 24 ? 1.4387 0.8003 0.9005 -0.2672 -0.2218 0.0553  352 ARG F NH1 
471 N NH2 . ARG B 24 ? 1.3075 0.6964 0.8078 -0.2225 -0.1798 0.0050  352 ARG F NH2 
472 N N   . LEU B 25 ? 1.0901 0.6120 0.4557 -0.2810 -0.1766 0.0979  353 LEU F N   
473 C CA  . LEU B 25 ? 1.0634 0.5882 0.4529 -0.2646 -0.1854 0.0928  353 LEU F CA  
474 C C   . LEU B 25 ? 1.0111 0.5774 0.3686 -0.2663 -0.1646 0.0925  353 LEU F C   
475 O O   . LEU B 25 ? 1.0182 0.6034 0.4005 -0.2472 -0.1523 0.0740  353 LEU F O   
476 C CB  . LEU B 25 ? 1.1699 0.6550 0.5658 -0.2713 -0.2282 0.1157  353 LEU F CB  
477 C CG  . LEU B 25 ? 1.2490 0.6908 0.6918 -0.2620 -0.2536 0.1105  353 LEU F CG  
478 C CD1 . LEU B 25 ? 1.2523 0.6506 0.6767 -0.2817 -0.2957 0.1421  353 LEU F CD1 
479 C CD2 . LEU B 25 ? 1.2786 0.7187 0.7848 -0.2328 -0.2563 0.0859  353 LEU F CD2 
480 N N   . ALA B 26 ? 1.0612 0.6584 0.4106 -0.2790 -0.1517 0.1035  354 ALA F N   
481 C CA  . ALA B 26 ? 1.0462 0.7013 0.4214 -0.2658 -0.1234 0.0922  354 ALA F CA  
482 C C   . ALA B 26 ? 0.9638 0.6551 0.3633 -0.2478 -0.0904 0.0671  354 ALA F C   
483 O O   . ALA B 26 ? 0.9064 0.6263 0.3259 -0.2306 -0.0772 0.0555  354 ALA F O   
484 C CB  . ALA B 26 ? 1.0998 0.7843 0.4815 -0.2754 -0.1145 0.1015  354 ALA F CB  
485 N N   . ARG B 27 ? 0.9570 0.6453 0.3567 -0.2513 -0.0792 0.0597  355 ARG F N   
486 C CA  . ARG B 27 ? 0.9441 0.6582 0.3673 -0.2335 -0.0518 0.0364  355 ARG F CA  
487 C C   . ARG B 27 ? 0.9899 0.6880 0.4078 -0.2204 -0.0502 0.0217  355 ARG F C   
488 O O   . ARG B 27 ? 0.8061 0.5403 0.2538 -0.2019 -0.0307 0.0085  355 ARG F O   
489 C CB  . ARG B 27 ? 0.8605 0.5560 0.2739 -0.2408 -0.0475 0.0310  355 ARG F CB  
490 C CG  . ARG B 27 ? 0.8660 0.5846 0.3060 -0.2204 -0.0214 0.0077  355 ARG F CG  
491 C CD  . ARG B 27 ? 0.8963 0.5809 0.3165 -0.2268 -0.0214 0.0001  355 ARG F CD  
492 N NE  . ARG B 27 ? 0.9615 0.5852 0.3406 -0.2331 -0.0404 -0.0042 355 ARG F NE  
493 C CZ  . ARG B 27 ? 1.0375 0.6181 0.4014 -0.2391 -0.0533 -0.0094 355 ARG F CZ  
494 N NH1 . ARG B 27 ? 1.0261 0.6084 0.3813 -0.2477 -0.0482 -0.0082 355 ARG F NH1 
495 N NH2 . ARG B 27 ? 0.9432 0.4926 0.3439 -0.2262 -0.0689 -0.0145 355 ARG F NH2 
496 N N   . ASN B 28 ? 0.9094 0.5504 0.2902 -0.2291 -0.0746 0.0222  356 ASN F N   
497 C CA  . ASN B 28 ? 0.8649 0.5026 0.2900 -0.2058 -0.0675 0.0003  356 ASN F CA  
498 C C   . ASN B 28 ? 0.9087 0.5646 0.3433 -0.1992 -0.0727 0.0034  356 ASN F C   
499 O O   . ASN B 28 ? 0.8842 0.5563 0.3451 -0.1827 -0.0547 -0.0159 356 ASN F O   
500 C CB  . ASN B 28 ? 0.8943 0.4936 0.3634 -0.1970 -0.0878 -0.0027 356 ASN F CB  
501 C CG  . ASN B 28 ? 1.0325 0.6123 0.4986 -0.1974 -0.0796 -0.0131 356 ASN F CG  
502 O OD1 . ASN B 28 ? 0.9317 0.5233 0.3600 -0.2088 -0.0647 -0.0125 356 ASN F OD1 
503 N ND2 . ASN B 28 ? 1.2057 0.7538 0.7135 -0.1849 -0.0919 -0.0231 356 ASN F ND2 
504 N N   . ALA B 29 ? 0.8747 0.5257 0.2864 -0.2127 -0.0975 0.0276  357 ALA F N   
505 C CA  . ALA B 29 ? 0.9228 0.5862 0.3404 -0.2065 -0.1073 0.0311  357 ALA F CA  
506 C C   . ALA B 29 ? 0.8501 0.5667 0.2799 -0.1961 -0.0741 0.0206  357 ALA F C   
507 O O   . ALA B 29 ? 0.8448 0.5738 0.2861 -0.1847 -0.0689 0.0092  357 ALA F O   
508 C CB  . ALA B 29 ? 0.9994 0.6430 0.3876 -0.2223 -0.1410 0.0598  357 ALA F CB  
509 N N   . LEU B 30 ? 0.8422 0.5949 0.2943 -0.1939 -0.0540 0.0225  358 LEU F N   
510 C CA  . LEU B 30 ? 0.8075 0.6136 0.3011 -0.1740 -0.0295 0.0117  358 LEU F CA  
511 C C   . LEU B 30 ? 0.8012 0.6151 0.3128 -0.1599 -0.0101 -0.0081 358 LEU F C   
512 O O   . LEU B 30 ? 0.7162 0.5541 0.2508 -0.1448 -0.0015 -0.0161 358 LEU F O   
513 C CB  . LEU B 30 ? 0.7524 0.5867 0.2646 -0.1730 -0.0198 0.0159  358 LEU F CB  
514 C CG  . LEU B 30 ? 0.7620 0.6409 0.3129 -0.1521 -0.0038 0.0075  358 LEU F CG  
515 C CD1 . LEU B 30 ? 0.7152 0.6063 0.2691 -0.1462 -0.0072 0.0085  358 LEU F CD1 
516 C CD2 . LEU B 30 ? 0.8212 0.7066 0.3677 -0.1675 -0.0012 0.0131  358 LEU F CD2 
517 N N   . GLU B 31 ? 0.7248 0.5150 0.2247 -0.1647 -0.0039 -0.0159 359 GLU F N   
518 C CA  . GLU B 31 ? 0.7340 0.5250 0.2484 -0.1515 0.0159  -0.0359 359 GLU F CA  
519 C C   . GLU B 31 ? 0.8079 0.5842 0.3148 -0.1476 0.0177  -0.0487 359 GLU F C   
520 O O   . GLU B 31 ? 0.7248 0.5265 0.2620 -0.1320 0.0355  -0.0601 359 GLU F O   
521 C CB  . GLU B 31 ? 0.7855 0.5392 0.2772 -0.1590 0.0187  -0.0439 359 GLU F CB  
522 C CG  . GLU B 31 ? 0.6930 0.4668 0.2020 -0.1581 0.0240  -0.0389 359 GLU F CG  
523 C CD  . GLU B 31 ? 0.8455 0.5754 0.3244 -0.1683 0.0216  -0.0447 359 GLU F CD  
524 O OE1 . GLU B 31 ? 0.8297 0.5101 0.2740 -0.1756 0.0115  -0.0532 359 GLU F OE1 
525 O OE2 . GLU B 31 ? 0.8674 0.6075 0.3575 -0.1672 0.0268  -0.0444 359 GLU F OE2 
526 N N   . ALA B 32 ? 0.7933 0.5242 0.2612 -0.1618 -0.0065 -0.0473 360 ALA F N   
527 C CA  . ALA B 32 ? 0.7733 0.5053 0.2958 -0.1461 -0.0108 -0.0556 360 ALA F CA  
528 C C   . ALA B 32 ? 0.7478 0.5068 0.2604 -0.1454 -0.0110 -0.0525 360 ALA F C   
529 O O   . ALA B 32 ? 0.7759 0.5483 0.3228 -0.1327 0.0029  -0.0669 360 ALA F O   
530 C CB  . ALA B 32 ? 0.8448 0.5480 0.4039 -0.1446 -0.0450 -0.0436 360 ALA F CB  
531 N N   . SER B 33 ? 0.7612 0.5340 0.2476 -0.1546 -0.0255 -0.0321 361 SER F N   
532 C CA  . SER B 33 ? 0.7358 0.5453 0.2455 -0.1442 -0.0253 -0.0266 361 SER F CA  
533 C C   . SER B 33 ? 0.7710 0.6236 0.3233 -0.1247 0.0026  -0.0380 361 SER F C   
534 O O   . SER B 33 ? 0.6689 0.5360 0.2351 -0.1162 0.0056  -0.0441 361 SER F O   
535 C CB  . SER B 33 ? 0.7120 0.5387 0.2246 -0.1459 -0.0373 -0.0066 361 SER F CB  
536 O OG  . SER B 33 ? 0.9449 0.7332 0.4246 -0.1609 -0.0705 0.0089  361 SER F OG  
537 N N   . VAL B 34 ? 0.6524 0.5221 0.2253 -0.1174 0.0163  -0.0383 362 VAL F N   
538 C CA  . VAL B 34 ? 0.6563 0.5576 0.2684 -0.0975 0.0316  -0.0448 362 VAL F CA  
539 C C   . VAL B 34 ? 0.6652 0.5582 0.2838 -0.0934 0.0468  -0.0602 362 VAL F C   
540 O O   . VAL B 34 ? 0.6243 0.5377 0.2670 -0.0803 0.0522  -0.0634 362 VAL F O   
541 C CB  . VAL B 34 ? 0.6543 0.5591 0.2728 -0.1009 0.0366  -0.0418 362 VAL F CB  
542 C CG1 . VAL B 34 ? 0.6378 0.5502 0.2742 -0.0985 0.0495  -0.0493 362 VAL F CG1 
543 C CG2 . VAL B 34 ? 0.6267 0.5383 0.2377 -0.1115 0.0280  -0.0305 362 VAL F CG2 
544 N N   . GLU B 35 ? 0.6088 0.4677 0.2048 -0.1039 0.0545  -0.0714 363 GLU F N   
545 C CA  . GLU B 35 ? 0.6610 0.5093 0.2677 -0.0982 0.0754  -0.0907 363 GLU F CA  
546 C C   . GLU B 35 ? 0.6664 0.5097 0.2716 -0.1007 0.0773  -0.1010 363 GLU F C   
547 O O   . GLU B 35 ? 0.6881 0.5438 0.3204 -0.0914 0.0952  -0.1115 363 GLU F O   
548 C CB  . GLU B 35 ? 0.7254 0.5317 0.3131 -0.1044 0.0861  -0.1071 363 GLU F CB  
549 C CG  . GLU B 35 ? 0.8051 0.6134 0.3937 -0.1024 0.0859  -0.1000 363 GLU F CG  
550 C CD  . GLU B 35 ? 0.7733 0.6165 0.3975 -0.0862 0.0925  -0.0954 363 GLU F CD  
551 O OE1 . GLU B 35 ? 0.9086 0.7484 0.5473 -0.0776 0.1084  -0.1068 363 GLU F OE1 
552 O OE2 . GLU B 35 ? 0.8647 0.7355 0.5026 -0.0813 0.0802  -0.0812 363 GLU F OE2 
553 N N   . GLU B 36 ? 0.6911 0.5132 0.2638 -0.1145 0.0544  -0.0972 364 GLU F N   
554 C CA  . GLU B 36 ? 0.6903 0.5198 0.3012 -0.1084 0.0414  -0.0970 364 GLU F CA  
555 C C   . GLU B 36 ? 0.7044 0.5634 0.2997 -0.1071 0.0476  -0.0955 364 GLU F C   
556 O O   . GLU B 36 ? 0.7355 0.6028 0.3569 -0.1018 0.0592  -0.1079 364 GLU F O   
557 C CB  . GLU B 36 ? 0.7745 0.5890 0.3953 -0.1118 0.0007  -0.0781 364 GLU F CB  
558 C CG  . GLU B 36 ? 0.7736 0.5945 0.4428 -0.1033 -0.0190 -0.0764 364 GLU F CG  
559 C CD  . GLU B 36 ? 1.1644 0.9687 0.8210 -0.1092 -0.0622 -0.0555 364 GLU F CD  
560 O OE1 . GLU B 36 ? 1.3371 1.1497 0.9395 -0.1179 -0.0728 -0.0442 364 GLU F OE1 
561 O OE2 . GLU B 36 ? 1.3022 1.0834 1.0013 -0.1049 -0.0863 -0.0509 364 GLU F OE2 
562 N N   . ARG B 37 ? 0.6400 0.5283 0.2454 -0.0988 0.0357  -0.0736 365 ARG F N   
563 C CA  . ARG B 37 ? 0.6385 0.5609 0.2731 -0.0825 0.0355  -0.0672 365 ARG F CA  
564 C C   . ARG B 37 ? 0.6434 0.5789 0.3076 -0.0698 0.0547  -0.0743 365 ARG F C   
565 O O   . ARG B 37 ? 0.5618 0.5088 0.2402 -0.0629 0.0566  -0.0763 365 ARG F O   
566 C CB  . ARG B 37 ? 0.6389 0.5817 0.2847 -0.0715 0.0252  -0.0518 365 ARG F CB  
567 C CG  . ARG B 37 ? 0.8170 0.7569 0.4440 -0.0773 0.0060  -0.0421 365 ARG F CG  
568 C CD  . ARG B 37 ? 0.7515 0.6955 0.3781 -0.0745 -0.0030 -0.0449 365 ARG F CD  
569 N NE  . ARG B 37 ? 0.6734 0.6356 0.3179 -0.0652 0.0030  -0.0440 365 ARG F NE  
570 C CZ  . ARG B 37 ? 0.7932 0.7619 0.4436 -0.0585 -0.0014 -0.0476 365 ARG F CZ  
571 N NH1 . ARG B 37 ? 0.6943 0.6545 0.3358 -0.0619 -0.0123 -0.0537 365 ARG F NH1 
572 N NH2 . ARG B 37 ? 0.6756 0.6537 0.3338 -0.0589 0.0035  -0.0469 365 ARG F NH2 
573 N N   . THR B 38 ? 0.5577 0.4890 0.2293 -0.0673 0.0655  -0.0766 366 THR F N   
574 C CA  . THR B 38 ? 0.5926 0.5278 0.2837 -0.0614 0.0807  -0.0817 366 THR F CA  
575 C C   . THR B 38 ? 0.6379 0.5670 0.3373 -0.0619 0.0968  -0.0959 366 THR F C   
576 O O   . THR B 38 ? 0.5976 0.5391 0.3141 -0.0550 0.1004  -0.0951 366 THR F O   
577 C CB  . THR B 38 ? 0.5825 0.5046 0.2708 -0.0646 0.0898  -0.0847 366 THR F CB  
578 O OG1 . THR B 38 ? 0.5625 0.4846 0.2419 -0.0732 0.0813  -0.0756 366 THR F OG1 
579 C CG2 . THR B 38 ? 0.6034 0.5216 0.3033 -0.0643 0.1057  -0.0909 366 THR F CG2 
580 N N   . ARG B 39 ? 0.6239 0.5275 0.3100 -0.0740 0.1094  -0.1124 367 ARG F N   
581 C CA  . ARG B 39 ? 0.6422 0.5352 0.3485 -0.0766 0.1340  -0.1352 367 ARG F CA  
582 C C   . ARG B 39 ? 0.6604 0.5652 0.3709 -0.0803 0.1281  -0.1382 367 ARG F C   
583 O O   . ARG B 39 ? 0.6986 0.6142 0.4401 -0.0763 0.1459  -0.1459 367 ARG F O   
584 C CB  . ARG B 39 ? 0.7718 0.6349 0.4922 -0.0800 0.1387  -0.1530 367 ARG F CB  
585 C CG  . ARG B 39 ? 0.8536 0.7232 0.6581 -0.0687 0.1470  -0.1627 367 ARG F CG  
586 C CD  . ARG B 39 ? 1.0284 0.8981 0.8825 -0.0653 0.1066  -0.1504 367 ARG F CD  
587 N NE  . ARG B 39 ? 1.1428 0.9898 1.0004 -0.0651 0.0814  -0.1427 367 ARG F NE  
588 C CZ  . ARG B 39 ? 1.2394 1.0774 1.1068 -0.0669 0.0394  -0.1266 367 ARG F CZ  
589 N NH1 . ARG B 39 ? 1.1066 0.9567 0.9804 -0.0679 0.0183  -0.1178 367 ARG F NH1 
590 N NH2 . ARG B 39 ? 1.2817 1.0954 1.1492 -0.0680 0.0168  -0.1190 367 ARG F NH2 
591 N N   . ASP B 40 ? 0.6231 0.5249 0.3022 -0.0885 0.1004  -0.1307 368 ASP F N   
592 C CA  . ASP B 40 ? 0.6416 0.5572 0.3359 -0.0879 0.0827  -0.1270 368 ASP F CA  
593 C C   . ASP B 40 ? 0.6917 0.6319 0.3875 -0.0789 0.0858  -0.1160 368 ASP F C   
594 O O   . ASP B 40 ? 0.5979 0.5461 0.3082 -0.0806 0.0920  -0.1252 368 ASP F O   
595 C CB  . ASP B 40 ? 0.7336 0.6438 0.4079 -0.0916 0.0416  -0.1096 368 ASP F CB  
596 C CG  . ASP B 40 ? 0.7846 0.6752 0.5009 -0.0882 0.0190  -0.1026 368 ASP F CG  
597 O OD1 . ASP B 40 ? 0.7561 0.6417 0.5332 -0.0801 0.0324  -0.1129 368 ASP F OD1 
598 O OD2 . ASP B 40 ? 0.8654 0.7444 0.5534 -0.0935 -0.0125 -0.0872 368 ASP F OD2 
599 N N   . LEU B 41 ? 0.5645 0.5170 0.2639 -0.0650 0.0757  -0.0957 369 LEU F N   
600 C CA  . LEU B 41 ? 0.5761 0.5456 0.2932 -0.0495 0.0699  -0.0845 369 LEU F CA  
601 C C   . LEU B 41 ? 0.5960 0.5650 0.3306 -0.0503 0.0899  -0.0912 369 LEU F C   
602 O O   . LEU B 41 ? 0.5658 0.5405 0.3077 -0.0510 0.0913  -0.0915 369 LEU F O   
603 C CB  . LEU B 41 ? 0.5494 0.5199 0.2595 -0.0571 0.0643  -0.0749 369 LEU F CB  
604 C CG  . LEU B 41 ? 0.5102 0.4845 0.2069 -0.0576 0.0467  -0.0668 369 LEU F CG  
605 C CD1 . LEU B 41 ? 0.5284 0.5035 0.2217 -0.0653 0.0458  -0.0608 369 LEU F CD1 
606 C CD2 . LEU B 41 ? 0.5382 0.5208 0.2363 -0.0542 0.0370  -0.0652 369 LEU F CD2 
607 N N   . ARG B 42 ? 0.5052 0.4660 0.2459 -0.0505 0.1051  -0.0968 370 ARG F N   
608 C CA  . ARG B 42 ? 0.6170 0.5744 0.3741 -0.0517 0.1258  -0.1037 370 ARG F CA  
609 C C   . ARG B 42 ? 0.6410 0.5977 0.4160 -0.0602 0.1463  -0.1198 370 ARG F C   
610 O O   . ARG B 42 ? 0.6068 0.5687 0.3951 -0.0595 0.1542  -0.1193 370 ARG F O   
611 C CB  . ARG B 42 ? 0.5931 0.5377 0.3506 -0.0525 0.1391  -0.1086 370 ARG F CB  
612 C CG  . ARG B 42 ? 0.5766 0.5129 0.3155 -0.0602 0.1303  -0.1007 370 ARG F CG  
613 C CD  . ARG B 42 ? 0.6475 0.5682 0.3813 -0.0612 0.1405  -0.1050 370 ARG F CD  
614 N NE  . ARG B 42 ? 0.6813 0.5949 0.4001 -0.0686 0.1318  -0.0980 370 ARG F NE  
615 C CZ  . ARG B 42 ? 0.7348 0.6346 0.4431 -0.0708 0.1343  -0.0989 370 ARG F CZ  
616 N NH1 . ARG B 42 ? 0.8198 0.7106 0.5296 -0.0658 0.1447  -0.1064 370 ARG F NH1 
617 N NH2 . ARG B 42 ? 0.7980 0.6929 0.4961 -0.0769 0.1264  -0.0935 370 ARG F NH2 
618 N N   . MET B 43 ? 0.5665 0.5163 0.3466 -0.0693 0.1561  -0.1373 371 MET F N   
619 C CA  . MET B 43 ? 0.5970 0.5505 0.4160 -0.0752 0.1787  -0.1608 371 MET F CA  
620 C C   . MET B 43 ? 0.5549 0.5224 0.3650 -0.0786 0.1635  -0.1562 371 MET F C   
621 O O   . MET B 43 ? 0.5899 0.5670 0.4350 -0.0800 0.1820  -0.1646 371 MET F O   
622 C CB  . MET B 43 ? 0.5979 0.5456 0.4635 -0.0714 0.1589  -0.1629 371 MET F CB  
623 C CG  . MET B 43 ? 0.6271 0.5607 0.5212 -0.0658 0.1767  -0.1720 371 MET F CG  
624 S SD  . MET B 43 ? 1.3790 1.2990 1.3117 -0.0602 0.1344  -0.1620 371 MET F SD  
625 C CE  . MET B 43 ? 0.9298 0.8644 0.9577 -0.0527 0.1113  -0.1599 371 MET F CE  
626 N N   . ALA B 44 ? 0.5326 0.5017 0.3014 -0.0786 0.1294  -0.1415 372 ALA F N   
627 C CA  . ALA B 44 ? 0.5746 0.5551 0.3322 -0.0786 0.1083  -0.1347 372 ALA F CA  
628 C C   . ALA B 44 ? 0.5904 0.5772 0.3571 -0.0691 0.1108  -0.1197 372 ALA F C   
629 O O   . ALA B 44 ? 0.5490 0.5425 0.3250 -0.0737 0.1138  -0.1257 372 ALA F O   
630 C CB  . ALA B 44 ? 0.5436 0.5235 0.2690 -0.0728 0.0722  -0.1167 372 ALA F CB  
631 N N   . ARG B 45 ? 0.5380 0.5217 0.3022 -0.0566 0.1067  -0.1041 373 ARG F N   
632 C CA  . ARG B 45 ? 0.5239 0.5070 0.2921 -0.0563 0.1102  -0.0979 373 ARG F CA  
633 C C   . ARG B 45 ? 0.6019 0.5844 0.3902 -0.0576 0.1327  -0.1056 373 ARG F C   
634 O O   . ARG B 45 ? 0.5626 0.5474 0.3543 -0.0610 0.1343  -0.1054 373 ARG F O   
635 C CB  . ARG B 45 ? 0.4941 0.4675 0.2522 -0.0625 0.1111  -0.0936 373 ARG F CB  
636 C CG  . ARG B 45 ? 0.5953 0.5601 0.3509 -0.0702 0.1181  -0.0934 373 ARG F CG  
637 C CD  . ARG B 45 ? 0.6238 0.5740 0.3702 -0.0750 0.1239  -0.0933 373 ARG F CD  
638 N NE  . ARG B 45 ? 0.6430 0.5860 0.3960 -0.0729 0.1408  -0.0997 373 ARG F NE  
639 C CZ  . ARG B 45 ? 0.6783 0.6086 0.4237 -0.0743 0.1465  -0.1010 373 ARG F CZ  
640 N NH1 . ARG B 45 ? 0.5993 0.5226 0.3306 -0.0783 0.1371  -0.0962 373 ARG F NH1 
641 N NH2 . ARG B 45 ? 0.5995 0.5248 0.3541 -0.0709 0.1627  -0.1081 373 ARG F NH2 
642 N N   . ASP B 46 ? 0.5368 0.5127 0.3401 -0.0633 0.1564  -0.1168 374 ASP F N   
643 C CA  . ASP B 46 ? 0.5464 0.5192 0.3774 -0.0699 0.1863  -0.1274 374 ASP F CA  
644 C C   . ASP B 46 ? 0.5512 0.5342 0.4096 -0.0797 0.1998  -0.1402 374 ASP F C   
645 O O   . ASP B 46 ? 0.5539 0.5374 0.4245 -0.0839 0.2115  -0.1401 374 ASP F O   
646 C CB  . ASP B 46 ? 0.6569 0.6223 0.5119 -0.0707 0.2106  -0.1396 374 ASP F CB  
647 C CG  . ASP B 46 ? 0.7389 0.6942 0.5699 -0.0630 0.2021  -0.1296 374 ASP F CG  
648 O OD1 . ASP B 46 ? 0.6173 0.5680 0.4207 -0.0639 0.1847  -0.1185 374 ASP F OD1 
649 O OD2 . ASP B 46 ? 0.7163 0.6632 0.5610 -0.0626 0.2192  -0.1388 374 ASP F OD2 
650 N N   . ARG B 47 ? 0.5175 0.5092 0.3876 -0.0835 0.1975  -0.1537 375 ARG F N   
651 C CA  . ARG B 47 ? 0.5534 0.5613 0.4686 -0.0897 0.2065  -0.1703 375 ARG F CA  
652 C C   . ARG B 47 ? 0.5640 0.5755 0.4423 -0.0943 0.1886  -0.1635 375 ARG F C   
653 O O   . ARG B 47 ? 0.5329 0.5532 0.4514 -0.0983 0.1965  -0.1655 375 ARG F O   
654 C CB  . ARG B 47 ? 0.6853 0.6959 0.6376 -0.0819 0.1645  -0.1623 375 ARG F CB  
655 N N   . LEU B 48 ? 0.5234 0.5285 0.3480 -0.0875 0.1521  -0.1437 376 LEU F N   
656 C CA  . LEU B 48 ? 0.5450 0.5525 0.3476 -0.0850 0.1283  -0.1329 376 LEU F CA  
657 C C   . LEU B 48 ? 0.5668 0.5676 0.3723 -0.0826 0.1380  -0.1227 376 LEU F C   
658 O O   . LEU B 48 ? 0.5284 0.5317 0.3338 -0.0884 0.1367  -0.1248 376 LEU F O   
659 C CB  . LEU B 48 ? 0.5467 0.5511 0.3191 -0.0689 0.0918  -0.1132 376 LEU F CB  
660 C CG  . LEU B 48 ? 0.5706 0.5752 0.3326 -0.0583 0.0681  -0.1023 376 LEU F CG  
661 C CD1 . LEU B 48 ? 0.5350 0.5481 0.2965 -0.0719 0.0591  -0.1178 376 LEU F CD1 
662 C CD2 . LEU B 48 ? 0.5891 0.5919 0.3381 -0.0483 0.0481  -0.0898 376 LEU F CD2 
663 N N   . GLU B 49 ? 0.5425 0.5342 0.3476 -0.0755 0.1450  -0.1140 377 GLU F N   
664 C CA  . GLU B 49 ? 0.5146 0.4979 0.3200 -0.0753 0.1549  -0.1086 377 GLU F CA  
665 C C   . GLU B 49 ? 0.6191 0.6021 0.4512 -0.0912 0.1864  -0.1224 377 GLU F C   
666 O O   . GLU B 49 ? 0.5389 0.5177 0.3654 -0.0961 0.1878  -0.1199 377 GLU F O   
667 C CB  . GLU B 49 ? 0.5932 0.5611 0.3911 -0.0792 0.1658  -0.1088 377 GLU F CB  
668 C CG  . GLU B 49 ? 0.6021 0.5616 0.3752 -0.0816 0.1476  -0.1023 377 GLU F CG  
669 C CD  . GLU B 49 ? 0.6440 0.5879 0.4090 -0.0844 0.1570  -0.1035 377 GLU F CD  
670 O OE1 . GLU B 49 ? 0.6108 0.5509 0.3879 -0.0833 0.1761  -0.1094 377 GLU F OE1 
671 O OE2 . GLU B 49 ? 0.6756 0.6116 0.4244 -0.0872 0.1463  -0.0991 377 GLU F OE2 
672 N N   . THR B 50 ? 0.5416 0.5307 0.4125 -0.0976 0.2131  -0.1373 378 THR F N   
673 C CA  . THR B 50 ? 0.5191 0.5155 0.4425 -0.1080 0.2465  -0.1495 378 THR F CA  
674 C C   . THR B 50 ? 0.4907 0.5035 0.4293 -0.1170 0.2431  -0.1573 378 THR F C   
675 O O   . THR B 50 ? 0.5264 0.5401 0.4837 -0.1257 0.2578  -0.1572 378 THR F O   
676 C CB  . THR B 50 ? 0.5943 0.6026 0.5855 -0.1066 0.2737  -0.1632 378 THR F CB  
677 O OG1 . THR B 50 ? 0.5998 0.5915 0.5701 -0.0995 0.2767  -0.1579 378 THR F OG1 
678 C CG2 . THR B 50 ? 0.5399 0.5622 0.6097 -0.1127 0.3045  -0.1702 378 THR F CG2 
679 N N   . GLU B 51 ? 0.4958 0.5209 0.4240 -0.1152 0.2216  -0.1650 379 GLU F N   
680 C CA  . GLU B 51 ? 0.5027 0.5365 0.4549 -0.1147 0.1831  -0.1579 379 GLU F CA  
681 C C   . GLU B 51 ? 0.5598 0.5845 0.4503 -0.1227 0.1820  -0.1574 379 GLU F C   
682 O O   . GLU B 51 ? 0.5084 0.5371 0.4322 -0.1277 0.1740  -0.1535 379 GLU F O   
683 C CB  . GLU B 51 ? 0.4907 0.5266 0.4307 -0.1047 0.1347  -0.1529 379 GLU F CB  
684 C CG  . GLU B 51 ? 0.6670 0.7112 0.6893 -0.0968 0.1187  -0.1503 379 GLU F CG  
685 C CD  . GLU B 51 ? 0.9679 1.0063 0.9590 -0.0884 0.0797  -0.1455 379 GLU F CD  
686 O OE1 . GLU B 51 ? 0.9179 0.9485 0.8255 -0.0891 0.0773  -0.1459 379 GLU F OE1 
687 O OE2 . GLU B 51 ? 1.0145 1.0552 1.0655 -0.0816 0.0512  -0.1413 379 GLU F OE2 
688 N N   . ILE B 52 ? 0.5231 0.5322 0.3539 -0.1138 0.1645  -0.1427 380 ILE F N   
689 C CA  . ILE B 52 ? 0.5935 0.5921 0.3946 -0.1088 0.1440  -0.1280 380 ILE F CA  
690 C C   . ILE B 52 ? 0.6184 0.6058 0.4296 -0.1200 0.1716  -0.1286 380 ILE F C   
691 O O   . ILE B 52 ? 0.5414 0.5261 0.3448 -0.1296 0.1704  -0.1306 380 ILE F O   
692 C CB  . ILE B 52 ? 0.5714 0.5634 0.3514 -0.0850 0.1156  -0.1070 380 ILE F CB  
693 C CG1 . ILE B 52 ? 0.5446 0.5438 0.3157 -0.0720 0.0870  -0.1031 380 ILE F CG1 
694 C CG2 . ILE B 52 ? 0.5800 0.5622 0.3456 -0.0853 0.1074  -0.0994 380 ILE F CG2 
695 C CD1 . ILE B 52 ? 0.5135 0.5101 0.2751 -0.0678 0.0776  -0.0940 380 ILE F CD1 
696 N N   . ALA B 53 ? 0.6197 0.5993 0.4467 -0.1192 0.1951  -0.1272 381 ALA F N   
697 C CA  . ALA B 53 ? 0.6418 0.6080 0.4777 -0.1279 0.2213  -0.1268 381 ALA F CA  
698 C C   . ALA B 53 ? 0.6248 0.6024 0.5070 -0.1452 0.2514  -0.1387 381 ALA F C   
699 O O   . ALA B 53 ? 0.6411 0.6094 0.5184 -0.1557 0.2607  -0.1364 381 ALA F O   
700 C CB  . ALA B 53 ? 0.7069 0.6651 0.5536 -0.1220 0.2389  -0.1255 381 ALA F CB  
701 N N   . ASP B 54 ? 0.5734 0.5766 0.5155 -0.1472 0.2665  -0.1500 382 ASP F N   
702 C CA  . ASP B 54 ? 0.5565 0.5849 0.5859 -0.1593 0.2861  -0.1538 382 ASP F CA  
703 C C   . ASP B 54 ? 0.5610 0.5873 0.5757 -0.1616 0.2441  -0.1467 382 ASP F C   
704 O O   . ASP B 54 ? 0.5349 0.5625 0.5865 -0.1726 0.2507  -0.1412 382 ASP F O   
705 C CB  . ASP B 54 ? 0.5896 0.6397 0.7074 -0.1476 0.2695  -0.1545 382 ASP F CB  
706 C CG  . ASP B 54 ? 0.6558 0.7113 0.8151 -0.1459 0.3141  -0.1625 382 ASP F CG  
707 O OD1 . ASP B 54 ? 0.7174 0.7492 0.8423 -0.1467 0.3344  -0.1586 382 ASP F OD1 
708 O OD2 . ASP B 54 ? 0.6887 0.7564 0.9036 -0.1346 0.2997  -0.1650 382 ASP F OD2 
709 N N   . HIS B 55 ? 0.5199 0.5428 0.4820 -0.1517 0.2017  -0.1470 383 HIS F N   
710 C CA  . HIS B 55 ? 0.5502 0.5700 0.4950 -0.1517 0.1594  -0.1425 383 HIS F CA  
711 C C   . HIS B 55 ? 0.5553 0.5554 0.4419 -0.1645 0.1750  -0.1420 383 HIS F C   
712 O O   . HIS B 55 ? 0.5756 0.5728 0.4799 -0.1711 0.1581  -0.1366 383 HIS F O   
713 C CB  . HIS B 55 ? 0.5111 0.5300 0.4002 -0.1386 0.1168  -0.1451 383 HIS F CB  
714 C CG  . HIS B 55 ? 0.5259 0.5428 0.4027 -0.1355 0.0710  -0.1427 383 HIS F CG  
715 N ND1 . HIS B 55 ? 0.5221 0.5476 0.4717 -0.1341 0.0430  -0.1370 383 HIS F ND1 
716 C CD2 . HIS B 55 ? 0.5817 0.5883 0.3827 -0.1323 0.0466  -0.1467 383 HIS F CD2 
717 C CE1 . HIS B 55 ? 0.5740 0.5926 0.4894 -0.1303 0.0034  -0.1374 383 HIS F CE1 
718 N NE2 . HIS B 55 ? 0.5614 0.5697 0.3873 -0.1288 0.0056  -0.1438 383 HIS F NE2 
719 N N   . ARG B 56 ? 0.6625 0.6457 0.4807 -0.1669 0.2022  -0.1460 384 ARG F N   
720 C CA  . ARG B 56 ? 0.7656 0.7236 0.5482 -0.1684 0.1944  -0.1336 384 ARG F CA  
721 C C   . ARG B 56 ? 0.8078 0.7600 0.6208 -0.1890 0.2358  -0.1348 384 ARG F C   
722 O O   . ARG B 56 ? 0.7907 0.7297 0.5820 -0.2024 0.2346  -0.1321 384 ARG F O   
723 C CB  . ARG B 56 ? 0.7397 0.6841 0.5035 -0.1485 0.1807  -0.1184 384 ARG F CB  
724 C CG  . ARG B 56 ? 0.8413 0.7660 0.5769 -0.1468 0.1699  -0.1084 384 ARG F CG  
725 N N   . GLN B 57 ? 0.7209 0.6836 0.5927 -0.1896 0.2692  -0.1353 385 GLN F N   
726 C CA  . GLN B 57 ? 0.7668 0.7274 0.6838 -0.2036 0.3010  -0.1301 385 GLN F CA  
727 C C   . GLN B 57 ? 0.7327 0.7160 0.7230 -0.2182 0.2918  -0.1252 385 GLN F C   
728 O O   . GLN B 57 ? 0.7228 0.6975 0.7274 -0.2344 0.3042  -0.1173 385 GLN F O   
729 C CB  . GLN B 57 ? 0.9413 0.9046 0.9040 -0.1949 0.3289  -0.1302 385 GLN F CB  
730 C CG  . GLN B 57 ? 0.9377 0.9365 0.9965 -0.1923 0.3405  -0.1352 385 GLN F CG  
731 C CD  . GLN B 57 ? 1.1035 1.1011 1.2037 -0.1857 0.3698  -0.1360 385 GLN F CD  
732 O OE1 . GLN B 57 ? 1.1628 1.1470 1.2602 -0.1920 0.3905  -0.1311 385 GLN F OE1 
733 N NE2 . GLN B 57 ? 1.0248 1.0361 1.1614 -0.1740 0.3721  -0.1428 385 GLN F NE2 
734 N N   . THR B 58 ? 0.6559 0.6590 0.6895 -0.2034 0.2478  -0.1259 386 THR F N   
735 C CA  . THR B 58 ? 0.6196 0.6338 0.7168 -0.2037 0.2075  -0.1184 386 THR F CA  
736 C C   . THR B 58 ? 0.7117 0.7041 0.7431 -0.2086 0.1767  -0.1151 386 THR F C   
737 O O   . THR B 58 ? 0.7242 0.7128 0.7903 -0.2207 0.1699  -0.1067 386 THR F O   
738 C CB  . THR B 58 ? 0.6431 0.6752 0.7808 -0.1850 0.1612  -0.1208 386 THR F CB  
739 O OG1 . THR B 58 ? 0.6458 0.6982 0.8631 -0.1807 0.1836  -0.1231 386 THR F OG1 
740 C CG2 . THR B 58 ? 0.5721 0.6086 0.7588 -0.1839 0.1123  -0.1143 386 THR F CG2 
741 N N   . THR B 59 ? 0.6599 0.6383 0.5995 -0.1993 0.1569  -0.1220 387 THR F N   
742 C CA  . THR B 59 ? 0.6678 0.6259 0.5426 -0.2010 0.1242  -0.1219 387 THR F CA  
743 C C   . THR B 59 ? 0.7433 0.6756 0.5837 -0.2209 0.1544  -0.1164 387 THR F C   
744 O O   . THR B 59 ? 0.7913 0.7110 0.6302 -0.2286 0.1305  -0.1107 387 THR F O   
745 C CB  . THR B 59 ? 0.7468 0.6981 0.5346 -0.1864 0.0998  -0.1322 387 THR F CB  
746 O OG1 . THR B 59 ? 0.8456 0.7859 0.5777 -0.1892 0.1391  -0.1375 387 THR F OG1 
747 C CG2 . THR B 59 ? 0.6547 0.6278 0.4722 -0.1690 0.0685  -0.1354 387 THR F CG2 
748 N N   . GLU B 60 ? 0.7722 0.6940 0.5844 -0.2296 0.2055  -0.1179 388 GLU F N   
749 C CA  . GLU B 60 ? 0.8771 0.7695 0.6495 -0.2500 0.2394  -0.1121 388 GLU F CA  
750 C C   . GLU B 60 ? 0.9290 0.8277 0.7816 -0.2672 0.2565  -0.0996 388 GLU F C   
751 O O   . GLU B 60 ? 0.9743 0.8483 0.8016 -0.2841 0.2593  -0.0912 388 GLU F O   
752 C CB  . GLU B 60 ? 0.9897 0.8676 0.7376 -0.2379 0.2645  -0.1143 388 GLU F CB  
753 C CG  . GLU B 60 ? 1.1677 1.0180 0.8523 -0.2229 0.2320  -0.1108 388 GLU F CG  
754 C CD  . GLU B 60 ? 1.1850 1.0428 0.8758 -0.1984 0.2223  -0.1082 388 GLU F CD  
755 O OE1 . GLU B 60 ? 1.2250 1.0836 0.9384 -0.1965 0.2497  -0.1095 388 GLU F OE1 
756 O OE2 . GLU B 60 ? 1.2349 1.1013 0.9146 -0.1790 0.1869  -0.1026 388 GLU F OE2 
757 N N   . LYS B 61 ? 0.8188 0.7500 0.7705 -0.2638 0.2678  -0.0982 389 LYS F N   
758 C CA  . LYS B 61 ? 0.7812 0.7252 0.8257 -0.2797 0.2842  -0.0870 389 LYS F CA  
759 C C   . LYS B 61 ? 0.7716 0.7182 0.8515 -0.2786 0.2281  -0.0802 389 LYS F C   
760 O O   . LYS B 61 ? 0.8174 0.7575 0.9339 -0.2965 0.2320  -0.0687 389 LYS F O   
761 C CB  . LYS B 61 ? 0.7908 0.7700 0.9358 -0.2740 0.3106  -0.0901 389 LYS F CB  
762 C CG  . LYS B 61 ? 0.8540 0.8553 1.1158 -0.2867 0.3207  -0.0805 389 LYS F CG  
763 C CD  . LYS B 61 ? 0.9819 1.0151 1.3282 -0.2705 0.3382  -0.0859 389 LYS F CD  
764 C CE  . LYS B 61 ? 0.9968 1.0454 1.3563 -0.2529 0.3023  -0.0961 389 LYS F CE  
765 N NZ  . LYS B 61 ? 1.0700 1.1403 1.4821 -0.2412 0.3306  -0.1049 389 LYS F NZ  
766 N N   . LEU B 62 ? 0.7498 0.7044 0.8171 -0.2581 0.1761  -0.0871 390 LEU F N   
767 C CA  . LEU B 62 ? 0.7432 0.6966 0.8302 -0.2529 0.1168  -0.0839 390 LEU F CA  
768 C C   . LEU B 62 ? 0.7264 0.6460 0.7393 -0.2646 0.1048  -0.0798 390 LEU F C   
769 O O   . LEU B 62 ? 0.7375 0.6491 0.7850 -0.2766 0.0868  -0.0701 390 LEU F O   
770 C CB  . LEU B 62 ? 0.8033 0.7641 0.8573 -0.2284 0.0710  -0.0946 390 LEU F CB  
771 C CG  . LEU B 62 ? 0.9021 0.8769 1.0102 -0.2140 0.0141  -0.0950 390 LEU F CG  
772 C CD1 . LEU B 62 ? 0.7443 0.7457 0.9213 -0.2032 0.0209  -0.0975 390 LEU F CD1 
773 C CD2 . LEU B 62 ? 0.9809 0.9431 1.0046 -0.1975 -0.0321 -0.1046 390 LEU F CD2 
774 N N   . GLN B 63 ? 0.8568 0.7551 0.7684 -0.2611 0.1129  -0.0876 391 GLN F N   
775 C CA  . GLN B 63 ? 0.9048 0.7677 0.7345 -0.2686 0.0958  -0.0869 391 GLN F CA  
776 C C   . GLN B 63 ? 1.0059 0.8451 0.8387 -0.2959 0.1309  -0.0731 391 GLN F C   
777 O O   . GLN B 63 ? 1.0993 0.9146 0.9132 -0.3057 0.1041  -0.0664 391 GLN F O   
778 C CB  . GLN B 63 ? 1.0045 0.8515 0.7323 -0.2585 0.1005  -0.0994 391 GLN F CB  
779 N N   . ALA B 64 ? 0.9216 0.7663 0.7788 -0.3085 0.1903  -0.0687 392 ALA F N   
780 C CA  . ALA B 64 ? 0.9435 0.7644 0.7978 -0.3362 0.2305  -0.0553 392 ALA F CA  
781 C C   . ALA B 64 ? 1.0423 0.8779 0.9978 -0.3513 0.2257  -0.0408 392 ALA F C   
782 O O   . ALA B 64 ? 1.0911 0.9015 1.0367 -0.3751 0.2420  -0.0276 392 ALA F O   
783 C CB  . ALA B 64 ? 0.9550 0.7753 0.7944 -0.3402 0.2945  -0.0572 392 ALA F CB  
784 N N   . VAL B 65 ? 0.9561 0.8298 1.0081 -0.3386 0.2027  -0.0427 393 VAL F N   
785 C CA  . VAL B 65 ? 1.0369 0.9249 1.1917 -0.3523 0.1941  -0.0295 393 VAL F CA  
786 C C   . VAL B 65 ? 1.0496 0.9158 1.1865 -0.3536 0.1335  -0.0240 393 VAL F C   
787 O O   . VAL B 65 ? 1.0089 0.8752 1.2118 -0.3699 0.1250  -0.0108 393 VAL F O   
788 C CB  . VAL B 65 ? 0.8993 0.8319 1.1698 -0.3386 0.1845  -0.0333 393 VAL F CB  
789 C CG1 . VAL B 65 ? 1.0154 0.9536 1.2924 -0.3162 0.1112  -0.0398 393 VAL F CG1 
790 C CG2 . VAL B 65 ? 0.8022 0.7527 1.1867 -0.3595 0.2078  -0.0195 393 VAL F CG2 
791 N N   . GLN B 66 ? 1.0012 0.8487 1.0510 -0.3364 0.0916  -0.0350 394 GLN F N   
792 C CA  . GLN B 66 ? 1.0562 0.8827 1.0842 -0.3336 0.0307  -0.0336 394 GLN F CA  
793 C C   . GLN B 66 ? 1.3755 1.1574 1.3310 -0.3554 0.0403  -0.0242 394 GLN F C   
794 O O   . GLN B 66 ? 1.4778 1.2454 1.4695 -0.3747 0.0309  -0.0096 394 GLN F O   
795 C CB  . GLN B 66 ? 1.0187 0.8466 0.9881 -0.3048 -0.0180 -0.0511 394 GLN F CB  
796 N N   . GLN B 67 ? 1.3243 1.0830 1.1783 -0.3525 0.0584  -0.0324 395 GLN F N   
797 C CA  . GLN B 67 ? 1.4272 1.1374 1.1958 -0.3712 0.0681  -0.0255 395 GLN F CA  
798 C C   . GLN B 67 ? 1.3659 1.0640 1.1588 -0.4029 0.1273  -0.0073 395 GLN F C   
799 O O   . GLN B 67 ? 1.4914 1.2161 1.3836 -0.4137 0.1448  0.0033  395 GLN F O   
800 C CB  . GLN B 67 ? 1.4633 1.1546 1.1258 -0.3593 0.0772  -0.0399 395 GLN F CB  
# 
